data_5C8S
#
_entry.id   5C8S
#
_cell.length_a   188.797
_cell.length_b   196.840
_cell.length_c   180.100
_cell.angle_alpha   90.000
_cell.angle_beta   90.000
_cell.angle_gamma   90.000
#
_symmetry.space_group_name_H-M   'C 2 2 21'
#
loop_
_entity.id
_entity.type
_entity.pdbx_description
1 polymer 'Non-structural protein 10'
2 polymer 'Guanine-N7 methyltransferase'
3 non-polymer 'ZINC ION'
4 non-polymer 'MAGNESIUM ION'
5 non-polymer S-ADENOSYL-L-HOMOCYSTEINE
6 non-polymer "GUANOSINE-P3-ADENOSINE-5',5'-TRIPHOSPHATE"
#
loop_
_entity_poly.entity_id
_entity_poly.type
_entity_poly.pdbx_seq_one_letter_code
_entity_poly.pdbx_strand_id
1 'polypeptide(L)'
;GPLGSAGNATEVPANSTVLSFCAFAVDPAKAYKDYLASGGQPITNCVKMLCTHTGTGQAITVTPEANMDQESFGGASCCL
YCRCHIDHPNPKGFCDLKGKYVQIPTTCANDPVGFTLRNTVCTVCGMWKGYGCSCDQLREPLMQ
;
A,C
2 'polypeptide(L)'
;AENVTGLFKDCSKIITGLHPTQAPTHLSVDIKFKTEGLCVDIPGIPKDMTYRRLISMMGFKMNYQVNGYPNMFITREEAI
RHVRAWIGFDVEGCHATRDAVGTNLPLQLGFSTGVNLVAVPTGYVDTENNTEFTRVNAKPPPGDQFKHLIPLMYKGLPWN
VVRIKIVQMLSDTLKGLSDRVVFVLWAHGFELTSMKYFVKIGPERTCCLCDKRATCFSTSSDTYACWNHSVGFDYVYNPF
MIDVQQWGFTGNLQSNHDQHCQVHGNAHVASCDAIMTRCLAVHECFVKRVDWSVEYPIIGDELRVNSACRKVQHMVVKSA
LLADKFPVLHDIGNPKAIKCVPQAEVEWKFYDAQPCSDKAYKIEELFYSYATHHDKFTDGVCLFWNCNVDRYPANAIVCR
FDTRVLSNLNLPGCDGGSLYVNKHAFHTPAFDKSAFTNLKQLPFFYYSDSPCESHGKQVVSDIDYVPLKSATCITRCNLG
GAVCRHHANEYRQYLDAYNMMISAGFSLWIYKQFDTYNLWNTFTRLQ
;
B,D
#
# COMPACT_ATOMS: atom_id res chain seq x y z
N GLY A 4 -4.04 -10.32 -37.24
CA GLY A 4 -5.11 -11.21 -36.80
C GLY A 4 -4.92 -12.67 -37.19
N SER A 5 -4.06 -12.90 -38.19
CA SER A 5 -3.65 -14.23 -38.65
C SER A 5 -4.76 -15.25 -39.02
N ALA A 6 -5.47 -15.07 -40.15
CA ALA A 6 -5.38 -13.93 -41.07
C ALA A 6 -4.06 -13.69 -41.83
N GLY A 7 -3.33 -14.74 -42.19
CA GLY A 7 -2.13 -14.58 -43.02
C GLY A 7 -1.41 -15.90 -43.22
N ASN A 8 -0.34 -15.90 -44.02
CA ASN A 8 0.41 -17.13 -44.30
C ASN A 8 1.85 -17.18 -43.78
N ALA A 9 2.14 -18.21 -43.00
CA ALA A 9 3.39 -18.24 -42.23
C ALA A 9 4.62 -18.63 -43.04
N THR A 10 5.61 -17.75 -43.09
CA THR A 10 6.86 -18.03 -43.78
C THR A 10 7.89 -18.83 -42.97
N GLU A 11 8.01 -18.55 -41.68
CA GLU A 11 9.16 -19.01 -40.90
C GLU A 11 8.86 -19.85 -39.66
N VAL A 12 9.79 -20.77 -39.40
CA VAL A 12 9.79 -21.58 -38.17
C VAL A 12 10.62 -20.92 -37.07
N PRO A 13 10.19 -21.08 -35.80
CA PRO A 13 10.75 -20.57 -34.54
C PRO A 13 12.26 -20.74 -34.38
N ALA A 14 12.81 -21.88 -34.75
CA ALA A 14 14.24 -22.15 -34.56
C ALA A 14 15.15 -21.12 -35.24
N ASN A 15 14.61 -20.36 -36.19
CA ASN A 15 15.34 -19.25 -36.80
C ASN A 15 14.98 -17.85 -36.25
N SER A 16 14.06 -17.80 -35.30
CA SER A 16 13.57 -16.53 -34.79
C SER A 16 14.70 -15.58 -34.32
N THR A 17 15.38 -15.96 -33.24
CA THR A 17 16.42 -15.08 -32.67
C THR A 17 17.47 -14.73 -33.72
N VAL A 18 17.98 -15.74 -34.42
CA VAL A 18 19.02 -15.56 -35.42
C VAL A 18 18.66 -14.51 -36.47
N LEU A 19 17.40 -14.53 -36.90
CA LEU A 19 16.91 -13.59 -37.90
C LEU A 19 16.71 -12.20 -37.31
N SER A 20 16.07 -12.14 -36.15
CA SER A 20 15.87 -10.88 -35.46
C SER A 20 17.20 -10.13 -35.35
N PHE A 21 18.24 -10.87 -35.04
CA PHE A 21 19.57 -10.29 -34.89
C PHE A 21 19.93 -9.54 -36.16
N CYS A 22 20.16 -10.28 -37.24
CA CYS A 22 20.74 -9.71 -38.44
C CYS A 22 19.83 -8.70 -39.12
N ALA A 23 18.53 -8.79 -38.81
CA ALA A 23 17.57 -7.82 -39.35
C ALA A 23 17.96 -6.45 -38.86
N PHE A 24 18.30 -6.39 -37.57
CA PHE A 24 18.65 -5.14 -36.91
C PHE A 24 20.09 -4.67 -37.15
N ALA A 25 21.02 -5.62 -37.23
CA ALA A 25 22.46 -5.31 -37.33
C ALA A 25 22.80 -4.36 -38.48
N VAL A 26 23.80 -3.52 -38.26
CA VAL A 26 24.29 -2.63 -39.31
C VAL A 26 25.06 -3.42 -40.34
N ASP A 27 25.85 -4.38 -39.85
CA ASP A 27 26.54 -5.31 -40.73
C ASP A 27 25.91 -6.67 -40.50
N PRO A 28 25.08 -7.12 -41.46
CA PRO A 28 24.37 -8.40 -41.30
C PRO A 28 25.34 -9.54 -41.42
N ALA A 29 26.31 -9.41 -42.32
CA ALA A 29 27.28 -10.47 -42.57
C ALA A 29 27.99 -10.86 -41.28
N LYS A 30 28.64 -9.87 -40.66
CA LYS A 30 29.35 -10.10 -39.41
C LYS A 30 28.42 -10.76 -38.41
N ALA A 31 27.28 -10.11 -38.17
CA ALA A 31 26.37 -10.53 -37.11
C ALA A 31 26.15 -12.03 -37.21
N TYR A 32 25.99 -12.51 -38.43
CA TYR A 32 25.72 -13.92 -38.64
C TYR A 32 26.92 -14.78 -38.25
N LYS A 33 28.07 -14.50 -38.87
CA LYS A 33 29.26 -15.29 -38.60
C LYS A 33 29.52 -15.37 -37.10
N ASP A 34 29.30 -14.25 -36.42
CA ASP A 34 29.46 -14.18 -34.97
C ASP A 34 28.47 -15.10 -34.26
N TYR A 35 27.21 -15.02 -34.64
CA TYR A 35 26.20 -15.85 -34.01
C TYR A 35 26.63 -17.31 -34.09
N LEU A 36 27.38 -17.63 -35.14
CA LEU A 36 27.92 -18.98 -35.30
C LEU A 36 29.02 -19.21 -34.28
N ALA A 37 29.82 -18.17 -34.05
CA ALA A 37 30.88 -18.23 -33.05
C ALA A 37 30.31 -18.48 -31.67
N SER A 38 29.28 -17.73 -31.32
CA SER A 38 28.67 -17.80 -30.00
C SER A 38 28.09 -19.17 -29.70
N GLY A 39 28.12 -20.04 -30.69
CA GLY A 39 27.69 -21.42 -30.52
C GLY A 39 26.23 -21.59 -30.90
N GLY A 40 25.70 -20.56 -31.55
CA GLY A 40 24.30 -20.53 -31.94
C GLY A 40 24.05 -21.26 -33.25
N GLN A 41 22.82 -21.74 -33.42
CA GLN A 41 22.47 -22.58 -34.56
C GLN A 41 22.35 -21.78 -35.85
N PRO A 42 22.83 -22.37 -36.97
CA PRO A 42 22.78 -21.76 -38.29
C PRO A 42 21.35 -21.72 -38.82
N ILE A 43 21.06 -20.86 -39.79
CA ILE A 43 19.71 -20.79 -40.32
C ILE A 43 19.34 -22.07 -41.07
N THR A 44 18.21 -22.66 -40.70
CA THR A 44 17.72 -23.89 -41.30
C THR A 44 16.47 -23.55 -42.08
N ASN A 45 15.77 -24.55 -42.61
CA ASN A 45 14.51 -24.32 -43.32
C ASN A 45 14.67 -23.88 -44.78
N CYS A 46 15.91 -23.82 -45.25
CA CYS A 46 16.16 -23.53 -46.65
C CYS A 46 15.45 -24.52 -47.60
N VAL A 47 15.13 -24.06 -48.80
CA VAL A 47 14.48 -24.93 -49.78
C VAL A 47 15.51 -25.85 -50.42
N LYS A 48 15.33 -27.15 -50.20
CA LYS A 48 16.30 -28.16 -50.61
C LYS A 48 15.76 -28.94 -51.81
N MET A 49 16.62 -29.12 -52.83
CA MET A 49 16.18 -29.67 -54.11
C MET A 49 16.37 -31.18 -54.30
N LEU A 50 15.27 -31.86 -54.64
CA LEU A 50 15.34 -33.26 -55.08
C LEU A 50 15.85 -33.31 -56.52
N CYS A 51 16.96 -34.01 -56.70
CA CYS A 51 17.78 -33.82 -57.89
C CYS A 51 18.32 -35.12 -58.48
N THR A 52 18.54 -35.09 -59.80
CA THR A 52 19.24 -36.15 -60.49
C THR A 52 20.62 -36.34 -59.89
N HIS A 53 21.21 -35.21 -59.49
CA HIS A 53 22.57 -35.15 -58.98
C HIS A 53 23.62 -35.29 -60.08
N THR A 54 23.17 -35.54 -61.31
CA THR A 54 24.08 -35.41 -62.43
C THR A 54 23.83 -34.08 -63.14
N GLY A 55 24.90 -33.34 -63.37
CA GLY A 55 24.80 -32.05 -64.01
C GLY A 55 26.10 -31.31 -63.79
N THR A 56 26.13 -30.03 -64.14
CA THR A 56 27.31 -29.22 -63.89
C THR A 56 27.50 -29.06 -62.39
N GLY A 57 28.70 -28.69 -61.99
CA GLY A 57 28.98 -28.39 -60.60
C GLY A 57 28.79 -26.92 -60.27
N GLN A 58 28.46 -26.12 -61.28
CA GLN A 58 28.38 -24.66 -61.16
C GLN A 58 27.42 -24.22 -60.05
N ALA A 59 27.76 -23.11 -59.40
CA ALA A 59 27.00 -22.63 -58.25
C ALA A 59 25.74 -21.84 -58.59
N ILE A 60 25.81 -21.01 -59.62
CA ILE A 60 24.63 -20.26 -60.04
C ILE A 60 24.07 -20.76 -61.37
N THR A 61 22.90 -21.41 -61.32
CA THR A 61 22.31 -22.05 -62.49
C THR A 61 20.80 -21.79 -62.57
N VAL A 62 20.22 -21.93 -63.76
CA VAL A 62 18.80 -21.62 -63.96
C VAL A 62 17.87 -22.80 -63.64
N THR A 63 18.46 -23.99 -63.49
CA THR A 63 17.76 -25.17 -62.98
C THR A 63 18.75 -25.99 -62.17
N PRO A 64 18.26 -26.73 -61.17
CA PRO A 64 19.19 -27.42 -60.26
C PRO A 64 20.20 -28.29 -60.98
N GLU A 65 21.47 -28.07 -60.63
CA GLU A 65 22.59 -28.81 -61.19
C GLU A 65 23.45 -29.22 -60.02
N ALA A 66 23.62 -30.51 -59.82
CA ALA A 66 24.33 -30.99 -58.64
C ALA A 66 25.38 -32.00 -59.02
N ASN A 67 26.19 -32.36 -58.04
CA ASN A 67 27.21 -33.39 -58.15
C ASN A 67 26.82 -34.44 -57.15
N MET A 68 27.37 -35.64 -57.24
CA MET A 68 27.26 -36.56 -56.12
C MET A 68 27.92 -35.90 -54.90
N ASP A 69 28.76 -34.90 -55.18
CA ASP A 69 29.38 -34.09 -54.14
C ASP A 69 28.44 -33.00 -53.60
N GLN A 70 27.82 -32.25 -54.50
CA GLN A 70 26.93 -31.15 -54.13
C GLN A 70 25.50 -31.58 -53.77
N GLU A 71 24.82 -30.74 -52.99
CA GLU A 71 23.37 -30.84 -52.84
C GLU A 71 22.81 -29.51 -53.33
N SER A 72 21.52 -29.45 -53.66
CA SER A 72 20.99 -28.28 -54.36
C SER A 72 19.88 -27.51 -53.63
N PHE A 73 19.90 -26.18 -53.76
CA PHE A 73 19.02 -25.31 -52.98
C PHE A 73 18.40 -24.21 -53.80
N GLY A 74 17.12 -23.92 -53.57
CA GLY A 74 16.48 -22.78 -54.19
C GLY A 74 17.20 -21.56 -53.69
N GLY A 75 17.77 -20.79 -54.61
CA GLY A 75 18.76 -19.79 -54.26
C GLY A 75 18.37 -18.86 -53.13
N ALA A 76 17.21 -18.22 -53.26
CA ALA A 76 16.80 -17.15 -52.35
C ALA A 76 16.56 -17.58 -50.90
N SER A 77 16.57 -18.88 -50.62
CA SER A 77 16.52 -19.30 -49.21
C SER A 77 17.92 -19.36 -48.64
N CYS A 78 18.91 -19.39 -49.53
CA CYS A 78 20.30 -19.44 -49.14
C CYS A 78 20.91 -18.05 -49.09
N CYS A 79 20.09 -17.06 -49.42
CA CYS A 79 20.49 -15.67 -49.38
C CYS A 79 20.13 -15.10 -48.01
N LEU A 80 21.14 -14.60 -47.31
CA LEU A 80 20.92 -13.99 -46.00
C LEU A 80 20.05 -12.73 -46.11
N TYR A 81 20.39 -11.87 -47.06
CA TYR A 81 19.68 -10.61 -47.22
C TYR A 81 18.24 -10.84 -47.65
N CYS A 82 18.04 -11.85 -48.50
CA CYS A 82 16.70 -12.22 -48.96
C CYS A 82 15.88 -12.78 -47.82
N ARG A 83 16.56 -13.49 -46.93
CA ARG A 83 15.91 -14.22 -45.88
C ARG A 83 15.48 -13.30 -44.73
N CYS A 84 16.31 -12.29 -44.44
CA CYS A 84 16.04 -11.32 -43.38
C CYS A 84 15.30 -10.08 -43.90
N HIS A 85 15.12 -10.02 -45.21
CA HIS A 85 14.30 -8.99 -45.81
C HIS A 85 14.85 -7.59 -45.56
N ILE A 86 16.17 -7.48 -45.76
CA ILE A 86 16.87 -6.21 -45.63
C ILE A 86 17.63 -5.92 -46.92
N ASP A 87 18.05 -4.68 -47.11
CA ASP A 87 18.64 -4.26 -48.38
C ASP A 87 19.81 -5.14 -48.78
N HIS A 88 20.04 -5.24 -50.08
CA HIS A 88 21.09 -6.09 -50.62
C HIS A 88 22.44 -5.40 -50.79
N PRO A 89 23.54 -6.12 -50.49
CA PRO A 89 24.90 -5.57 -50.51
C PRO A 89 25.29 -4.96 -51.86
N ASN A 90 24.78 -5.49 -52.96
CA ASN A 90 24.92 -4.80 -54.24
C ASN A 90 24.29 -3.42 -54.10
N PRO A 91 24.97 -2.37 -54.60
CA PRO A 91 24.49 -1.02 -54.30
C PRO A 91 23.05 -0.81 -54.77
N LYS A 92 22.76 -1.16 -56.02
CA LYS A 92 21.39 -1.09 -56.49
C LYS A 92 21.01 -2.18 -57.48
N GLY A 93 19.89 -2.84 -57.18
CA GLY A 93 19.44 -3.03 -55.82
C GLY A 93 19.49 -4.52 -55.53
N PHE A 94 20.07 -5.26 -56.46
CA PHE A 94 19.57 -6.60 -56.81
C PHE A 94 20.40 -7.79 -56.37
N CYS A 95 19.67 -8.90 -56.21
CA CYS A 95 20.20 -10.15 -55.71
C CYS A 95 20.94 -10.97 -56.75
N ASP A 96 21.85 -11.82 -56.28
CA ASP A 96 22.44 -12.85 -57.11
C ASP A 96 21.58 -14.11 -57.21
N LEU A 97 21.04 -14.54 -56.07
CA LEU A 97 20.46 -15.89 -55.95
C LEU A 97 18.96 -16.01 -56.08
N LYS A 98 18.25 -14.91 -56.23
CA LYS A 98 16.80 -15.02 -56.36
C LYS A 98 16.46 -15.33 -57.80
N GLY A 99 15.76 -16.43 -58.01
CA GLY A 99 15.39 -16.83 -59.35
C GLY A 99 16.42 -17.74 -60.00
N LYS A 100 17.33 -18.27 -59.18
CA LYS A 100 18.31 -19.25 -59.66
C LYS A 100 18.46 -20.31 -58.59
N TYR A 101 19.14 -21.41 -58.92
CA TYR A 101 19.43 -22.46 -57.95
C TYR A 101 20.89 -22.40 -57.52
N VAL A 102 21.14 -22.66 -56.25
CA VAL A 102 22.51 -22.61 -55.74
C VAL A 102 22.97 -23.99 -55.26
N GLN A 103 24.24 -24.26 -55.49
CA GLN A 103 24.80 -25.57 -55.18
C GLN A 103 25.82 -25.47 -54.05
N ILE A 104 25.88 -26.51 -53.23
CA ILE A 104 26.78 -26.53 -52.07
C ILE A 104 27.35 -27.93 -51.85
N PRO A 105 28.63 -28.01 -51.46
CA PRO A 105 29.16 -29.34 -51.12
C PRO A 105 28.40 -29.95 -49.97
N THR A 106 28.12 -31.25 -50.06
CA THR A 106 27.25 -31.93 -49.11
C THR A 106 27.73 -31.78 -47.65
N THR A 107 29.05 -31.78 -47.47
CA THR A 107 29.64 -31.62 -46.15
C THR A 107 29.39 -30.21 -45.64
N CYS A 108 29.64 -29.23 -46.50
CA CYS A 108 29.48 -27.83 -46.15
C CYS A 108 28.02 -27.41 -46.12
N ALA A 109 27.15 -28.32 -46.55
CA ALA A 109 25.74 -28.01 -46.79
C ALA A 109 24.91 -27.70 -45.54
N ASN A 110 25.45 -28.00 -44.36
CA ASN A 110 24.73 -27.75 -43.12
C ASN A 110 24.39 -26.28 -42.91
N ASP A 111 25.25 -25.39 -43.40
CA ASP A 111 25.10 -23.96 -43.20
C ASP A 111 25.06 -23.22 -44.53
N PRO A 112 23.99 -23.48 -45.32
CA PRO A 112 23.96 -22.98 -46.70
C PRO A 112 23.92 -21.47 -46.75
N VAL A 113 23.21 -20.85 -45.81
CA VAL A 113 23.09 -19.40 -45.77
C VAL A 113 24.49 -18.79 -45.68
N GLY A 114 25.32 -19.37 -44.83
CA GLY A 114 26.68 -18.89 -44.62
C GLY A 114 27.55 -19.08 -45.84
N PHE A 115 27.52 -20.29 -46.39
CA PHE A 115 28.37 -20.64 -47.53
C PHE A 115 28.25 -19.63 -48.68
N THR A 116 27.08 -19.00 -48.81
CA THR A 116 26.88 -18.01 -49.87
C THR A 116 27.64 -16.71 -49.56
N LEU A 117 27.76 -16.40 -48.28
CA LEU A 117 28.56 -15.26 -47.85
C LEU A 117 30.05 -15.56 -47.97
N ARG A 118 30.49 -16.65 -47.35
CA ARG A 118 31.91 -16.98 -47.22
C ARG A 118 32.68 -17.04 -48.54
N ASN A 119 31.99 -17.44 -49.62
CA ASN A 119 32.68 -17.75 -50.88
C ASN A 119 32.18 -16.89 -52.03
N THR A 120 32.93 -16.90 -53.13
CA THR A 120 32.51 -16.19 -54.33
C THR A 120 32.85 -16.93 -55.62
N VAL A 121 32.00 -16.75 -56.63
CA VAL A 121 32.02 -17.53 -57.87
C VAL A 121 32.97 -17.03 -58.93
N CYS A 122 33.87 -17.91 -59.37
CA CYS A 122 34.81 -17.61 -60.45
C CYS A 122 34.06 -17.22 -61.72
N THR A 123 34.37 -16.04 -62.27
CA THR A 123 33.70 -15.55 -63.48
C THR A 123 34.20 -16.31 -64.71
N VAL A 124 35.18 -17.19 -64.51
CA VAL A 124 35.71 -17.97 -65.61
C VAL A 124 34.83 -19.18 -65.90
N CYS A 125 34.87 -20.15 -65.00
CA CYS A 125 34.13 -21.39 -65.18
C CYS A 125 32.75 -21.36 -64.51
N GLY A 126 32.39 -20.21 -63.96
CA GLY A 126 31.12 -20.04 -63.28
C GLY A 126 30.95 -20.99 -62.11
N MET A 127 32.07 -21.50 -61.60
CA MET A 127 32.05 -22.51 -60.56
C MET A 127 32.73 -22.03 -59.28
N TRP A 128 32.42 -22.67 -58.17
CA TRP A 128 32.93 -22.28 -56.85
C TRP A 128 34.45 -22.13 -56.83
N LYS A 129 34.91 -21.09 -56.14
CA LYS A 129 36.34 -20.89 -55.96
C LYS A 129 36.81 -21.72 -54.77
N GLY A 130 37.68 -22.69 -55.04
CA GLY A 130 38.29 -23.50 -54.01
C GLY A 130 37.56 -24.77 -53.60
N TYR A 131 36.25 -24.78 -53.81
CA TYR A 131 35.42 -25.94 -53.45
C TYR A 131 35.02 -26.96 -54.53
N GLY A 132 35.51 -26.83 -55.77
CA GLY A 132 36.63 -26.00 -56.13
C GLY A 132 36.63 -25.57 -57.58
N CYS A 133 37.74 -24.98 -58.01
CA CYS A 133 37.83 -24.39 -59.34
C CYS A 133 39.13 -24.78 -60.04
N SER A 134 39.07 -24.94 -61.36
CA SER A 134 40.24 -25.32 -62.14
C SER A 134 41.17 -24.14 -62.40
N CYS A 135 40.59 -22.95 -62.48
CA CYS A 135 41.34 -21.74 -62.74
C CYS A 135 42.26 -21.41 -61.57
N ASP A 136 43.28 -20.59 -61.83
CA ASP A 136 44.15 -20.08 -60.78
C ASP A 136 44.63 -21.20 -59.85
N ALA B 1 2.98 -31.23 -35.95
CA ALA B 1 4.08 -30.83 -36.83
C ALA B 1 3.58 -30.03 -38.03
N GLU B 2 4.02 -28.77 -38.12
CA GLU B 2 4.96 -28.21 -37.15
C GLU B 2 4.66 -26.76 -36.75
N ASN B 3 5.37 -26.27 -35.74
CA ASN B 3 5.21 -24.92 -35.23
C ASN B 3 5.81 -23.85 -36.15
N VAL B 4 5.29 -22.63 -36.02
CA VAL B 4 5.71 -21.50 -36.85
C VAL B 4 5.54 -20.17 -36.11
N THR B 5 6.23 -19.13 -36.57
CA THR B 5 6.36 -17.85 -35.83
C THR B 5 5.09 -17.06 -35.46
N GLY B 6 4.33 -16.54 -36.45
CA GLY B 6 4.87 -16.06 -37.70
C GLY B 6 5.54 -14.71 -37.54
N LEU B 7 6.83 -14.70 -37.82
CA LEU B 7 7.62 -13.51 -37.89
C LEU B 7 7.91 -13.60 -39.35
N PHE B 8 7.78 -12.50 -40.06
CA PHE B 8 7.91 -12.55 -41.50
C PHE B 8 6.77 -13.36 -42.10
N LYS B 9 5.64 -13.44 -41.42
CA LYS B 9 4.48 -14.11 -42.02
C LYS B 9 4.04 -13.37 -43.29
N ASP B 10 3.71 -14.14 -44.32
CA ASP B 10 3.38 -13.57 -45.63
C ASP B 10 1.96 -13.03 -45.64
N CYS B 11 1.82 -11.71 -45.80
CA CYS B 11 0.51 -11.07 -45.65
C CYS B 11 -0.25 -10.82 -46.96
N SER B 12 0.33 -11.24 -48.08
CA SER B 12 -0.25 -11.03 -49.40
C SER B 12 -1.51 -11.85 -49.54
N LYS B 13 -2.34 -11.45 -50.50
CA LYS B 13 -3.61 -12.12 -50.77
C LYS B 13 -3.51 -13.15 -51.90
N ILE B 14 -2.32 -13.25 -52.51
CA ILE B 14 -2.04 -14.28 -53.49
C ILE B 14 -2.26 -15.66 -52.90
N ILE B 15 -3.09 -16.50 -53.53
CA ILE B 15 -3.03 -17.93 -53.24
C ILE B 15 -1.86 -18.46 -54.03
N THR B 16 -1.23 -19.51 -53.54
CA THR B 16 -0.11 -20.07 -54.27
C THR B 16 1.04 -19.12 -54.51
N GLY B 17 1.81 -18.81 -53.47
CA GLY B 17 3.20 -18.49 -53.71
C GLY B 17 3.71 -19.91 -53.73
N LEU B 18 5.00 -20.17 -53.93
CA LEU B 18 5.98 -19.25 -54.44
C LEU B 18 6.96 -20.19 -55.13
N HIS B 19 7.52 -19.78 -56.26
CA HIS B 19 8.47 -20.65 -56.96
C HIS B 19 9.60 -21.02 -55.99
N PRO B 20 10.17 -22.22 -56.12
CA PRO B 20 11.18 -22.73 -55.18
C PRO B 20 12.45 -21.87 -55.09
N THR B 21 12.80 -21.20 -56.18
CA THR B 21 13.76 -20.10 -56.13
C THR B 21 12.87 -18.89 -56.12
N GLN B 22 13.32 -17.81 -55.49
CA GLN B 22 12.48 -16.64 -55.19
C GLN B 22 11.40 -16.99 -54.15
N ALA B 23 11.68 -18.04 -53.40
CA ALA B 23 10.90 -18.37 -52.22
C ALA B 23 11.85 -18.29 -51.04
N PRO B 24 11.54 -17.40 -50.07
CA PRO B 24 12.44 -17.15 -48.95
C PRO B 24 12.73 -18.42 -48.19
N THR B 25 11.69 -19.23 -48.02
CA THR B 25 11.78 -20.35 -47.11
C THR B 25 11.00 -21.54 -47.71
N HIS B 26 11.51 -22.74 -47.46
CA HIS B 26 10.87 -23.98 -47.89
C HIS B 26 9.41 -23.92 -47.52
N LEU B 27 9.12 -23.40 -46.33
CA LEU B 27 7.76 -23.34 -45.81
C LEU B 27 6.81 -22.79 -46.84
N SER B 28 7.20 -21.66 -47.44
CA SER B 28 6.40 -21.15 -48.53
C SER B 28 7.10 -21.43 -49.86
N VAL B 29 6.58 -22.44 -50.55
CA VAL B 29 6.84 -22.72 -51.94
C VAL B 29 5.54 -23.41 -52.25
N ASP B 30 5.03 -23.27 -53.46
CA ASP B 30 3.69 -23.77 -53.66
C ASP B 30 3.71 -25.26 -53.42
N ILE B 31 2.58 -25.78 -52.98
CA ILE B 31 2.39 -27.20 -52.78
C ILE B 31 2.88 -27.89 -54.04
N LYS B 32 2.63 -27.25 -55.17
CA LYS B 32 2.92 -27.81 -56.49
C LYS B 32 4.35 -28.32 -56.72
N PHE B 33 5.36 -27.68 -56.12
CA PHE B 33 6.75 -28.14 -56.31
C PHE B 33 7.24 -29.08 -55.21
N LYS B 34 6.38 -29.33 -54.22
CA LYS B 34 6.77 -30.08 -53.03
C LYS B 34 6.49 -31.57 -53.17
N THR B 35 7.48 -32.40 -52.85
CA THR B 35 7.28 -33.85 -52.74
C THR B 35 8.23 -34.51 -51.73
N GLU B 36 7.74 -35.49 -50.98
CA GLU B 36 8.57 -36.19 -50.00
C GLU B 36 9.30 -35.25 -49.03
N GLY B 37 8.68 -34.12 -48.72
CA GLY B 37 9.29 -33.15 -47.83
C GLY B 37 10.40 -32.37 -48.50
N LEU B 38 10.43 -32.43 -49.82
CA LEU B 38 11.44 -31.71 -50.59
C LEU B 38 10.82 -30.80 -51.61
N CYS B 39 11.67 -30.21 -52.45
CA CYS B 39 11.21 -29.39 -53.55
C CYS B 39 11.98 -29.80 -54.80
N VAL B 40 11.40 -29.56 -55.95
CA VAL B 40 11.99 -29.98 -57.21
C VAL B 40 11.61 -28.99 -58.28
N ASP B 41 12.51 -28.78 -59.23
CA ASP B 41 12.27 -27.78 -60.26
C ASP B 41 11.51 -28.30 -61.48
N ILE B 42 10.31 -27.77 -61.67
CA ILE B 42 9.48 -28.09 -62.81
C ILE B 42 9.44 -26.89 -63.72
N PRO B 43 10.21 -26.94 -64.83
CA PRO B 43 10.28 -25.78 -65.73
C PRO B 43 8.90 -25.38 -66.21
N GLY B 44 7.99 -26.35 -66.19
CA GLY B 44 6.66 -26.17 -66.75
C GLY B 44 5.83 -25.14 -66.00
N ILE B 45 5.98 -25.10 -64.69
CA ILE B 45 5.27 -24.14 -63.87
C ILE B 45 6.29 -23.08 -63.47
N PRO B 46 6.24 -21.93 -64.14
CA PRO B 46 7.29 -20.91 -64.16
C PRO B 46 7.33 -20.07 -62.88
N LYS B 47 8.41 -19.34 -62.69
CA LYS B 47 8.46 -18.34 -61.63
C LYS B 47 7.73 -17.09 -62.12
N ASP B 48 6.93 -16.46 -61.25
CA ASP B 48 6.31 -15.19 -61.61
C ASP B 48 7.36 -14.09 -61.67
N MET B 49 7.32 -13.28 -62.72
CA MET B 49 8.29 -12.23 -62.93
C MET B 49 7.79 -10.93 -62.33
N THR B 50 6.56 -10.96 -61.84
CA THR B 50 6.06 -9.84 -61.06
C THR B 50 5.18 -10.30 -59.90
N TYR B 51 5.52 -9.89 -58.69
CA TYR B 51 4.66 -10.11 -57.52
C TYR B 51 5.05 -9.18 -56.39
N ARG B 52 4.11 -8.93 -55.48
CA ARG B 52 4.37 -8.09 -54.32
C ARG B 52 3.78 -8.73 -53.06
N ARG B 53 4.65 -9.08 -52.12
CA ARG B 53 4.20 -9.75 -50.91
C ARG B 53 4.63 -9.02 -49.63
N LEU B 54 3.65 -8.55 -48.87
CA LEU B 54 3.92 -7.88 -47.60
C LEU B 54 4.40 -8.89 -46.58
N ILE B 55 5.59 -8.64 -46.03
CA ILE B 55 6.16 -9.52 -44.99
C ILE B 55 5.95 -8.87 -43.63
N SER B 56 5.41 -9.62 -42.68
CA SER B 56 5.08 -9.04 -41.38
C SER B 56 6.36 -8.84 -40.58
N MET B 57 6.46 -7.67 -39.95
CA MET B 57 7.59 -7.36 -39.09
C MET B 57 7.30 -7.61 -37.60
N MET B 58 6.13 -8.15 -37.28
CA MET B 58 5.74 -8.44 -35.91
C MET B 58 6.36 -9.73 -35.36
N GLY B 59 6.46 -9.83 -34.04
CA GLY B 59 7.02 -10.99 -33.37
C GLY B 59 8.54 -11.11 -33.39
N PHE B 60 9.23 -10.04 -32.99
CA PHE B 60 10.68 -9.96 -33.19
C PHE B 60 11.56 -10.77 -32.24
N LYS B 61 11.14 -10.96 -30.98
CA LYS B 61 11.80 -11.95 -30.09
C LYS B 61 13.34 -12.02 -30.15
N MET B 62 14.04 -11.03 -29.60
CA MET B 62 15.49 -11.10 -29.60
C MET B 62 16.17 -11.28 -28.23
N ASN B 63 16.64 -12.50 -28.00
CA ASN B 63 17.47 -12.83 -26.87
C ASN B 63 18.59 -13.74 -27.36
N TYR B 64 19.81 -13.24 -27.34
CA TYR B 64 20.92 -13.95 -27.92
C TYR B 64 22.16 -13.48 -27.20
N GLN B 65 23.09 -14.40 -26.93
CA GLN B 65 24.31 -13.97 -26.28
C GLN B 65 25.46 -14.06 -27.27
N VAL B 66 25.91 -12.91 -27.74
CA VAL B 66 27.01 -12.86 -28.69
C VAL B 66 28.06 -11.91 -28.14
N ASN B 67 29.27 -12.42 -27.96
CA ASN B 67 30.26 -11.82 -27.06
C ASN B 67 30.49 -10.31 -27.19
N GLY B 68 30.72 -9.82 -28.40
CA GLY B 68 30.94 -8.39 -28.57
C GLY B 68 29.67 -7.56 -28.55
N TYR B 69 28.52 -8.22 -28.42
CA TYR B 69 27.23 -7.58 -28.63
C TYR B 69 26.40 -7.45 -27.35
N PRO B 70 26.03 -6.22 -26.99
CA PRO B 70 25.28 -5.80 -25.79
C PRO B 70 23.82 -6.28 -25.67
N ASN B 71 23.44 -6.85 -24.52
CA ASN B 71 22.03 -7.12 -24.23
C ASN B 71 21.29 -5.79 -24.33
N MET B 72 20.23 -5.71 -25.15
CA MET B 72 19.50 -4.45 -25.29
C MET B 72 18.30 -4.32 -24.34
N PHE B 73 17.93 -5.41 -23.70
CA PHE B 73 16.98 -5.36 -22.61
C PHE B 73 17.77 -5.47 -21.30
N ILE B 74 17.47 -4.60 -20.35
CA ILE B 74 18.27 -4.49 -19.14
C ILE B 74 17.46 -4.76 -17.89
N THR B 75 18.15 -5.09 -16.81
CA THR B 75 17.51 -5.39 -15.53
C THR B 75 16.91 -4.13 -14.92
N ARG B 76 15.89 -4.30 -14.10
CA ARG B 76 15.33 -3.16 -13.36
C ARG B 76 16.47 -2.43 -12.67
N GLU B 77 17.36 -3.18 -12.02
CA GLU B 77 18.50 -2.60 -11.32
C GLU B 77 19.37 -1.74 -12.23
N GLU B 78 19.96 -2.37 -13.24
CA GLU B 78 20.80 -1.67 -14.19
C GLU B 78 20.04 -0.52 -14.86
N ALA B 79 18.72 -0.58 -14.79
CA ALA B 79 17.88 0.43 -15.40
C ALA B 79 17.82 1.66 -14.53
N ILE B 80 17.76 1.44 -13.22
CA ILE B 80 17.80 2.52 -12.24
C ILE B 80 19.13 3.23 -12.37
N ARG B 81 20.18 2.43 -12.50
CA ARG B 81 21.53 2.94 -12.62
C ARG B 81 21.52 4.06 -13.63
N HIS B 82 20.83 3.88 -14.76
CA HIS B 82 20.64 4.98 -15.69
C HIS B 82 19.19 5.44 -15.71
N VAL B 83 18.89 6.52 -15.01
CA VAL B 83 17.53 6.99 -15.00
C VAL B 83 17.51 8.24 -15.83
N ARG B 84 16.39 8.44 -16.51
CA ARG B 84 16.35 9.45 -17.56
C ARG B 84 17.60 9.40 -18.43
N ALA B 85 18.01 8.16 -18.68
CA ALA B 85 18.31 7.75 -20.03
C ALA B 85 16.91 7.33 -20.50
N TRP B 86 15.99 7.30 -19.53
CA TRP B 86 14.60 6.86 -19.67
C TRP B 86 13.75 7.71 -20.61
N ILE B 87 13.08 7.03 -21.53
CA ILE B 87 12.03 7.62 -22.38
C ILE B 87 10.85 6.65 -22.60
N GLY B 88 9.64 7.15 -22.34
CA GLY B 88 8.43 6.37 -22.62
C GLY B 88 8.15 6.26 -24.10
N PHE B 89 7.82 5.06 -24.55
CA PHE B 89 7.58 4.82 -25.98
C PHE B 89 6.39 3.89 -26.16
N ASP B 90 5.32 4.38 -26.79
CA ASP B 90 4.21 3.52 -27.17
C ASP B 90 3.70 3.89 -28.54
N VAL B 91 3.75 2.94 -29.47
CA VAL B 91 3.30 3.16 -30.83
C VAL B 91 1.88 2.67 -31.06
N GLU B 92 1.02 3.59 -31.50
CA GLU B 92 -0.28 3.25 -32.07
C GLU B 92 -0.07 2.89 -33.54
N GLY B 93 -0.97 2.10 -34.13
CA GLY B 93 -0.76 1.61 -35.49
C GLY B 93 -1.98 1.35 -36.38
N CYS B 94 -1.73 0.85 -37.58
CA CYS B 94 -2.79 0.61 -38.56
C CYS B 94 -2.54 -0.69 -39.33
N HIS B 95 -3.62 -1.30 -39.83
CA HIS B 95 -3.55 -2.64 -40.45
C HIS B 95 -3.62 -2.59 -41.96
N ALA B 96 -2.96 -3.54 -42.63
CA ALA B 96 -2.80 -3.49 -44.08
C ALA B 96 -4.09 -3.92 -44.77
N THR B 97 -4.72 -3.02 -45.52
CA THR B 97 -6.12 -3.20 -45.89
C THR B 97 -6.52 -3.72 -47.27
N ARG B 98 -5.65 -3.70 -48.27
CA ARG B 98 -6.17 -3.93 -49.62
C ARG B 98 -5.46 -5.00 -50.44
N ASP B 99 -4.26 -4.70 -50.90
CA ASP B 99 -3.49 -5.67 -51.63
C ASP B 99 -3.04 -6.81 -50.71
N ALA B 100 -3.17 -6.60 -49.40
CA ALA B 100 -2.77 -7.60 -48.41
C ALA B 100 -3.43 -7.40 -47.03
N VAL B 101 -3.38 -8.45 -46.20
CA VAL B 101 -3.87 -8.40 -44.82
C VAL B 101 -3.04 -9.26 -43.89
N GLY B 102 -3.14 -8.97 -42.59
CA GLY B 102 -2.48 -9.75 -41.55
C GLY B 102 -1.26 -9.21 -40.82
N THR B 103 -0.98 -7.92 -40.96
CA THR B 103 0.15 -7.33 -40.24
C THR B 103 -0.13 -5.93 -39.69
N ASN B 104 0.77 -5.44 -38.84
CA ASN B 104 0.58 -4.11 -38.27
C ASN B 104 1.66 -3.10 -38.61
N LEU B 105 1.20 -2.00 -39.21
CA LEU B 105 2.04 -0.88 -39.54
C LEU B 105 1.96 0.19 -38.46
N PRO B 106 3.12 0.83 -38.17
CA PRO B 106 3.36 1.91 -37.22
C PRO B 106 2.78 3.25 -37.69
N LEU B 107 1.54 3.56 -37.32
CA LEU B 107 0.93 4.83 -37.67
C LEU B 107 1.47 6.06 -36.92
N GLN B 108 1.42 6.04 -35.59
CA GLN B 108 1.82 7.19 -34.76
C GLN B 108 2.69 6.81 -33.56
N LEU B 109 3.83 7.49 -33.42
CA LEU B 109 4.74 7.20 -32.31
C LEU B 109 4.76 8.36 -31.31
N GLY B 110 4.88 8.03 -30.03
CA GLY B 110 4.82 9.05 -29.00
C GLY B 110 5.75 8.75 -27.85
N PHE B 111 6.06 9.78 -27.06
CA PHE B 111 7.19 9.73 -26.12
C PHE B 111 6.93 10.35 -24.75
N SER B 112 7.85 10.15 -23.81
CA SER B 112 7.76 10.80 -22.50
C SER B 112 7.75 12.30 -22.73
N THR B 113 8.42 12.71 -23.81
CA THR B 113 8.33 14.06 -24.32
C THR B 113 6.93 14.31 -24.82
N GLY B 114 6.52 15.55 -24.96
CA GLY B 114 5.19 15.81 -25.49
C GLY B 114 4.97 15.39 -26.94
N VAL B 115 6.04 14.98 -27.62
CA VAL B 115 6.04 14.83 -29.08
C VAL B 115 5.24 13.63 -29.59
N ASN B 116 4.53 13.85 -30.71
CA ASN B 116 3.92 12.74 -31.45
C ASN B 116 4.30 12.79 -32.92
N LEU B 117 5.10 11.83 -33.39
CA LEU B 117 5.40 11.70 -34.80
C LEU B 117 4.42 10.72 -35.47
N VAL B 118 3.81 11.15 -36.57
CA VAL B 118 2.96 10.27 -37.36
C VAL B 118 3.66 9.93 -38.67
N ALA B 119 3.49 8.71 -39.16
CA ALA B 119 4.12 8.28 -40.39
C ALA B 119 3.08 7.74 -41.37
N VAL B 120 3.41 7.72 -42.66
CA VAL B 120 2.49 7.14 -43.63
C VAL B 120 2.67 5.65 -43.55
N PRO B 121 1.57 4.89 -43.69
CA PRO B 121 1.76 3.46 -43.49
C PRO B 121 2.79 2.97 -44.47
N THR B 122 3.80 2.26 -43.99
CA THR B 122 4.80 1.70 -44.88
C THR B 122 5.20 0.33 -44.33
N GLY B 123 5.75 -0.52 -45.19
CA GLY B 123 6.07 -1.87 -44.79
C GLY B 123 7.11 -2.52 -45.68
N TYR B 124 7.43 -3.76 -45.38
CA TYR B 124 8.45 -4.45 -46.14
C TYR B 124 7.77 -5.34 -47.17
N VAL B 125 8.14 -5.16 -48.43
CA VAL B 125 7.49 -5.89 -49.53
C VAL B 125 8.47 -6.72 -50.36
N ASP B 126 8.17 -8.00 -50.49
CA ASP B 126 8.98 -8.89 -51.30
C ASP B 126 8.58 -8.81 -52.78
N THR B 127 9.56 -8.57 -53.63
CA THR B 127 9.38 -8.65 -55.08
C THR B 127 10.33 -9.69 -55.65
N GLU B 128 10.33 -9.81 -56.97
CA GLU B 128 11.17 -10.80 -57.64
C GLU B 128 12.64 -10.62 -57.29
N ASN B 129 13.16 -9.42 -57.51
CA ASN B 129 14.59 -9.11 -57.32
C ASN B 129 15.05 -8.79 -55.90
N ASN B 130 14.15 -8.27 -55.06
CA ASN B 130 14.55 -7.82 -53.73
C ASN B 130 13.42 -7.76 -52.71
N THR B 131 13.72 -7.16 -51.56
CA THR B 131 12.70 -6.73 -50.62
C THR B 131 12.65 -5.23 -50.81
N GLU B 132 11.50 -4.61 -50.64
CA GLU B 132 11.48 -3.17 -50.83
C GLU B 132 10.63 -2.43 -49.82
N PHE B 133 11.25 -1.43 -49.19
CA PHE B 133 10.67 -0.63 -48.12
C PHE B 133 9.80 0.38 -48.81
N THR B 134 8.49 0.35 -48.58
CA THR B 134 7.57 1.08 -49.44
C THR B 134 6.23 1.46 -48.81
N ARG B 135 5.57 2.48 -49.38
CA ARG B 135 4.26 2.88 -48.90
C ARG B 135 3.27 1.74 -49.12
N VAL B 136 2.18 1.75 -48.35
CA VAL B 136 1.22 0.66 -48.38
C VAL B 136 -0.19 1.18 -48.08
N ASN B 137 -1.19 0.41 -48.48
CA ASN B 137 -2.55 0.67 -48.07
C ASN B 137 -2.70 0.30 -46.61
N ALA B 138 -3.62 0.96 -45.91
CA ALA B 138 -3.89 0.60 -44.53
C ALA B 138 -5.24 1.13 -44.13
N LYS B 139 -5.75 0.63 -43.01
CA LYS B 139 -6.95 1.18 -42.43
C LYS B 139 -6.78 1.24 -40.93
N PRO B 140 -7.51 2.14 -40.28
CA PRO B 140 -7.47 2.30 -38.83
C PRO B 140 -8.20 1.14 -38.17
N PRO B 141 -7.79 0.79 -36.94
CA PRO B 141 -8.41 -0.31 -36.20
C PRO B 141 -9.89 -0.08 -36.00
N PRO B 142 -10.65 -1.16 -35.77
CA PRO B 142 -12.11 -1.17 -35.65
C PRO B 142 -12.69 -0.32 -34.51
N GLY B 143 -12.08 -0.40 -33.33
CA GLY B 143 -12.64 0.22 -32.14
C GLY B 143 -13.07 1.68 -32.28
N ASP B 144 -14.18 2.01 -31.62
CA ASP B 144 -14.64 3.40 -31.54
C ASP B 144 -13.61 4.23 -30.78
N GLN B 145 -12.80 3.58 -29.94
CA GLN B 145 -11.75 4.26 -29.18
C GLN B 145 -10.56 4.55 -30.07
N PHE B 146 -10.54 3.91 -31.23
CA PHE B 146 -9.49 4.12 -32.22
C PHE B 146 -9.91 5.11 -33.31
N LYS B 147 -11.09 5.70 -33.18
CA LYS B 147 -11.60 6.62 -34.20
C LYS B 147 -10.75 7.90 -34.32
N HIS B 148 -10.06 8.25 -33.24
CA HIS B 148 -9.20 9.42 -33.24
C HIS B 148 -8.03 9.24 -34.20
N LEU B 149 -7.86 8.00 -34.67
CA LEU B 149 -6.76 7.64 -35.57
C LEU B 149 -6.98 8.00 -37.04
N ILE B 150 -8.25 8.05 -37.45
CA ILE B 150 -8.61 8.13 -38.86
C ILE B 150 -7.91 9.21 -39.70
N PRO B 151 -7.85 10.45 -39.19
CA PRO B 151 -7.28 11.53 -40.01
C PRO B 151 -5.77 11.36 -40.20
N LEU B 152 -5.13 10.72 -39.24
CA LEU B 152 -3.67 10.60 -39.23
C LEU B 152 -3.11 9.76 -40.39
N MET B 153 -4.00 9.14 -41.15
CA MET B 153 -3.59 8.34 -42.30
C MET B 153 -2.96 9.22 -43.37
N TYR B 154 -3.51 10.41 -43.52
CA TYR B 154 -3.03 11.40 -44.48
C TYR B 154 -1.83 12.20 -43.97
N LYS B 155 -1.78 12.39 -42.66
CA LYS B 155 -0.99 13.47 -42.06
C LYS B 155 0.49 13.59 -42.46
N GLY B 156 1.17 12.48 -42.71
CA GLY B 156 2.57 12.54 -43.10
C GLY B 156 3.11 11.32 -42.40
N LEU B 157 4.42 11.07 -42.36
CA LEU B 157 5.47 11.77 -43.06
C LEU B 157 6.32 10.62 -43.56
N PRO B 158 7.16 10.84 -44.57
CA PRO B 158 7.97 9.71 -45.03
C PRO B 158 8.85 9.16 -43.92
N TRP B 159 9.13 7.87 -43.94
CA TRP B 159 9.97 7.29 -42.90
C TRP B 159 11.39 7.83 -42.93
N ASN B 160 11.89 8.13 -44.12
CA ASN B 160 13.22 8.72 -44.22
C ASN B 160 13.33 10.02 -43.43
N VAL B 161 12.22 10.75 -43.37
CA VAL B 161 12.10 11.92 -42.50
C VAL B 161 11.99 11.52 -41.04
N VAL B 162 11.01 10.67 -40.75
CA VAL B 162 10.66 10.38 -39.37
C VAL B 162 11.83 9.84 -38.55
N ARG B 163 12.64 8.97 -39.14
CA ARG B 163 13.75 8.41 -38.38
C ARG B 163 14.85 9.46 -38.16
N ILE B 164 14.84 10.50 -38.99
CA ILE B 164 15.73 11.63 -38.78
C ILE B 164 15.20 12.53 -37.68
N LYS B 165 13.90 12.84 -37.73
CA LYS B 165 13.28 13.65 -36.70
C LYS B 165 13.41 12.95 -35.34
N ILE B 166 13.28 11.63 -35.35
CA ILE B 166 13.41 10.87 -34.11
C ILE B 166 14.76 11.13 -33.47
N VAL B 167 15.82 10.85 -34.22
CA VAL B 167 17.17 10.94 -33.66
C VAL B 167 17.53 12.33 -33.14
N GLN B 168 17.04 13.39 -33.77
CA GLN B 168 17.26 14.73 -33.21
C GLN B 168 16.47 14.88 -31.91
N MET B 169 15.16 14.70 -31.99
CA MET B 169 14.30 14.88 -30.83
C MET B 169 14.85 14.09 -29.64
N LEU B 170 15.47 12.96 -29.93
CA LEU B 170 16.18 12.19 -28.91
C LEU B 170 17.53 12.83 -28.57
N SER B 171 18.26 13.19 -29.61
CA SER B 171 19.62 13.72 -29.47
C SER B 171 19.67 14.88 -28.49
N ASP B 172 18.80 15.86 -28.70
CA ASP B 172 18.82 17.05 -27.88
C ASP B 172 18.15 16.86 -26.51
N THR B 173 17.28 15.87 -26.38
CA THR B 173 16.69 15.61 -25.08
C THR B 173 17.66 14.87 -24.16
N LEU B 174 18.47 13.98 -24.72
CA LEU B 174 19.42 13.19 -23.94
C LEU B 174 20.87 13.69 -23.90
N LYS B 175 21.18 14.75 -24.65
CA LYS B 175 22.58 15.13 -24.85
C LYS B 175 23.35 15.33 -23.54
N GLY B 176 22.85 16.22 -22.69
CA GLY B 176 23.51 16.54 -21.44
C GLY B 176 23.15 15.59 -20.31
N LEU B 177 22.05 14.85 -20.49
CA LEU B 177 21.55 13.95 -19.45
C LEU B 177 22.25 12.59 -19.39
N SER B 178 22.56 11.99 -20.53
CA SER B 178 23.14 10.64 -20.54
C SER B 178 23.95 10.24 -21.78
N ASP B 179 24.69 9.14 -21.66
CA ASP B 179 25.51 8.58 -22.73
C ASP B 179 24.78 7.53 -23.57
N ARG B 180 23.59 7.14 -23.14
CA ARG B 180 22.84 6.05 -23.78
C ARG B 180 21.35 6.37 -23.77
N VAL B 181 20.54 5.48 -24.33
CA VAL B 181 19.09 5.58 -24.19
C VAL B 181 18.52 4.33 -23.59
N VAL B 182 17.43 4.50 -22.86
CA VAL B 182 16.61 3.36 -22.50
C VAL B 182 15.18 3.72 -22.83
N PHE B 183 14.53 2.82 -23.55
CA PHE B 183 13.12 2.99 -23.86
C PHE B 183 12.33 2.25 -22.80
N VAL B 184 11.36 2.95 -22.25
CA VAL B 184 10.53 2.42 -21.17
C VAL B 184 9.13 2.14 -21.73
N LEU B 185 8.75 0.86 -21.81
CA LEU B 185 7.51 0.51 -22.50
C LEU B 185 6.61 -0.48 -21.77
N TRP B 186 5.30 -0.31 -21.93
CA TRP B 186 4.29 -1.15 -21.28
C TRP B 186 3.93 -2.48 -21.95
N ALA B 187 3.57 -2.46 -23.22
CA ALA B 187 3.38 -3.72 -23.93
C ALA B 187 4.47 -3.73 -24.98
N HIS B 188 5.53 -4.49 -24.78
CA HIS B 188 6.72 -4.18 -25.56
C HIS B 188 6.70 -4.65 -26.99
N GLY B 189 5.83 -5.62 -27.28
CA GLY B 189 5.91 -6.26 -28.58
C GLY B 189 5.89 -5.32 -29.77
N PHE B 190 4.84 -4.51 -29.88
CA PHE B 190 4.66 -3.71 -31.08
C PHE B 190 5.75 -2.66 -31.23
N GLU B 191 6.17 -2.10 -30.10
CA GLU B 191 7.21 -1.08 -30.10
C GLU B 191 8.54 -1.66 -30.55
N LEU B 192 8.88 -2.87 -30.11
CA LEU B 192 10.07 -3.52 -30.65
C LEU B 192 9.97 -3.54 -32.16
N THR B 193 8.79 -3.91 -32.66
CA THR B 193 8.54 -3.97 -34.10
C THR B 193 8.75 -2.59 -34.74
N SER B 194 8.18 -1.57 -34.10
CA SER B 194 8.35 -0.20 -34.58
C SER B 194 9.82 0.14 -34.62
N MET B 195 10.60 -0.46 -33.74
CA MET B 195 12.02 -0.14 -33.69
C MET B 195 12.76 -0.51 -34.96
N LYS B 196 12.35 -1.59 -35.61
CA LYS B 196 13.05 -2.05 -36.81
C LYS B 196 13.27 -0.91 -37.82
N TYR B 197 12.37 0.07 -37.81
CA TYR B 197 12.42 1.14 -38.78
C TYR B 197 13.58 2.10 -38.56
N PHE B 198 13.73 2.61 -37.33
CA PHE B 198 14.84 3.52 -36.99
C PHE B 198 16.11 2.96 -36.31
N VAL B 199 16.10 1.71 -35.88
CA VAL B 199 17.19 1.24 -35.02
C VAL B 199 18.12 0.19 -35.62
N LYS B 200 19.40 0.54 -35.77
CA LYS B 200 20.39 -0.45 -36.19
C LYS B 200 21.18 -0.93 -34.96
N ILE B 201 21.66 -2.17 -34.96
CA ILE B 201 22.32 -2.74 -33.80
C ILE B 201 23.74 -3.20 -34.11
N GLY B 202 24.58 -3.34 -33.07
CA GLY B 202 25.96 -3.78 -33.22
C GLY B 202 26.81 -3.63 -31.97
N PRO B 203 28.09 -4.08 -32.04
CA PRO B 203 28.91 -4.13 -30.83
C PRO B 203 29.28 -2.70 -30.49
N GLU B 204 29.66 -2.44 -29.24
CA GLU B 204 29.88 -1.08 -28.78
C GLU B 204 30.85 -0.32 -29.67
N ARG B 205 30.51 0.94 -29.94
CA ARG B 205 31.31 1.78 -30.83
C ARG B 205 31.50 3.18 -30.29
N THR B 206 32.73 3.68 -30.40
CA THR B 206 33.07 5.03 -29.96
C THR B 206 32.77 6.03 -31.07
N CYS B 207 32.10 7.12 -30.71
CA CYS B 207 31.63 8.09 -31.70
C CYS B 207 32.79 8.67 -32.50
N CYS B 208 32.55 8.92 -33.78
CA CYS B 208 33.54 9.60 -34.61
C CYS B 208 33.77 10.96 -33.99
N LEU B 209 35.04 11.37 -33.94
CA LEU B 209 35.46 12.68 -33.43
C LEU B 209 35.16 12.97 -31.94
N CYS B 210 34.99 11.92 -31.13
CA CYS B 210 34.67 12.11 -29.70
C CYS B 210 35.08 10.93 -28.85
N ASP B 211 35.09 11.17 -27.55
CA ASP B 211 35.52 10.17 -26.58
C ASP B 211 34.38 9.20 -26.25
N LYS B 212 33.16 9.73 -26.16
CA LYS B 212 32.03 8.97 -25.61
C LYS B 212 31.40 7.96 -26.58
N ARG B 213 30.85 6.89 -25.99
CA ARG B 213 30.25 5.81 -26.77
C ARG B 213 29.13 6.33 -27.65
N ALA B 214 28.89 5.63 -28.76
CA ALA B 214 28.00 6.07 -29.84
C ALA B 214 26.51 5.81 -29.61
N THR B 215 25.72 6.88 -29.69
CA THR B 215 24.27 6.78 -29.75
C THR B 215 23.67 6.54 -31.14
N CYS B 216 24.21 7.21 -32.15
CA CYS B 216 23.57 7.30 -33.45
C CYS B 216 24.36 6.66 -34.58
N PHE B 217 23.67 6.38 -35.68
CA PHE B 217 24.29 5.90 -36.91
C PHE B 217 23.72 6.64 -38.11
N SER B 218 24.58 7.01 -39.05
CA SER B 218 24.14 7.65 -40.29
C SER B 218 24.52 6.79 -41.48
N THR B 219 23.53 6.42 -42.28
CA THR B 219 23.76 5.62 -43.48
C THR B 219 24.23 6.47 -44.65
N SER B 220 23.88 7.76 -44.64
CA SER B 220 24.28 8.68 -45.71
C SER B 220 25.75 8.45 -46.01
N SER B 221 26.55 8.39 -44.95
CA SER B 221 27.91 7.90 -45.03
C SER B 221 28.17 7.11 -43.77
N ASP B 222 28.73 5.90 -43.92
CA ASP B 222 28.90 5.04 -42.77
C ASP B 222 29.72 5.80 -41.73
N THR B 223 29.13 6.00 -40.56
CA THR B 223 29.77 6.71 -39.44
C THR B 223 29.03 6.32 -38.17
N TYR B 224 29.66 6.55 -37.02
CA TYR B 224 28.93 6.47 -35.76
C TYR B 224 29.00 7.83 -35.10
N ALA B 225 28.07 8.10 -34.19
CA ALA B 225 28.06 9.40 -33.51
C ALA B 225 27.55 9.37 -32.08
N CYS B 226 27.39 10.57 -31.56
CA CYS B 226 27.34 10.83 -30.12
C CYS B 226 26.09 11.64 -29.85
N TRP B 227 25.59 11.56 -28.62
CA TRP B 227 24.35 12.25 -28.29
C TRP B 227 24.37 13.71 -28.71
N ASN B 228 25.42 14.43 -28.31
CA ASN B 228 25.59 15.85 -28.65
C ASN B 228 25.92 16.05 -30.13
N HIS B 229 26.89 15.27 -30.59
CA HIS B 229 27.65 15.58 -31.80
C HIS B 229 27.10 14.94 -33.09
N SER B 230 25.95 14.27 -32.99
CA SER B 230 25.22 13.84 -34.18
C SER B 230 24.44 14.98 -34.80
N VAL B 231 24.18 14.88 -36.10
CA VAL B 231 23.12 15.63 -36.74
C VAL B 231 22.82 14.93 -38.03
N GLY B 232 21.62 15.12 -38.56
CA GLY B 232 21.26 14.54 -39.83
C GLY B 232 21.57 13.06 -39.81
N PHE B 233 21.63 12.49 -38.60
CA PHE B 233 21.82 11.05 -38.42
C PHE B 233 20.45 10.40 -38.33
N ASP B 234 20.22 9.41 -39.20
CA ASP B 234 18.90 8.78 -39.32
C ASP B 234 18.60 7.71 -38.27
N TYR B 235 19.61 6.94 -37.89
CA TYR B 235 19.37 5.77 -37.03
C TYR B 235 19.98 5.85 -35.62
N VAL B 236 19.36 5.11 -34.70
CA VAL B 236 19.83 4.97 -33.34
C VAL B 236 20.72 3.73 -33.22
N TYR B 237 21.96 3.87 -32.73
CA TYR B 237 22.91 2.73 -32.79
C TYR B 237 22.78 1.60 -31.77
N ASN B 238 22.61 1.89 -30.48
CA ASN B 238 22.42 0.76 -29.56
C ASN B 238 21.46 1.00 -28.42
N PRO B 239 20.18 1.25 -28.73
CA PRO B 239 19.27 1.65 -27.65
C PRO B 239 19.16 0.53 -26.62
N PHE B 240 18.71 0.89 -25.44
CA PHE B 240 18.38 -0.09 -24.42
C PHE B 240 16.91 0.09 -24.08
N MET B 241 16.31 -0.92 -23.48
CA MET B 241 14.88 -0.81 -23.22
C MET B 241 14.52 -1.69 -22.04
N ILE B 242 13.46 -1.30 -21.35
CA ILE B 242 12.97 -2.03 -20.20
C ILE B 242 11.44 -2.16 -20.33
N ASP B 243 10.92 -3.37 -20.21
CA ASP B 243 9.47 -3.50 -20.23
C ASP B 243 8.92 -3.53 -18.82
N VAL B 244 8.24 -2.44 -18.47
CA VAL B 244 7.72 -2.22 -17.12
C VAL B 244 6.73 -3.29 -16.70
N GLN B 245 5.91 -3.71 -17.65
CA GLN B 245 4.87 -4.68 -17.36
C GLN B 245 5.49 -6.02 -16.94
N GLN B 246 6.72 -6.25 -17.38
CA GLN B 246 7.45 -7.47 -17.04
C GLN B 246 7.75 -7.56 -15.54
N TRP B 247 7.41 -6.51 -14.80
CA TRP B 247 7.57 -6.50 -13.35
C TRP B 247 6.32 -7.06 -12.67
N GLY B 248 5.40 -7.58 -13.49
CA GLY B 248 4.23 -8.27 -12.99
C GLY B 248 3.17 -7.42 -12.32
N PHE B 249 2.66 -6.44 -13.05
CA PHE B 249 1.49 -5.70 -12.63
C PHE B 249 0.23 -6.49 -12.96
N THR B 250 -0.85 -6.19 -12.25
CA THR B 250 -2.12 -6.87 -12.44
C THR B 250 -2.86 -6.53 -13.74
N GLY B 251 -3.15 -5.25 -13.96
CA GLY B 251 -4.09 -4.87 -15.00
C GLY B 251 -3.52 -4.24 -16.25
N ASN B 252 -4.32 -3.43 -16.94
CA ASN B 252 -3.83 -2.62 -18.05
C ASN B 252 -3.06 -1.43 -17.50
N LEU B 253 -2.23 -0.82 -18.34
CA LEU B 253 -1.35 0.26 -17.89
C LEU B 253 -2.08 1.36 -17.13
N GLN B 254 -3.10 1.96 -17.74
CA GLN B 254 -3.79 3.07 -17.08
C GLN B 254 -4.37 2.71 -15.72
N SER B 255 -4.69 1.43 -15.53
CA SER B 255 -5.28 0.96 -14.28
C SER B 255 -4.33 1.16 -13.11
N ASN B 256 -3.12 0.62 -13.26
CA ASN B 256 -2.08 0.77 -12.26
C ASN B 256 -1.59 2.21 -12.17
N HIS B 257 -1.22 2.79 -13.31
CA HIS B 257 -0.70 4.15 -13.33
C HIS B 257 -1.57 5.09 -12.53
N ASP B 258 -2.88 5.00 -12.72
CA ASP B 258 -3.80 5.93 -12.07
C ASP B 258 -3.96 5.71 -10.57
N GLN B 259 -3.62 4.51 -10.09
CA GLN B 259 -3.66 4.18 -8.66
C GLN B 259 -2.85 5.19 -7.85
N HIS B 260 -1.69 5.54 -8.40
CA HIS B 260 -0.73 6.42 -7.77
C HIS B 260 -0.91 7.86 -8.24
N CYS B 261 -0.73 8.08 -9.54
CA CYS B 261 -0.68 9.41 -10.11
C CYS B 261 -1.98 9.96 -10.75
N GLN B 262 -2.51 11.05 -10.19
CA GLN B 262 -3.73 11.67 -10.72
C GLN B 262 -3.47 12.85 -11.65
N VAL B 263 -2.20 13.16 -11.92
CA VAL B 263 -1.90 14.33 -12.74
C VAL B 263 -1.99 14.08 -14.23
N HIS B 264 -1.88 12.83 -14.64
CA HIS B 264 -2.00 12.50 -16.05
C HIS B 264 -3.38 11.94 -16.36
N GLY B 265 -4.20 12.74 -17.04
CA GLY B 265 -5.45 12.28 -17.59
C GLY B 265 -5.12 11.69 -18.94
N ASN B 266 -5.89 10.70 -19.39
CA ASN B 266 -5.57 10.02 -20.63
C ASN B 266 -6.38 10.53 -21.79
N ALA B 267 -5.68 10.96 -22.85
CA ALA B 267 -6.26 11.04 -24.18
C ALA B 267 -5.47 10.01 -24.97
N HIS B 268 -6.13 9.12 -25.70
CA HIS B 268 -5.48 7.86 -26.06
C HIS B 268 -4.21 8.03 -26.90
N VAL B 269 -3.88 9.27 -27.23
CA VAL B 269 -2.69 9.64 -27.98
C VAL B 269 -1.38 8.99 -27.49
N ALA B 270 -0.54 8.60 -28.44
CA ALA B 270 0.66 7.83 -28.15
C ALA B 270 1.51 8.42 -27.04
N SER B 271 1.85 9.70 -27.14
CA SER B 271 2.63 10.37 -26.11
C SER B 271 2.06 10.06 -24.73
N CYS B 272 0.85 10.54 -24.50
CA CYS B 272 0.18 10.34 -23.22
C CYS B 272 0.22 8.87 -22.79
N ASP B 273 0.19 7.96 -23.75
CA ASP B 273 0.27 6.53 -23.45
C ASP B 273 1.68 6.22 -22.99
N ALA B 274 2.66 6.92 -23.54
CA ALA B 274 4.06 6.66 -23.22
C ALA B 274 4.58 7.44 -22.00
N ILE B 275 3.83 8.44 -21.58
CA ILE B 275 4.17 9.18 -20.38
C ILE B 275 3.76 8.35 -19.18
N MET B 276 2.54 7.82 -19.24
CA MET B 276 2.02 7.01 -18.15
C MET B 276 2.93 5.81 -17.89
N THR B 277 3.79 5.49 -18.85
CA THR B 277 4.69 4.36 -18.66
C THR B 277 5.92 4.75 -17.85
N ARG B 278 6.34 6.00 -17.97
CA ARG B 278 7.46 6.50 -17.18
C ARG B 278 7.04 6.70 -15.72
N CYS B 279 5.88 7.33 -15.51
CA CYS B 279 5.31 7.50 -14.19
C CYS B 279 5.45 6.19 -13.42
N LEU B 280 4.70 5.18 -13.85
CA LEU B 280 4.73 3.88 -13.21
C LEU B 280 6.18 3.46 -13.01
N ALA B 281 6.97 3.62 -14.06
CA ALA B 281 8.40 3.30 -13.98
C ALA B 281 9.02 4.03 -12.79
N VAL B 282 8.83 5.35 -12.75
CA VAL B 282 9.38 6.18 -11.67
C VAL B 282 8.77 5.84 -10.32
N HIS B 283 7.44 5.79 -10.22
CA HIS B 283 6.83 5.51 -8.93
C HIS B 283 7.27 4.17 -8.38
N GLU B 284 7.06 3.13 -9.17
CA GLU B 284 7.34 1.79 -8.71
C GLU B 284 8.84 1.67 -8.41
N CYS B 285 9.58 2.71 -8.75
CA CYS B 285 11.02 2.72 -8.47
C CYS B 285 11.47 3.70 -7.36
N PHE B 286 11.24 4.98 -7.56
CA PHE B 286 11.78 6.01 -6.66
C PHE B 286 10.87 6.61 -5.58
N VAL B 287 9.63 6.18 -5.45
CA VAL B 287 8.86 6.64 -4.31
C VAL B 287 8.96 5.66 -3.12
N LYS B 288 9.59 4.51 -3.35
CA LYS B 288 10.19 3.75 -2.27
C LYS B 288 11.31 4.66 -1.77
N ARG B 289 11.75 4.55 -0.53
CA ARG B 289 12.53 5.64 0.04
C ARG B 289 14.05 5.57 -0.21
N VAL B 290 14.52 6.49 -1.05
CA VAL B 290 15.90 7.00 -1.07
C VAL B 290 17.09 6.05 -0.91
N ASP B 291 17.13 4.96 -1.67
CA ASP B 291 18.26 4.03 -1.62
C ASP B 291 19.59 4.75 -1.83
N TRP B 292 20.51 4.56 -0.88
CA TRP B 292 21.81 5.25 -0.88
C TRP B 292 23.00 4.49 -1.43
N SER B 293 22.78 3.29 -1.99
CA SER B 293 23.90 2.53 -2.55
C SER B 293 24.06 2.80 -4.03
N VAL B 294 23.20 3.67 -4.55
CA VAL B 294 23.18 3.96 -5.98
C VAL B 294 23.86 5.29 -6.27
N GLU B 295 24.92 5.24 -7.07
CA GLU B 295 25.70 6.46 -7.35
C GLU B 295 25.54 6.98 -8.78
N TYR B 296 24.88 8.13 -8.93
CA TYR B 296 24.74 8.77 -10.23
C TYR B 296 25.80 9.83 -10.42
N PRO B 297 26.80 9.54 -11.26
CA PRO B 297 27.85 10.49 -11.61
C PRO B 297 27.26 11.83 -12.02
N ILE B 298 27.92 12.92 -11.66
CA ILE B 298 27.37 14.25 -11.87
C ILE B 298 27.92 14.97 -13.08
N ILE B 299 27.01 15.46 -13.89
CA ILE B 299 27.29 16.59 -14.76
C ILE B 299 26.05 17.49 -14.80
N GLY B 300 26.18 18.75 -14.36
CA GLY B 300 27.39 19.27 -13.75
C GLY B 300 27.08 20.29 -12.68
N ASP B 301 28.10 20.70 -11.95
CA ASP B 301 28.01 21.69 -10.85
C ASP B 301 27.02 21.31 -9.74
N GLU B 302 26.81 20.01 -9.59
CA GLU B 302 26.06 19.52 -8.44
C GLU B 302 26.86 19.86 -7.19
N LEU B 303 28.19 19.86 -7.32
CA LEU B 303 29.10 20.14 -6.22
C LEU B 303 28.94 21.56 -5.72
N ARG B 304 28.95 22.52 -6.63
CA ARG B 304 28.77 23.91 -6.26
C ARG B 304 27.36 24.19 -5.75
N VAL B 305 26.43 23.32 -6.07
CA VAL B 305 25.12 23.37 -5.44
C VAL B 305 25.19 22.66 -4.08
N ASN B 306 25.92 21.55 -4.05
CA ASN B 306 26.08 20.74 -2.83
C ASN B 306 26.71 21.50 -1.66
N SER B 307 27.85 22.13 -1.92
CA SER B 307 28.47 22.97 -0.92
C SER B 307 27.54 24.11 -0.58
N ALA B 308 27.19 24.90 -1.59
CA ALA B 308 26.41 26.11 -1.38
C ALA B 308 25.15 25.80 -0.58
N CYS B 309 24.73 24.55 -0.62
CA CYS B 309 23.56 24.11 0.11
C CYS B 309 23.82 24.02 1.62
N ARG B 310 24.85 23.26 1.99
CA ARG B 310 25.21 23.07 3.39
C ARG B 310 25.51 24.40 4.03
N LYS B 311 26.27 25.19 3.29
CA LYS B 311 26.68 26.53 3.71
C LYS B 311 25.47 27.33 4.18
N VAL B 312 24.45 27.42 3.33
CA VAL B 312 23.24 28.16 3.66
C VAL B 312 22.50 27.54 4.83
N GLN B 313 22.51 26.21 4.93
CA GLN B 313 21.81 25.56 6.02
C GLN B 313 22.38 26.02 7.35
N HIS B 314 23.68 25.78 7.51
CA HIS B 314 24.42 26.12 8.72
C HIS B 314 24.14 27.57 9.12
N MET B 315 24.33 28.47 8.18
CA MET B 315 24.11 29.87 8.43
C MET B 315 22.74 30.11 9.09
N VAL B 316 21.67 29.63 8.50
CA VAL B 316 20.33 29.96 9.02
C VAL B 316 19.96 29.16 10.27
N VAL B 317 20.45 27.93 10.38
CA VAL B 317 20.11 27.16 11.56
C VAL B 317 20.96 27.62 12.76
N LYS B 318 22.11 28.22 12.48
CA LYS B 318 22.90 28.86 13.54
C LYS B 318 22.20 30.12 14.03
N SER B 319 21.87 31.00 13.08
CA SER B 319 21.20 32.26 13.39
C SER B 319 19.93 32.00 14.16
N ALA B 320 19.07 31.17 13.58
CA ALA B 320 17.75 30.93 14.14
C ALA B 320 17.83 30.49 15.60
N LEU B 321 18.91 29.79 15.92
CA LEU B 321 19.16 29.38 17.30
C LEU B 321 19.54 30.57 18.15
N LEU B 322 20.48 31.37 17.66
CA LEU B 322 20.87 32.59 18.36
C LEU B 322 19.65 33.46 18.62
N ALA B 323 18.83 33.66 17.59
CA ALA B 323 17.78 34.65 17.65
C ALA B 323 16.75 34.37 18.74
N ASP B 324 16.07 33.24 18.63
CA ASP B 324 14.99 32.95 19.58
C ASP B 324 15.32 31.95 20.72
N LYS B 325 16.57 31.50 20.74
CA LYS B 325 17.08 30.71 21.87
C LYS B 325 16.29 29.45 22.20
N PHE B 326 16.12 28.56 21.23
CA PHE B 326 15.34 27.34 21.46
C PHE B 326 16.04 26.30 22.35
N PRO B 327 15.33 25.81 23.37
CA PRO B 327 15.80 24.80 24.32
C PRO B 327 16.17 23.50 23.62
N VAL B 328 15.31 23.08 22.71
CA VAL B 328 15.51 21.89 21.91
C VAL B 328 15.30 22.21 20.45
N LEU B 329 16.01 21.51 19.57
CA LEU B 329 15.74 21.57 18.13
C LEU B 329 15.33 20.20 17.63
N HIS B 330 14.14 20.11 17.03
CA HIS B 330 13.71 18.82 16.50
C HIS B 330 14.12 18.72 15.02
N ASP B 331 15.08 17.85 14.74
CA ASP B 331 15.55 17.66 13.39
C ASP B 331 14.79 16.49 12.83
N ILE B 332 13.92 16.74 11.86
CA ILE B 332 13.14 15.67 11.28
C ILE B 332 13.70 15.36 9.89
N GLY B 333 13.91 14.07 9.63
CA GLY B 333 14.60 13.64 8.44
C GLY B 333 16.12 13.70 8.50
N ASN B 334 16.69 13.12 9.54
CA ASN B 334 18.15 12.98 9.64
C ASN B 334 18.58 11.51 9.78
N PRO B 335 18.90 10.87 8.65
CA PRO B 335 19.28 9.47 8.60
C PRO B 335 20.48 9.25 9.48
N LYS B 336 21.43 10.17 9.40
CA LYS B 336 22.68 10.12 10.15
C LYS B 336 22.65 11.22 11.19
N ALA B 337 23.31 11.02 12.32
CA ALA B 337 23.28 12.01 13.40
C ALA B 337 23.55 13.43 12.89
N ILE B 338 24.80 13.69 12.57
CA ILE B 338 25.19 14.90 11.82
C ILE B 338 24.46 16.18 12.22
N LYS B 339 24.82 16.73 13.38
CA LYS B 339 24.39 18.08 13.75
C LYS B 339 24.88 19.09 12.71
N CYS B 340 23.99 19.96 12.26
CA CYS B 340 24.33 20.91 11.20
C CYS B 340 25.14 22.07 11.74
N VAL B 341 24.76 22.57 12.90
CA VAL B 341 25.62 23.48 13.66
C VAL B 341 26.20 22.65 14.79
N PRO B 342 27.47 22.24 14.64
CA PRO B 342 27.91 21.15 15.50
C PRO B 342 27.99 21.58 16.95
N GLN B 343 28.19 22.87 17.19
CA GLN B 343 28.30 23.35 18.55
C GLN B 343 27.14 24.25 18.94
N ALA B 344 26.23 23.72 19.74
CA ALA B 344 25.12 24.50 20.26
C ALA B 344 24.70 23.88 21.57
N GLU B 345 24.27 24.71 22.51
CA GLU B 345 23.92 24.21 23.85
C GLU B 345 22.66 23.35 23.76
N VAL B 346 21.98 23.43 22.63
CA VAL B 346 20.63 22.91 22.50
C VAL B 346 20.55 21.40 22.43
N GLU B 347 19.56 20.84 23.11
CA GLU B 347 19.20 19.45 22.93
C GLU B 347 18.95 19.26 21.45
N TRP B 348 19.64 18.32 20.83
CA TRP B 348 19.41 18.10 19.41
C TRP B 348 18.79 16.74 19.24
N LYS B 349 17.50 16.70 18.96
CA LYS B 349 16.79 15.43 18.81
C LYS B 349 16.63 15.07 17.32
N PHE B 350 16.95 13.82 16.97
CA PHE B 350 16.85 13.35 15.59
C PHE B 350 15.62 12.49 15.37
N TYR B 351 14.93 12.70 14.25
CA TYR B 351 13.87 11.81 13.84
C TYR B 351 14.01 11.55 12.35
N ASP B 352 13.85 10.30 11.92
CA ASP B 352 13.79 9.97 10.49
C ASP B 352 12.98 8.70 10.27
N ALA B 353 12.45 8.55 9.06
CA ALA B 353 11.66 7.38 8.71
C ALA B 353 12.52 6.17 8.31
N GLN B 354 13.71 6.42 7.78
CA GLN B 354 14.62 5.34 7.40
C GLN B 354 16.03 5.62 7.92
N PRO B 355 16.20 5.61 9.25
CA PRO B 355 17.48 5.94 9.89
C PRO B 355 18.58 4.95 9.51
N CYS B 356 19.76 5.45 9.15
CA CYS B 356 20.90 4.59 8.85
C CYS B 356 21.25 3.75 10.08
N SER B 357 21.50 2.45 9.85
CA SER B 357 21.54 1.45 10.93
C SER B 357 22.53 1.75 12.05
N ASP B 358 23.81 1.90 11.71
CA ASP B 358 24.73 2.51 12.65
C ASP B 358 24.19 3.92 12.82
N LYS B 359 24.36 4.50 14.00
CA LYS B 359 23.73 5.77 14.32
C LYS B 359 22.21 5.67 14.43
N ALA B 360 21.70 4.48 14.71
CA ALA B 360 20.26 4.32 14.92
C ALA B 360 19.87 4.40 16.40
N TYR B 361 20.88 4.37 17.27
CA TYR B 361 20.65 4.52 18.70
C TYR B 361 20.39 6.00 19.00
N LYS B 362 20.87 6.86 18.11
CA LYS B 362 20.73 8.30 18.28
C LYS B 362 19.37 8.78 17.79
N ILE B 363 18.73 7.97 16.96
CA ILE B 363 17.57 8.45 16.21
C ILE B 363 16.27 7.70 16.54
N GLU B 364 15.19 8.48 16.65
CA GLU B 364 13.85 7.92 16.76
C GLU B 364 13.37 7.61 15.35
N GLU B 365 12.69 6.48 15.18
CA GLU B 365 12.17 6.09 13.88
C GLU B 365 10.76 6.64 13.74
N LEU B 366 10.56 7.54 12.79
CA LEU B 366 9.34 8.33 12.76
C LEU B 366 8.92 8.72 11.34
N PHE B 367 7.61 8.72 11.08
CA PHE B 367 7.10 9.26 9.84
C PHE B 367 6.16 10.42 10.11
N TYR B 368 6.56 11.60 9.67
CA TYR B 368 5.86 12.82 10.04
C TYR B 368 4.65 13.12 9.15
N SER B 369 3.49 13.23 9.77
CA SER B 369 2.29 13.69 9.09
C SER B 369 1.64 14.79 9.91
N TYR B 370 1.50 15.97 9.29
CA TYR B 370 0.97 17.12 10.01
C TYR B 370 -0.33 16.79 10.73
N ALA B 371 -1.14 15.90 10.15
CA ALA B 371 -2.36 15.46 10.80
C ALA B 371 -2.08 14.92 12.19
N THR B 372 -1.13 13.98 12.28
CA THR B 372 -0.79 13.36 13.55
C THR B 372 0.08 14.24 14.45
N HIS B 373 1.11 14.85 13.88
CA HIS B 373 2.14 15.54 14.65
C HIS B 373 2.05 17.07 14.82
N HIS B 374 0.98 17.69 14.35
CA HIS B 374 0.85 19.12 14.60
C HIS B 374 0.89 19.43 16.09
N ASP B 375 0.31 18.53 16.89
CA ASP B 375 0.44 18.59 18.36
C ASP B 375 1.86 18.32 18.80
N LYS B 376 2.36 17.17 18.37
CA LYS B 376 3.39 16.43 19.08
C LYS B 376 4.75 17.09 19.27
N PHE B 377 5.13 18.04 18.43
CA PHE B 377 6.29 18.85 18.79
C PHE B 377 5.88 20.28 18.97
N THR B 378 5.81 20.71 20.23
CA THR B 378 5.40 22.07 20.55
C THR B 378 6.67 22.80 20.90
N ASP B 379 7.27 22.39 22.02
CA ASP B 379 8.48 22.97 22.56
C ASP B 379 9.63 23.03 21.56
N GLY B 380 10.29 24.18 21.50
CA GLY B 380 11.50 24.32 20.71
C GLY B 380 11.21 24.57 19.24
N VAL B 381 12.19 24.24 18.40
CA VAL B 381 12.10 24.49 16.97
C VAL B 381 12.20 23.17 16.20
N CYS B 382 11.57 23.12 15.03
CA CYS B 382 11.67 21.97 14.15
C CYS B 382 12.43 22.33 12.88
N LEU B 383 13.26 21.40 12.42
CA LEU B 383 14.00 21.58 11.19
C LEU B 383 13.62 20.53 10.15
N PHE B 384 12.99 20.97 9.06
CA PHE B 384 12.82 20.09 7.92
C PHE B 384 13.72 20.61 6.83
N TRP B 385 14.83 19.92 6.59
CA TRP B 385 15.73 20.33 5.52
C TRP B 385 15.68 19.30 4.41
N ASN B 386 15.03 19.65 3.31
CA ASN B 386 14.73 18.70 2.27
C ASN B 386 14.12 17.45 2.83
N CYS B 387 13.24 17.61 3.80
CA CYS B 387 12.34 16.52 4.19
C CYS B 387 10.94 17.01 3.85
N ASN B 388 10.39 16.47 2.78
CA ASN B 388 9.25 17.11 2.13
C ASN B 388 7.99 16.46 2.61
N VAL B 389 6.94 17.24 2.81
CA VAL B 389 5.79 16.67 3.49
C VAL B 389 4.39 17.25 3.35
N ASP B 390 3.55 16.61 4.15
CA ASP B 390 2.28 17.11 4.62
C ASP B 390 2.67 18.49 5.15
N ARG B 391 1.75 19.45 5.11
CA ARG B 391 2.12 20.83 5.45
C ARG B 391 2.93 20.97 6.75
N TYR B 392 3.92 21.85 6.72
CA TYR B 392 4.83 22.09 7.84
C TYR B 392 4.17 22.77 9.03
N PRO B 393 4.64 22.43 10.26
CA PRO B 393 4.25 23.00 11.56
C PRO B 393 4.69 24.45 11.78
N ALA B 394 3.93 25.17 12.60
CA ALA B 394 4.09 26.62 12.78
C ALA B 394 5.49 27.10 13.16
N ASN B 395 6.16 26.34 14.02
CA ASN B 395 7.51 26.69 14.42
C ASN B 395 8.49 25.80 13.67
N ALA B 396 9.12 26.33 12.62
CA ALA B 396 9.99 25.49 11.82
C ALA B 396 10.95 26.25 10.95
N ILE B 397 12.00 25.57 10.53
CA ILE B 397 12.95 26.11 9.58
C ILE B 397 13.05 25.05 8.50
N VAL B 398 12.62 25.37 7.27
CA VAL B 398 12.52 24.36 6.22
C VAL B 398 13.09 24.74 4.86
N CYS B 399 13.65 23.74 4.19
CA CYS B 399 14.04 23.87 2.81
C CYS B 399 13.28 22.82 2.02
N ARG B 400 12.48 23.27 1.07
CA ARG B 400 11.75 22.37 0.17
C ARG B 400 12.17 22.68 -1.24
N PHE B 401 12.28 21.65 -2.05
CA PHE B 401 12.61 21.83 -3.46
C PHE B 401 11.36 22.19 -4.24
N ASP B 402 11.45 23.17 -5.13
CA ASP B 402 10.30 23.49 -5.99
C ASP B 402 10.37 22.73 -7.32
N THR B 403 9.48 21.76 -7.46
CA THR B 403 9.51 20.80 -8.55
C THR B 403 9.41 21.48 -9.91
N ARG B 404 8.64 22.57 -9.95
CA ARG B 404 8.36 23.29 -11.19
C ARG B 404 9.57 23.73 -12.01
N VAL B 405 10.68 24.06 -11.38
CA VAL B 405 11.87 24.48 -12.12
C VAL B 405 12.46 23.29 -12.85
N LEU B 406 13.07 23.54 -14.01
CA LEU B 406 13.79 22.46 -14.67
C LEU B 406 15.29 22.78 -14.78
N SER B 407 16.09 21.74 -14.60
CA SER B 407 17.52 21.79 -14.80
C SER B 407 17.87 20.35 -15.13
N ASN B 408 19.03 20.13 -15.73
CA ASN B 408 19.39 18.77 -16.12
C ASN B 408 19.45 17.88 -14.88
N LEU B 409 19.36 18.50 -13.71
CA LEU B 409 19.41 17.76 -12.46
C LEU B 409 18.08 17.07 -12.19
N ASN B 410 16.97 17.77 -12.45
CA ASN B 410 15.66 17.23 -12.08
C ASN B 410 14.76 16.83 -13.25
N LEU B 411 14.11 15.69 -13.05
CA LEU B 411 13.39 15.01 -14.10
C LEU B 411 11.94 14.94 -13.69
N PRO B 412 11.04 14.71 -14.65
CA PRO B 412 9.62 14.64 -14.33
C PRO B 412 9.33 13.36 -13.55
N GLY B 413 8.21 13.34 -12.83
CA GLY B 413 7.84 12.20 -12.01
C GLY B 413 6.34 12.12 -11.73
N CYS B 414 5.95 11.24 -10.83
CA CYS B 414 4.55 11.12 -10.47
C CYS B 414 4.37 11.52 -9.03
N ASP B 415 3.24 12.15 -8.73
CA ASP B 415 2.35 12.69 -9.72
C ASP B 415 2.51 14.19 -9.65
N GLY B 416 3.13 14.76 -10.66
CA GLY B 416 3.46 16.18 -10.63
C GLY B 416 4.71 16.44 -9.80
N GLY B 417 5.14 15.44 -9.03
CA GLY B 417 6.41 15.52 -8.34
C GLY B 417 7.53 15.53 -9.35
N SER B 418 8.75 15.75 -8.89
CA SER B 418 9.90 15.60 -9.77
C SER B 418 10.93 14.68 -9.14
N LEU B 419 11.55 13.85 -9.97
CA LEU B 419 12.65 13.05 -9.49
C LEU B 419 13.89 13.89 -9.68
N TYR B 420 14.60 14.13 -8.58
CA TYR B 420 15.71 15.06 -8.57
C TYR B 420 17.02 14.32 -8.40
N VAL B 421 17.93 14.52 -9.33
CA VAL B 421 19.19 13.77 -9.24
C VAL B 421 20.43 14.64 -9.12
N ASN B 422 21.02 14.60 -7.93
CA ASN B 422 22.28 15.24 -7.61
C ASN B 422 23.23 14.12 -7.32
N LYS B 423 22.88 13.39 -6.27
CA LYS B 423 23.42 12.07 -6.07
C LYS B 423 22.33 11.36 -5.29
N HIS B 424 22.15 10.07 -5.52
CA HIS B 424 21.11 9.36 -4.79
C HIS B 424 19.75 9.97 -5.12
N ALA B 425 19.25 9.70 -6.31
CA ALA B 425 18.16 10.49 -6.84
C ALA B 425 17.02 10.64 -5.85
N PHE B 426 16.60 11.88 -5.63
CA PHE B 426 15.63 12.21 -4.59
C PHE B 426 14.27 12.55 -5.15
N HIS B 427 13.30 11.65 -4.97
CA HIS B 427 11.99 11.98 -5.48
C HIS B 427 11.29 12.89 -4.50
N THR B 428 10.72 13.97 -5.02
CA THR B 428 10.08 14.95 -4.16
C THR B 428 8.67 15.27 -4.61
N PRO B 429 7.75 15.40 -3.65
CA PRO B 429 6.35 15.74 -3.94
C PRO B 429 6.28 17.03 -4.71
N ALA B 430 5.17 17.26 -5.40
CA ALA B 430 5.01 18.49 -6.15
C ALA B 430 4.80 19.66 -5.22
N PHE B 431 5.23 20.84 -5.67
CA PHE B 431 5.24 22.03 -4.84
C PHE B 431 3.84 22.50 -4.52
N ASP B 432 3.53 22.58 -3.23
CA ASP B 432 2.20 22.94 -2.77
C ASP B 432 2.27 24.09 -1.76
N LYS B 433 1.71 25.24 -2.13
CA LYS B 433 1.72 26.38 -1.24
C LYS B 433 1.04 26.10 0.09
N SER B 434 0.03 25.23 0.09
CA SER B 434 -0.65 24.83 1.33
C SER B 434 0.33 24.30 2.38
N ALA B 435 1.47 23.78 1.94
CA ALA B 435 2.47 23.21 2.83
C ALA B 435 3.01 24.30 3.76
N PHE B 436 3.10 25.50 3.21
CA PHE B 436 3.74 26.62 3.88
C PHE B 436 2.75 27.54 4.61
N THR B 437 1.49 27.14 4.65
CA THR B 437 0.45 27.99 5.27
C THR B 437 0.86 28.53 6.65
N ASN B 438 1.49 27.68 7.44
CA ASN B 438 1.88 28.07 8.80
C ASN B 438 3.20 28.85 8.90
N LEU B 439 4.04 28.73 7.88
CA LEU B 439 5.31 29.44 7.85
C LEU B 439 5.19 30.71 7.02
N LYS B 440 6.33 31.34 6.81
CA LYS B 440 6.45 32.50 5.93
C LYS B 440 7.81 32.37 5.23
N GLN B 441 8.01 33.14 4.18
CA GLN B 441 9.25 32.97 3.42
C GLN B 441 10.44 33.59 4.11
N LEU B 442 11.62 33.03 3.84
CA LEU B 442 12.87 33.44 4.49
C LEU B 442 13.61 34.50 3.68
N PRO B 443 13.64 35.75 4.18
CA PRO B 443 14.33 36.82 3.46
C PRO B 443 15.83 36.63 3.57
N PHE B 444 16.58 37.05 2.56
CA PHE B 444 18.01 36.83 2.58
C PHE B 444 18.69 37.69 3.62
N PHE B 445 19.64 37.09 4.33
CA PHE B 445 20.46 37.78 5.32
C PHE B 445 21.80 37.06 5.52
N TYR B 446 22.74 37.75 6.15
CA TYR B 446 24.02 37.16 6.51
C TYR B 446 24.23 37.32 8.00
N TYR B 447 24.94 36.39 8.61
CA TYR B 447 25.37 36.58 10.00
C TYR B 447 26.76 36.01 10.23
N SER B 448 27.64 36.80 10.81
CA SER B 448 28.90 36.27 11.30
C SER B 448 29.28 36.89 12.63
N ASP B 449 29.62 36.03 13.58
CA ASP B 449 30.14 36.48 14.86
C ASP B 449 31.63 36.22 14.79
N SER B 450 32.42 37.27 14.66
CA SER B 450 33.86 37.11 14.56
C SER B 450 34.58 38.42 14.77
N PRO B 451 35.91 38.34 14.78
CA PRO B 451 36.86 39.45 14.59
C PRO B 451 36.97 39.81 13.12
N CYS B 452 36.97 41.10 12.78
CA CYS B 452 37.24 41.47 11.39
C CYS B 452 38.72 41.39 11.07
N GLU B 453 39.04 41.32 9.78
CA GLU B 453 40.42 41.34 9.28
C GLU B 453 40.56 42.23 8.05
N TYR B 465 37.12 43.04 -5.14
CA TYR B 465 38.02 43.75 -4.23
C TYR B 465 37.40 45.02 -3.66
N VAL B 466 36.61 45.71 -4.50
CA VAL B 466 35.92 46.92 -4.08
C VAL B 466 34.83 46.64 -3.04
N PRO B 467 34.76 47.48 -2.00
CA PRO B 467 33.82 47.29 -0.89
C PRO B 467 32.38 47.64 -1.26
N LEU B 468 31.43 46.97 -0.61
CA LEU B 468 30.01 47.20 -0.86
C LEU B 468 29.19 47.10 0.43
N LYS B 469 28.28 48.05 0.63
CA LYS B 469 27.42 48.06 1.80
C LYS B 469 26.14 47.29 1.53
N SER B 470 25.70 46.52 2.53
CA SER B 470 24.49 45.71 2.39
C SER B 470 23.52 45.97 3.53
N ALA B 471 22.36 46.54 3.20
CA ALA B 471 21.33 46.82 4.18
C ALA B 471 21.11 45.58 5.05
N THR B 472 21.16 44.42 4.41
CA THR B 472 21.06 43.20 5.18
C THR B 472 22.34 42.40 5.15
N CYS B 473 23.15 42.58 6.17
CA CYS B 473 23.84 41.49 6.81
C CYS B 473 23.91 41.91 8.25
N ILE B 474 23.35 41.14 9.18
CA ILE B 474 23.73 41.39 10.53
C ILE B 474 25.18 41.02 10.34
N THR B 475 26.07 41.95 10.66
CA THR B 475 27.47 41.75 10.32
C THR B 475 28.27 41.78 11.56
N ARG B 476 29.45 41.19 11.48
CA ARG B 476 30.41 41.25 12.56
C ARG B 476 30.53 42.70 13.06
N CYS B 477 30.74 43.64 12.13
CA CYS B 477 30.93 45.00 12.55
C CYS B 477 30.08 46.00 11.77
N ASN B 478 29.00 46.47 12.40
CA ASN B 478 28.16 47.49 11.79
C ASN B 478 28.18 48.93 12.32
N LEU B 479 29.00 49.23 13.32
CA LEU B 479 29.09 50.62 13.75
C LEU B 479 29.34 51.51 12.54
N GLY B 480 30.25 51.08 11.67
CA GLY B 480 30.70 51.85 10.54
C GLY B 480 29.82 51.66 9.33
N GLY B 481 30.41 51.73 8.15
CA GLY B 481 29.67 51.54 6.91
C GLY B 481 28.79 50.31 7.01
N ALA B 482 29.36 49.19 7.43
CA ALA B 482 30.81 49.03 7.57
C ALA B 482 31.29 47.88 6.72
N VAL B 483 31.99 48.20 5.63
CA VAL B 483 32.59 47.15 4.82
C VAL B 483 33.86 46.77 5.56
N CYS B 484 33.93 45.54 6.01
CA CYS B 484 35.06 45.09 6.82
C CYS B 484 35.71 43.98 6.03
N ARG B 485 36.90 44.24 5.50
CA ARG B 485 37.38 43.49 4.34
C ARG B 485 37.25 41.97 4.45
N HIS B 486 37.24 41.43 5.67
CA HIS B 486 37.10 39.97 5.83
C HIS B 486 35.66 39.47 5.65
N HIS B 487 34.68 40.14 6.26
CA HIS B 487 33.28 39.77 6.05
C HIS B 487 32.80 40.33 4.70
N ALA B 488 33.27 41.50 4.35
CA ALA B 488 32.96 42.07 3.06
C ALA B 488 33.25 41.06 1.97
N ASN B 489 34.27 40.23 2.17
CA ASN B 489 34.55 39.13 1.25
C ASN B 489 33.64 37.92 1.48
N GLU B 490 33.48 37.53 2.74
CA GLU B 490 32.68 36.35 3.07
C GLU B 490 31.20 36.56 2.75
N TYR B 491 30.71 37.77 2.96
CA TYR B 491 29.32 38.08 2.69
C TYR B 491 29.05 38.10 1.19
N ARG B 492 30.05 38.52 0.42
CA ARG B 492 29.91 38.48 -1.02
C ARG B 492 30.01 37.03 -1.51
N GLN B 493 30.70 36.19 -0.74
CA GLN B 493 30.79 34.76 -1.07
C GLN B 493 29.60 33.90 -0.61
N TYR B 494 29.02 34.22 0.54
CA TYR B 494 27.86 33.48 1.01
C TYR B 494 26.56 33.94 0.36
N LEU B 495 26.54 35.14 -0.19
CA LEU B 495 25.39 35.57 -0.98
C LEU B 495 25.42 34.94 -2.37
N ASP B 496 26.62 34.73 -2.90
CA ASP B 496 26.78 34.02 -4.17
C ASP B 496 26.22 32.61 -4.05
N ALA B 497 26.73 31.84 -3.09
CA ALA B 497 26.29 30.47 -2.90
C ALA B 497 24.81 30.37 -2.48
N TYR B 498 24.26 31.46 -1.96
CA TYR B 498 22.83 31.51 -1.67
C TYR B 498 22.01 31.84 -2.92
N ASN B 499 22.50 32.77 -3.72
CA ASN B 499 21.85 33.10 -4.98
C ASN B 499 21.80 31.89 -5.91
N MET B 500 22.77 30.99 -5.71
CA MET B 500 22.90 29.77 -6.52
C MET B 500 21.90 28.69 -6.15
N MET B 501 21.80 28.41 -4.86
CA MET B 501 20.87 27.37 -4.41
C MET B 501 19.43 27.80 -4.66
N ILE B 502 19.20 29.11 -4.69
CA ILE B 502 17.88 29.64 -5.02
C ILE B 502 17.55 29.34 -6.48
N SER B 503 18.56 29.41 -7.35
CA SER B 503 18.38 29.16 -8.77
C SER B 503 18.46 27.67 -9.05
N ALA B 504 18.88 26.92 -8.05
CA ALA B 504 18.77 25.47 -8.09
C ALA B 504 17.31 25.10 -7.92
N GLY B 505 16.48 26.13 -7.70
CA GLY B 505 15.05 25.96 -7.56
C GLY B 505 14.58 25.99 -6.12
N PHE B 506 15.49 25.74 -5.18
CA PHE B 506 15.16 25.61 -3.76
C PHE B 506 14.49 26.84 -3.15
N SER B 507 13.69 26.62 -2.11
CA SER B 507 13.15 27.74 -1.35
C SER B 507 13.37 27.56 0.16
N LEU B 508 13.40 28.68 0.88
CA LEU B 508 13.63 28.66 2.32
C LEU B 508 12.44 29.28 3.07
N TRP B 509 11.94 28.56 4.06
CA TRP B 509 10.75 28.98 4.78
C TRP B 509 10.98 28.88 6.29
N ILE B 510 10.65 29.95 7.00
CA ILE B 510 10.94 30.04 8.43
C ILE B 510 9.67 30.24 9.23
N TYR B 511 9.71 29.91 10.52
CA TYR B 511 8.60 30.24 11.39
C TYR B 511 8.44 31.75 11.32
N LYS B 512 7.22 32.23 11.52
CA LYS B 512 6.96 33.66 11.30
C LYS B 512 7.59 34.58 12.34
N GLN B 513 7.59 34.15 13.60
CA GLN B 513 8.10 34.97 14.70
C GLN B 513 9.49 35.53 14.39
N PHE B 514 10.26 34.77 13.62
CA PHE B 514 11.65 35.09 13.32
C PHE B 514 11.82 36.52 12.83
N ASP B 515 12.82 37.21 13.35
CA ASP B 515 13.09 38.61 13.05
C ASP B 515 14.59 38.86 12.88
N THR B 516 15.00 39.45 11.77
CA THR B 516 16.42 39.70 11.53
C THR B 516 17.03 40.36 12.75
N TYR B 517 16.23 41.20 13.39
CA TYR B 517 16.70 42.10 14.46
C TYR B 517 17.43 41.40 15.59
N ASN B 518 16.78 40.40 16.18
CA ASN B 518 17.25 39.82 17.43
C ASN B 518 18.68 39.34 17.35
N LEU B 519 19.20 39.25 16.13
CA LEU B 519 20.60 38.86 15.93
C LEU B 519 21.59 39.94 16.36
N TRP B 520 21.16 41.21 16.39
CA TRP B 520 22.05 42.30 16.82
C TRP B 520 22.32 42.27 18.33
N ASN B 521 21.32 41.85 19.11
CA ASN B 521 21.43 41.76 20.58
C ASN B 521 22.46 40.74 21.04
N THR B 522 22.98 39.95 20.10
CA THR B 522 24.06 39.02 20.38
C THR B 522 25.39 39.76 20.21
N PHE B 523 25.28 41.00 19.74
CA PHE B 523 26.44 41.87 19.60
C PHE B 523 26.64 42.79 20.82
N THR B 524 25.75 42.64 21.80
CA THR B 524 25.80 43.46 23.01
C THR B 524 26.88 42.93 23.96
N ARG B 525 27.40 43.83 24.81
CA ARG B 525 28.36 43.46 25.84
C ARG B 525 28.80 44.69 26.64
N GLY C 4 -35.03 -20.30 29.07
CA GLY C 4 -35.94 -21.40 29.33
C GLY C 4 -36.57 -21.98 28.08
N SER C 5 -37.07 -23.22 28.18
CA SER C 5 -37.69 -23.92 27.05
C SER C 5 -39.13 -23.46 26.84
N ALA C 6 -39.78 -23.08 27.94
CA ALA C 6 -41.18 -22.72 27.94
C ALA C 6 -41.47 -21.43 27.17
N GLY C 7 -42.74 -21.24 26.82
CA GLY C 7 -43.15 -20.07 26.04
C GLY C 7 -43.38 -20.45 24.60
N ASN C 8 -44.01 -19.55 23.84
CA ASN C 8 -44.34 -19.84 22.47
C ASN C 8 -43.62 -18.93 21.48
N ALA C 9 -42.79 -19.52 20.63
CA ALA C 9 -42.00 -18.78 19.67
C ALA C 9 -42.84 -17.91 18.76
N THR C 10 -42.44 -16.66 18.58
CA THR C 10 -43.19 -15.74 17.73
C THR C 10 -42.66 -15.50 16.31
N GLU C 11 -41.46 -16.01 15.98
CA GLU C 11 -40.80 -15.53 14.77
C GLU C 11 -40.00 -16.56 13.98
N VAL C 12 -39.64 -16.20 12.77
CA VAL C 12 -38.93 -17.12 11.90
C VAL C 12 -37.55 -16.57 11.56
N PRO C 13 -36.57 -17.46 11.45
CA PRO C 13 -35.15 -17.13 11.22
C PRO C 13 -34.92 -16.15 10.08
N ALA C 14 -35.56 -16.36 8.94
CA ALA C 14 -35.33 -15.50 7.80
C ALA C 14 -35.59 -14.04 8.18
N ASN C 15 -36.39 -13.85 9.22
CA ASN C 15 -36.70 -12.51 9.72
C ASN C 15 -35.68 -11.90 10.69
N SER C 16 -35.05 -12.74 11.50
CA SER C 16 -34.26 -12.25 12.65
C SER C 16 -33.22 -11.17 12.31
N THR C 17 -32.42 -11.38 11.27
CA THR C 17 -31.40 -10.41 10.92
C THR C 17 -31.96 -9.00 10.84
N VAL C 18 -33.07 -8.86 10.13
CA VAL C 18 -33.68 -7.55 9.88
C VAL C 18 -34.22 -6.94 11.17
N LEU C 19 -34.88 -7.77 11.97
CA LEU C 19 -35.54 -7.29 13.17
C LEU C 19 -34.55 -6.83 14.22
N SER C 20 -33.52 -7.63 14.47
CA SER C 20 -32.51 -7.23 15.45
C SER C 20 -31.89 -5.90 15.03
N PHE C 21 -31.44 -5.84 13.78
CA PHE C 21 -30.83 -4.62 13.25
C PHE C 21 -31.67 -3.39 13.55
N CYS C 22 -32.99 -3.54 13.45
CA CYS C 22 -33.92 -2.43 13.69
C CYS C 22 -34.19 -2.13 15.17
N ALA C 23 -34.14 -3.15 16.01
CA ALA C 23 -34.41 -2.95 17.43
C ALA C 23 -33.28 -2.10 18.01
N PHE C 24 -32.10 -2.24 17.43
CA PHE C 24 -30.96 -1.49 17.93
C PHE C 24 -30.83 -0.11 17.28
N ALA C 25 -31.60 0.12 16.23
CA ALA C 25 -31.51 1.38 15.51
C ALA C 25 -31.87 2.59 16.37
N VAL C 26 -31.26 3.73 16.07
CA VAL C 26 -31.76 4.98 16.62
C VAL C 26 -32.95 5.38 15.77
N ASP C 27 -32.75 5.34 14.45
CA ASP C 27 -33.86 5.54 13.52
C ASP C 27 -34.18 4.18 12.94
N PRO C 28 -35.24 3.54 13.45
CA PRO C 28 -35.59 2.19 13.04
C PRO C 28 -36.16 2.24 11.63
N ALA C 29 -36.91 3.30 11.38
CA ALA C 29 -37.55 3.52 10.10
C ALA C 29 -36.51 3.51 8.99
N LYS C 30 -35.54 4.41 9.11
CA LYS C 30 -34.46 4.54 8.13
C LYS C 30 -33.72 3.21 7.99
N ALA C 31 -33.41 2.59 9.13
CA ALA C 31 -32.65 1.35 9.16
C ALA C 31 -33.24 0.31 8.22
N TYR C 32 -34.54 0.08 8.37
CA TYR C 32 -35.23 -0.92 7.57
C TYR C 32 -35.13 -0.57 6.08
N LYS C 33 -35.44 0.68 5.75
CA LYS C 33 -35.34 1.16 4.40
C LYS C 33 -33.95 0.88 3.83
N ASP C 34 -32.91 1.31 4.54
CA ASP C 34 -31.55 1.10 4.09
C ASP C 34 -31.26 -0.37 3.86
N TYR C 35 -31.81 -1.23 4.71
CA TYR C 35 -31.56 -2.66 4.62
C TYR C 35 -32.01 -3.20 3.28
N LEU C 36 -33.21 -2.79 2.86
CA LEU C 36 -33.74 -3.18 1.56
C LEU C 36 -32.79 -2.74 0.46
N ALA C 37 -32.39 -1.47 0.51
CA ALA C 37 -31.49 -0.89 -0.48
C ALA C 37 -30.23 -1.73 -0.70
N SER C 38 -29.77 -2.39 0.35
CA SER C 38 -28.54 -3.18 0.28
C SER C 38 -28.80 -4.61 -0.15
N GLY C 39 -30.05 -4.90 -0.49
CA GLY C 39 -30.43 -6.23 -0.97
C GLY C 39 -31.19 -7.10 0.00
N GLY C 40 -31.66 -6.52 1.10
CA GLY C 40 -32.32 -7.29 2.15
C GLY C 40 -33.79 -7.60 1.93
N GLN C 41 -34.21 -8.79 2.38
CA GLN C 41 -35.60 -9.25 2.28
C GLN C 41 -36.53 -8.51 3.22
N PRO C 42 -37.71 -8.09 2.72
CA PRO C 42 -38.66 -7.46 3.65
C PRO C 42 -39.08 -8.46 4.73
N ILE C 43 -39.96 -8.03 5.62
CA ILE C 43 -40.38 -8.86 6.75
C ILE C 43 -41.44 -9.89 6.32
N THR C 44 -41.13 -11.17 6.56
CA THR C 44 -41.91 -12.28 6.01
C THR C 44 -43.21 -12.69 6.74
N ASN C 45 -43.28 -12.46 8.05
CA ASN C 45 -44.27 -13.17 8.86
C ASN C 45 -45.65 -12.54 9.09
N CYS C 46 -45.98 -11.48 8.37
CA CYS C 46 -47.24 -10.76 8.62
C CYS C 46 -48.47 -11.65 8.42
N VAL C 47 -49.57 -11.29 9.06
CA VAL C 47 -50.79 -12.10 8.99
C VAL C 47 -51.67 -11.68 7.82
N LYS C 48 -51.81 -12.58 6.87
CA LYS C 48 -52.54 -12.31 5.64
C LYS C 48 -53.96 -12.85 5.81
N MET C 49 -54.95 -12.00 5.53
CA MET C 49 -56.34 -12.40 5.70
C MET C 49 -56.85 -13.18 4.49
N LEU C 50 -57.73 -14.15 4.73
CA LEU C 50 -58.47 -14.77 3.63
C LEU C 50 -59.70 -13.91 3.39
N CYS C 51 -59.78 -13.33 2.20
CA CYS C 51 -60.78 -12.32 1.94
C CYS C 51 -61.59 -12.67 0.71
N THR C 52 -62.70 -11.96 0.52
CA THR C 52 -63.66 -12.33 -0.53
C THR C 52 -63.29 -12.09 -2.01
N HIS C 53 -62.82 -10.90 -2.41
CA HIS C 53 -62.46 -9.78 -1.53
C HIS C 53 -63.63 -8.82 -1.28
N THR C 54 -63.98 -8.04 -2.30
CA THR C 54 -65.25 -7.30 -2.32
C THR C 54 -65.49 -6.22 -1.25
N GLY C 55 -64.43 -5.70 -0.63
CA GLY C 55 -64.63 -4.68 0.39
C GLY C 55 -64.41 -3.28 -0.10
N THR C 56 -64.94 -2.28 0.61
CA THR C 56 -64.65 -0.89 0.27
C THR C 56 -63.13 -0.77 0.25
N GLY C 57 -62.61 -0.25 -0.84
CA GLY C 57 -61.16 -0.27 -1.05
C GLY C 57 -60.31 0.22 0.11
N GLN C 58 -60.83 1.16 0.88
CA GLN C 58 -59.99 1.95 1.78
C GLN C 58 -59.33 1.17 2.93
N ALA C 59 -58.02 1.34 3.05
CA ALA C 59 -57.30 1.02 4.27
C ALA C 59 -57.37 2.30 5.08
N ILE C 60 -57.49 2.17 6.40
CA ILE C 60 -57.57 0.87 7.05
C ILE C 60 -58.86 0.72 7.82
N THR C 61 -59.31 -0.52 7.95
CA THR C 61 -60.68 -0.82 8.35
C THR C 61 -60.75 -1.62 9.63
N VAL C 62 -61.92 -1.65 10.23
CA VAL C 62 -62.16 -2.44 11.44
C VAL C 62 -62.37 -3.93 11.11
N THR C 63 -62.61 -4.22 9.84
CA THR C 63 -62.78 -5.59 9.37
C THR C 63 -62.27 -5.69 7.92
N PRO C 64 -61.80 -6.88 7.50
CA PRO C 64 -61.11 -6.97 6.21
C PRO C 64 -61.91 -6.40 5.05
N GLU C 65 -61.30 -5.53 4.24
CA GLU C 65 -61.95 -5.01 3.04
C GLU C 65 -60.95 -4.97 1.89
N ALA C 66 -61.18 -5.73 0.85
CA ALA C 66 -60.22 -5.73 -0.24
C ALA C 66 -60.89 -5.55 -1.59
N ASN C 67 -60.57 -4.44 -2.26
CA ASN C 67 -60.97 -4.28 -3.65
C ASN C 67 -60.24 -5.38 -4.42
N MET C 68 -60.72 -5.72 -5.60
CA MET C 68 -60.17 -6.89 -6.29
C MET C 68 -58.63 -6.89 -6.27
N ASP C 69 -58.04 -5.70 -6.41
CA ASP C 69 -56.59 -5.53 -6.54
C ASP C 69 -55.79 -5.46 -5.22
N GLN C 70 -56.47 -5.20 -4.12
CA GLN C 70 -55.88 -5.27 -2.78
C GLN C 70 -55.79 -6.69 -2.17
N GLU C 71 -54.91 -6.82 -1.18
CA GLU C 71 -54.93 -7.93 -0.23
C GLU C 71 -55.06 -7.30 1.15
N SER C 72 -55.56 -8.04 2.14
CA SER C 72 -55.65 -7.48 3.50
C SER C 72 -54.94 -8.28 4.60
N PHE C 73 -54.21 -7.56 5.45
CA PHE C 73 -53.42 -8.13 6.53
C PHE C 73 -53.89 -7.59 7.88
N GLY C 74 -53.54 -8.29 8.96
CA GLY C 74 -53.79 -7.78 10.30
C GLY C 74 -52.88 -6.61 10.67
N GLY C 75 -53.48 -5.55 11.20
CA GLY C 75 -52.78 -4.30 11.42
C GLY C 75 -51.42 -4.35 12.11
N ALA C 76 -51.34 -5.06 13.22
CA ALA C 76 -50.08 -5.16 13.94
C ALA C 76 -48.98 -5.80 13.10
N SER C 77 -49.33 -6.82 12.32
CA SER C 77 -48.32 -7.57 11.57
C SER C 77 -47.66 -6.73 10.48
N CYS C 78 -48.26 -5.60 10.14
CA CYS C 78 -47.72 -4.73 9.10
C CYS C 78 -46.91 -3.54 9.63
N CYS C 79 -46.85 -3.41 10.95
CA CYS C 79 -46.28 -2.23 11.60
C CYS C 79 -44.91 -2.52 12.21
N LEU C 80 -43.88 -1.79 11.76
CA LEU C 80 -42.49 -2.06 12.15
C LEU C 80 -42.29 -2.01 13.66
N TYR C 81 -42.95 -1.06 14.31
CA TYR C 81 -42.78 -0.85 15.75
C TYR C 81 -43.49 -1.92 16.57
N CYS C 82 -44.43 -2.61 15.94
CA CYS C 82 -45.04 -3.77 16.55
C CYS C 82 -44.15 -5.01 16.42
N ARG C 83 -43.55 -5.17 15.25
CA ARG C 83 -42.73 -6.35 14.98
C ARG C 83 -41.45 -6.33 15.81
N CYS C 84 -40.87 -5.14 15.98
CA CYS C 84 -39.63 -5.01 16.72
C CYS C 84 -39.85 -4.70 18.20
N HIS C 85 -41.09 -4.47 18.59
CA HIS C 85 -41.41 -4.26 20.00
C HIS C 85 -40.66 -3.05 20.53
N ILE C 86 -40.72 -1.98 19.76
CA ILE C 86 -40.07 -0.72 20.09
C ILE C 86 -41.14 0.37 20.16
N ASP C 87 -40.82 1.50 20.79
CA ASP C 87 -41.83 2.54 20.95
C ASP C 87 -42.40 2.96 19.60
N HIS C 88 -43.67 3.33 19.62
CA HIS C 88 -44.31 3.86 18.44
C HIS C 88 -44.04 5.34 18.33
N PRO C 89 -43.75 5.81 17.10
CA PRO C 89 -43.39 7.22 16.91
C PRO C 89 -44.63 8.11 16.81
N ASN C 90 -45.52 7.97 17.79
CA ASN C 90 -46.56 8.94 18.04
C ASN C 90 -46.25 9.45 19.43
N PRO C 91 -46.52 10.73 19.73
CA PRO C 91 -46.09 11.24 21.03
C PRO C 91 -46.75 10.52 22.21
N LYS C 92 -47.90 9.89 21.97
CA LYS C 92 -48.56 9.10 23.00
C LYS C 92 -48.14 7.63 22.86
N GLY C 93 -47.30 7.37 21.87
CA GLY C 93 -46.72 6.05 21.68
C GLY C 93 -47.75 4.96 21.50
N PHE C 94 -48.95 5.33 21.09
CA PHE C 94 -50.00 4.37 20.79
C PHE C 94 -50.04 4.09 19.29
N CYS C 95 -50.18 2.81 18.93
CA CYS C 95 -50.09 2.40 17.53
C CYS C 95 -51.44 2.51 16.87
N ASP C 96 -51.46 2.96 15.61
CA ASP C 96 -52.71 3.12 14.89
C ASP C 96 -53.04 1.97 13.93
N LEU C 97 -52.10 1.04 13.76
CA LEU C 97 -52.37 -0.18 13.01
C LEU C 97 -52.96 -1.35 13.80
N LYS C 98 -52.42 -1.60 14.98
CA LYS C 98 -52.76 -2.81 15.73
C LYS C 98 -54.19 -2.78 16.26
N GLY C 99 -54.89 -3.90 16.14
CA GLY C 99 -56.29 -3.99 16.54
C GLY C 99 -57.20 -3.67 15.37
N LYS C 100 -56.61 -3.54 14.19
CA LYS C 100 -57.38 -3.30 12.97
C LYS C 100 -56.74 -3.99 11.76
N TYR C 101 -57.52 -4.19 10.70
CA TYR C 101 -56.98 -4.69 9.43
C TYR C 101 -56.38 -3.58 8.55
N VAL C 102 -55.42 -3.95 7.71
CA VAL C 102 -54.77 -3.02 6.81
C VAL C 102 -54.83 -3.53 5.38
N GLN C 103 -54.92 -2.61 4.42
CA GLN C 103 -55.04 -2.95 3.01
C GLN C 103 -53.81 -2.58 2.20
N ILE C 104 -53.38 -3.48 1.32
CA ILE C 104 -52.24 -3.22 0.46
C ILE C 104 -52.51 -3.71 -0.95
N PRO C 105 -52.07 -2.94 -1.96
CA PRO C 105 -52.17 -3.39 -3.36
C PRO C 105 -51.37 -4.66 -3.60
N THR C 106 -51.95 -5.62 -4.31
CA THR C 106 -51.30 -6.90 -4.56
C THR C 106 -49.91 -6.74 -5.22
N THR C 107 -49.71 -5.60 -5.88
CA THR C 107 -48.41 -5.26 -6.47
C THR C 107 -47.34 -5.12 -5.39
N CYS C 108 -47.62 -4.32 -4.37
CA CYS C 108 -46.69 -4.07 -3.27
C CYS C 108 -46.55 -5.26 -2.31
N ALA C 109 -47.59 -6.08 -2.23
CA ALA C 109 -47.82 -6.94 -1.07
C ALA C 109 -46.64 -7.84 -0.79
N ASN C 110 -45.69 -7.85 -1.71
CA ASN C 110 -44.38 -8.40 -1.44
C ASN C 110 -43.85 -7.92 -0.06
N ASP C 111 -44.01 -6.62 0.19
CA ASP C 111 -43.50 -5.99 1.41
C ASP C 111 -44.57 -5.11 2.05
N PRO C 112 -45.49 -5.71 2.82
CA PRO C 112 -46.54 -4.93 3.47
C PRO C 112 -45.95 -3.93 4.47
N VAL C 113 -45.04 -4.41 5.30
CA VAL C 113 -44.45 -3.60 6.36
C VAL C 113 -43.85 -2.34 5.79
N GLY C 114 -43.06 -2.51 4.72
CA GLY C 114 -42.43 -1.40 4.04
C GLY C 114 -43.45 -0.42 3.50
N PHE C 115 -44.51 -0.95 2.92
CA PHE C 115 -45.59 -0.12 2.43
C PHE C 115 -46.07 0.84 3.52
N THR C 116 -46.46 0.28 4.67
CA THR C 116 -47.06 1.06 5.75
C THR C 116 -46.25 2.27 6.19
N LEU C 117 -44.94 2.06 6.34
CA LEU C 117 -44.04 3.14 6.68
C LEU C 117 -44.13 4.18 5.59
N ARG C 118 -43.83 3.74 4.39
CA ARG C 118 -43.66 4.57 3.21
C ARG C 118 -44.83 5.50 2.92
N ASN C 119 -46.05 5.02 3.12
CA ASN C 119 -47.25 5.71 2.66
C ASN C 119 -48.08 6.26 3.80
N THR C 120 -48.92 7.24 3.51
CA THR C 120 -49.85 7.74 4.51
C THR C 120 -51.26 7.73 4.00
N VAL C 121 -52.21 7.76 4.93
CA VAL C 121 -53.63 7.72 4.61
C VAL C 121 -54.14 9.08 4.21
N CYS C 122 -55.19 9.10 3.39
CA CYS C 122 -55.89 10.32 3.05
C CYS C 122 -56.98 10.54 4.10
N THR C 123 -57.01 11.71 4.73
CA THR C 123 -58.02 11.98 5.73
C THR C 123 -59.38 12.19 5.06
N VAL C 124 -59.35 12.52 3.77
CA VAL C 124 -60.56 12.73 2.99
C VAL C 124 -61.45 11.50 2.95
N CYS C 125 -60.97 10.45 2.29
CA CYS C 125 -61.78 9.25 2.06
C CYS C 125 -62.23 8.50 3.33
N GLY C 126 -61.31 8.04 4.17
CA GLY C 126 -59.89 8.02 3.85
C GLY C 126 -59.46 6.77 3.11
N MET C 127 -58.54 6.95 2.15
CA MET C 127 -58.01 5.84 1.37
C MET C 127 -56.54 6.11 1.11
N TRP C 128 -55.80 5.10 0.68
CA TRP C 128 -54.38 5.30 0.47
C TRP C 128 -54.13 6.40 -0.55
N LYS C 129 -53.38 7.42 -0.15
CA LYS C 129 -53.01 8.47 -1.05
C LYS C 129 -52.09 7.87 -2.11
N GLY C 130 -52.38 8.13 -3.37
CA GLY C 130 -51.57 7.61 -4.46
C GLY C 130 -51.94 6.19 -4.85
N TYR C 131 -52.61 5.48 -3.94
CA TYR C 131 -53.21 4.21 -4.30
C TYR C 131 -54.66 4.14 -3.85
N GLY C 132 -55.57 4.17 -4.82
CA GLY C 132 -56.99 4.13 -4.53
C GLY C 132 -57.65 5.44 -4.13
N CYS C 133 -56.88 6.53 -4.08
CA CYS C 133 -57.48 7.82 -3.72
C CYS C 133 -57.38 8.86 -4.81
N SER C 134 -58.53 9.25 -5.33
CA SER C 134 -58.63 10.37 -6.25
C SER C 134 -59.18 11.57 -5.48
N CYS C 135 -58.34 12.58 -5.27
CA CYS C 135 -58.70 13.72 -4.44
C CYS C 135 -57.86 14.93 -4.84
N ASP C 136 -57.89 15.95 -3.99
CA ASP C 136 -56.99 17.10 -4.12
C ASP C 136 -55.73 16.87 -3.29
N ALA D 1 -43.34 -24.76 9.09
CA ALA D 1 -43.61 -24.82 10.53
C ALA D 1 -42.31 -24.88 11.32
N GLU D 2 -41.18 -24.71 10.64
CA GLU D 2 -39.86 -24.76 11.25
C GLU D 2 -38.82 -24.02 10.41
N ASN D 3 -37.68 -23.69 11.00
CA ASN D 3 -37.50 -23.81 12.43
C ASN D 3 -37.63 -22.40 12.98
N VAL D 4 -38.70 -22.15 13.71
CA VAL D 4 -38.89 -20.85 14.32
C VAL D 4 -37.72 -20.55 15.27
N THR D 5 -37.44 -19.28 15.52
CA THR D 5 -36.41 -18.90 16.49
C THR D 5 -37.01 -18.24 17.73
N GLY D 6 -36.29 -18.36 18.84
CA GLY D 6 -36.79 -17.86 20.10
C GLY D 6 -36.67 -16.36 20.22
N LEU D 7 -36.38 -15.70 19.10
CA LEU D 7 -36.04 -14.28 19.13
C LEU D 7 -37.05 -13.43 19.89
N PHE D 8 -38.25 -13.30 19.36
CA PHE D 8 -39.26 -12.52 20.04
C PHE D 8 -40.19 -13.35 20.92
N LYS D 9 -39.78 -14.58 21.21
CA LYS D 9 -40.68 -15.57 21.78
C LYS D 9 -41.56 -15.00 22.89
N ASP D 10 -42.86 -15.27 22.78
CA ASP D 10 -43.84 -14.80 23.73
C ASP D 10 -43.75 -15.68 24.99
N CYS D 11 -43.39 -15.05 26.09
CA CYS D 11 -43.17 -15.75 27.35
C CYS D 11 -44.33 -15.73 28.34
N SER D 12 -45.46 -15.18 27.91
CA SER D 12 -46.64 -15.09 28.78
C SER D 12 -47.11 -16.50 29.06
N LYS D 13 -47.85 -16.67 30.15
CA LYS D 13 -48.59 -17.91 30.29
C LYS D 13 -50.03 -17.59 29.94
N ILE D 14 -50.40 -17.85 28.70
CA ILE D 14 -51.78 -17.74 28.27
C ILE D 14 -51.94 -18.79 27.21
N ILE D 15 -53.00 -19.58 27.30
CA ILE D 15 -53.18 -20.71 26.41
C ILE D 15 -53.72 -20.25 25.07
N THR D 16 -54.48 -19.15 25.10
CA THR D 16 -55.11 -18.56 23.93
C THR D 16 -54.25 -17.48 23.27
N GLY D 17 -54.88 -16.69 22.40
CA GLY D 17 -54.31 -15.47 21.84
C GLY D 17 -53.51 -15.73 20.59
N LEU D 18 -53.47 -14.76 19.67
CA LEU D 18 -54.25 -13.53 19.76
C LEU D 18 -55.03 -13.32 18.47
N HIS D 19 -55.99 -12.40 18.52
CA HIS D 19 -56.81 -12.02 17.37
C HIS D 19 -55.91 -11.65 16.19
N PRO D 20 -56.39 -11.82 14.95
CA PRO D 20 -55.51 -11.54 13.80
C PRO D 20 -55.05 -10.10 13.71
N THR D 21 -55.91 -9.15 14.04
CA THR D 21 -55.43 -7.80 14.33
C THR D 21 -54.79 -7.91 15.70
N GLN D 22 -53.84 -7.05 16.01
CA GLN D 22 -53.17 -7.10 17.33
C GLN D 22 -52.36 -8.38 17.63
N ALA D 23 -51.95 -9.09 16.58
CA ALA D 23 -50.97 -10.16 16.75
C ALA D 23 -49.71 -9.81 15.97
N PRO D 24 -48.58 -9.70 16.68
CA PRO D 24 -47.32 -9.33 16.06
C PRO D 24 -47.05 -10.11 14.78
N THR D 25 -47.36 -11.40 14.83
CA THR D 25 -46.88 -12.30 13.81
C THR D 25 -47.88 -13.43 13.50
N HIS D 26 -47.72 -14.05 12.35
CA HIS D 26 -48.55 -15.18 11.96
C HIS D 26 -48.60 -16.18 13.10
N LEU D 27 -47.44 -16.73 13.45
CA LEU D 27 -47.39 -17.79 14.44
C LEU D 27 -48.11 -17.41 15.72
N SER D 28 -48.10 -16.12 16.04
CA SER D 28 -48.66 -15.67 17.31
C SER D 28 -50.17 -15.75 17.37
N VAL D 29 -50.80 -15.82 16.20
CA VAL D 29 -52.25 -15.85 16.13
C VAL D 29 -52.81 -17.18 16.61
N ASP D 30 -53.94 -17.13 17.31
CA ASP D 30 -54.56 -18.35 17.85
C ASP D 30 -54.85 -19.34 16.74
N ILE D 31 -54.81 -20.62 17.06
CA ILE D 31 -55.14 -21.68 16.11
C ILE D 31 -56.53 -21.43 15.52
N LYS D 32 -57.40 -20.89 16.34
CA LYS D 32 -58.79 -20.67 15.96
C LYS D 32 -58.99 -19.83 14.68
N PHE D 33 -58.00 -19.05 14.27
CA PHE D 33 -58.13 -18.24 13.05
C PHE D 33 -57.44 -18.76 11.77
N LYS D 34 -56.74 -19.90 11.84
CA LYS D 34 -55.78 -20.28 10.78
C LYS D 34 -56.26 -21.32 9.75
N THR D 35 -56.28 -20.93 8.47
CA THR D 35 -56.64 -21.84 7.37
C THR D 35 -55.69 -21.76 6.17
N GLU D 36 -55.15 -22.91 5.78
CA GLU D 36 -54.25 -23.00 4.62
C GLU D 36 -53.22 -21.87 4.61
N GLY D 37 -52.50 -21.76 5.73
CA GLY D 37 -51.44 -20.79 5.87
C GLY D 37 -51.95 -19.36 5.83
N LEU D 38 -53.25 -19.18 6.05
CA LEU D 38 -53.87 -17.86 6.05
C LEU D 38 -54.65 -17.65 7.34
N CYS D 39 -55.21 -16.46 7.49
CA CYS D 39 -55.94 -16.11 8.70
C CYS D 39 -57.24 -15.40 8.35
N VAL D 40 -58.33 -15.77 9.03
CA VAL D 40 -59.63 -15.18 8.72
C VAL D 40 -60.20 -14.43 9.90
N ASP D 41 -60.93 -13.36 9.61
CA ASP D 41 -61.64 -12.62 10.64
C ASP D 41 -62.92 -13.37 11.01
N ILE D 42 -63.00 -13.80 12.26
CA ILE D 42 -64.23 -14.37 12.75
C ILE D 42 -64.79 -13.53 13.90
N PRO D 43 -65.88 -12.83 13.65
CA PRO D 43 -66.60 -12.18 14.75
C PRO D 43 -67.09 -13.27 15.69
N GLY D 44 -67.47 -12.94 16.91
CA GLY D 44 -68.02 -13.96 17.79
C GLY D 44 -66.93 -14.84 18.39
N ILE D 45 -65.75 -14.76 17.80
CA ILE D 45 -64.52 -15.07 18.53
C ILE D 45 -63.67 -13.78 18.46
N PRO D 46 -64.07 -12.79 19.27
CA PRO D 46 -63.66 -11.39 19.21
C PRO D 46 -62.25 -11.17 19.72
N LYS D 47 -61.67 -10.02 19.37
CA LYS D 47 -60.30 -9.72 19.78
C LYS D 47 -60.19 -9.52 21.29
N ASP D 48 -59.02 -9.86 21.83
CA ASP D 48 -58.71 -9.66 23.23
C ASP D 48 -58.84 -8.19 23.63
N MET D 49 -59.60 -7.91 24.68
CA MET D 49 -59.83 -6.53 25.12
C MET D 49 -58.54 -5.82 25.54
N THR D 50 -57.87 -6.38 26.55
CA THR D 50 -56.56 -5.92 26.99
C THR D 50 -55.71 -7.15 27.22
N TYR D 51 -54.39 -6.98 27.12
CA TYR D 51 -53.49 -8.09 27.42
C TYR D 51 -52.07 -7.60 27.72
N ARG D 52 -51.29 -8.42 28.42
CA ARG D 52 -49.86 -8.11 28.61
C ARG D 52 -49.02 -9.37 28.41
N ARG D 53 -48.11 -9.33 27.45
CA ARG D 53 -47.27 -10.49 27.17
C ARG D 53 -45.78 -10.18 27.18
N LEU D 54 -45.04 -10.90 28.02
CA LEU D 54 -43.60 -10.77 28.07
C LEU D 54 -43.01 -11.24 26.76
N ILE D 55 -42.06 -10.50 26.20
CA ILE D 55 -41.49 -10.86 24.90
C ILE D 55 -40.00 -11.11 25.04
N SER D 56 -39.58 -12.37 24.88
CA SER D 56 -38.17 -12.71 25.05
C SER D 56 -37.28 -11.82 24.20
N MET D 57 -36.16 -11.40 24.78
CA MET D 57 -35.15 -10.64 24.06
C MET D 57 -33.92 -11.43 23.61
N MET D 58 -33.93 -12.75 23.83
CA MET D 58 -32.69 -13.51 23.71
C MET D 58 -32.29 -13.89 22.27
N GLY D 59 -30.98 -13.90 22.02
CA GLY D 59 -30.43 -14.29 20.72
C GLY D 59 -30.60 -13.39 19.50
N PHE D 60 -30.05 -12.18 19.57
CA PHE D 60 -30.25 -11.18 18.52
C PHE D 60 -29.58 -11.41 17.15
N LYS D 61 -28.53 -12.22 17.10
CA LYS D 61 -28.00 -12.69 15.80
C LYS D 61 -27.92 -11.59 14.72
N MET D 62 -26.99 -10.64 14.81
CA MET D 62 -26.95 -9.61 13.76
C MET D 62 -25.73 -9.57 12.83
N ASN D 63 -25.97 -10.05 11.61
CA ASN D 63 -25.02 -10.11 10.50
C ASN D 63 -25.20 -9.01 9.47
N TYR D 64 -26.11 -8.09 9.73
CA TYR D 64 -26.61 -7.17 8.71
C TYR D 64 -25.46 -6.53 7.94
N GLN D 65 -25.52 -6.65 6.63
CA GLN D 65 -24.47 -6.16 5.76
C GLN D 65 -24.75 -4.78 5.16
N VAL D 66 -25.82 -4.14 5.64
CA VAL D 66 -26.24 -2.83 5.13
C VAL D 66 -25.14 -1.76 5.08
N ASN D 67 -25.13 -1.04 3.96
CA ASN D 67 -24.09 -0.09 3.61
C ASN D 67 -24.03 1.12 4.53
N GLY D 68 -22.83 1.55 4.87
CA GLY D 68 -22.63 2.72 5.70
C GLY D 68 -22.81 2.43 7.18
N TYR D 69 -23.19 1.19 7.49
CA TYR D 69 -23.39 0.79 8.87
C TYR D 69 -22.25 -0.10 9.31
N PRO D 70 -21.51 0.33 10.33
CA PRO D 70 -20.41 -0.47 10.88
C PRO D 70 -20.95 -1.70 11.60
N ASN D 71 -20.31 -2.84 11.38
CA ASN D 71 -20.71 -4.06 12.06
C ASN D 71 -20.11 -4.10 13.46
N MET D 72 -20.91 -4.53 14.42
CA MET D 72 -20.50 -4.51 15.82
C MET D 72 -19.37 -5.51 16.07
N PHE D 73 -19.53 -6.74 15.61
CA PHE D 73 -18.50 -7.75 15.80
C PHE D 73 -17.40 -7.63 14.75
N ILE D 74 -16.15 -7.53 15.21
CA ILE D 74 -15.02 -7.28 14.30
C ILE D 74 -14.02 -8.42 14.33
N THR D 75 -13.17 -8.46 13.32
CA THR D 75 -12.23 -9.57 13.18
C THR D 75 -11.31 -9.62 14.40
N ARG D 76 -10.74 -10.79 14.68
CA ARG D 76 -9.76 -10.91 15.75
C ARG D 76 -8.54 -10.04 15.45
N GLU D 77 -8.04 -10.17 14.23
CA GLU D 77 -6.93 -9.33 13.79
C GLU D 77 -7.22 -7.86 14.08
N GLU D 78 -8.39 -7.39 13.69
CA GLU D 78 -8.77 -5.99 13.89
C GLU D 78 -8.87 -5.66 15.38
N ALA D 79 -9.34 -6.61 16.18
CA ALA D 79 -9.44 -6.39 17.62
C ALA D 79 -8.07 -6.09 18.20
N ILE D 80 -7.04 -6.67 17.61
CA ILE D 80 -5.67 -6.44 18.06
C ILE D 80 -5.30 -4.97 17.92
N ARG D 81 -5.57 -4.38 16.75
CA ARG D 81 -5.26 -2.98 16.53
C ARG D 81 -5.92 -2.14 17.62
N HIS D 82 -7.05 -2.62 18.10
CA HIS D 82 -7.86 -1.92 19.10
C HIS D 82 -7.72 -2.31 20.57
N VAL D 83 -6.70 -3.09 20.89
CA VAL D 83 -6.53 -3.58 22.26
C VAL D 83 -6.72 -2.49 23.30
N ARG D 84 -6.34 -1.26 22.95
CA ARG D 84 -6.48 -0.16 23.88
C ARG D 84 -7.93 0.00 24.31
N ALA D 85 -8.84 -0.53 23.49
CA ALA D 85 -10.28 -0.38 23.72
C ALA D 85 -11.00 -1.53 24.47
N TRP D 86 -10.33 -2.67 24.66
CA TRP D 86 -11.03 -3.83 25.23
C TRP D 86 -11.62 -3.63 26.62
N ILE D 87 -12.84 -4.12 26.79
CA ILE D 87 -13.46 -4.20 28.11
C ILE D 87 -14.21 -5.53 28.30
N GLY D 88 -13.86 -6.26 29.37
CA GLY D 88 -14.54 -7.51 29.65
C GLY D 88 -15.97 -7.24 30.08
N PHE D 89 -16.91 -7.98 29.51
CA PHE D 89 -18.32 -7.78 29.82
C PHE D 89 -19.03 -9.12 29.94
N ASP D 90 -19.64 -9.34 31.09
CA ASP D 90 -20.41 -10.57 31.29
C ASP D 90 -21.60 -10.23 32.17
N VAL D 91 -22.78 -10.70 31.77
CA VAL D 91 -23.97 -10.42 32.55
C VAL D 91 -24.53 -11.67 33.21
N GLU D 92 -24.78 -11.56 34.50
CA GLU D 92 -25.52 -12.55 35.24
C GLU D 92 -26.95 -12.06 35.29
N GLY D 93 -27.90 -12.98 35.16
CA GLY D 93 -29.28 -12.56 35.04
C GLY D 93 -30.22 -13.52 35.72
N CYS D 94 -31.46 -13.08 35.84
CA CYS D 94 -32.48 -13.83 36.55
C CYS D 94 -33.55 -14.40 35.59
N HIS D 95 -34.53 -15.10 36.16
CA HIS D 95 -35.61 -15.64 35.35
C HIS D 95 -36.91 -14.92 35.69
N ALA D 96 -37.80 -14.78 34.71
CA ALA D 96 -39.10 -14.18 34.97
C ALA D 96 -39.95 -15.25 35.62
N THR D 97 -40.80 -14.89 36.57
CA THR D 97 -41.52 -15.93 37.30
C THR D 97 -43.05 -15.91 37.26
N ARG D 98 -43.71 -15.01 37.98
CA ARG D 98 -45.14 -15.22 38.18
C ARG D 98 -45.99 -14.97 36.93
N ASP D 99 -46.00 -13.75 36.41
CA ASP D 99 -46.80 -13.46 35.23
C ASP D 99 -46.33 -14.19 33.95
N ALA D 100 -45.07 -14.59 33.89
CA ALA D 100 -44.57 -15.28 32.69
C ALA D 100 -43.29 -16.11 32.91
N VAL D 101 -42.86 -16.78 31.85
CA VAL D 101 -41.79 -17.76 31.97
C VAL D 101 -41.04 -17.91 30.65
N GLY D 102 -39.75 -18.22 30.73
CA GLY D 102 -39.01 -18.58 29.52
C GLY D 102 -38.03 -17.59 28.93
N THR D 103 -37.72 -16.52 29.65
CA THR D 103 -36.69 -15.56 29.23
C THR D 103 -35.86 -15.06 30.41
N ASN D 104 -34.70 -14.48 30.10
CA ASN D 104 -33.81 -13.91 31.11
C ASN D 104 -33.78 -12.40 31.08
N LEU D 105 -34.03 -11.78 32.23
CA LEU D 105 -33.71 -10.37 32.40
C LEU D 105 -32.28 -10.23 32.90
N PRO D 106 -31.60 -9.11 32.58
CA PRO D 106 -30.27 -8.86 33.13
C PRO D 106 -30.33 -8.43 34.61
N LEU D 107 -29.40 -8.91 35.43
CA LEU D 107 -29.38 -8.55 36.86
C LEU D 107 -28.10 -7.83 37.29
N GLN D 108 -26.98 -8.52 37.17
CA GLN D 108 -25.70 -7.94 37.48
C GLN D 108 -24.85 -7.90 36.23
N LEU D 109 -24.40 -6.70 35.89
CA LEU D 109 -23.52 -6.48 34.74
C LEU D 109 -22.13 -6.08 35.25
N GLY D 110 -21.08 -6.62 34.65
CA GLY D 110 -19.75 -6.38 35.15
C GLY D 110 -18.65 -6.34 34.10
N PHE D 111 -17.54 -5.68 34.45
CA PHE D 111 -16.56 -5.24 33.47
C PHE D 111 -15.10 -5.45 33.91
N SER D 112 -14.16 -5.30 32.98
CA SER D 112 -12.73 -5.35 33.32
C SER D 112 -12.41 -4.34 34.42
N THR D 113 -13.13 -3.22 34.40
CA THR D 113 -13.18 -2.31 35.52
C THR D 113 -13.71 -3.10 36.71
N GLY D 114 -13.34 -2.72 37.92
CA GLY D 114 -13.81 -3.48 39.06
C GLY D 114 -15.32 -3.57 39.17
N VAL D 115 -16.03 -2.72 38.43
CA VAL D 115 -17.45 -2.47 38.69
C VAL D 115 -18.46 -3.53 38.23
N ASN D 116 -19.47 -3.73 39.08
CA ASN D 116 -20.70 -4.43 38.73
C ASN D 116 -21.87 -3.49 39.02
N LEU D 117 -22.95 -3.61 38.27
CA LEU D 117 -24.15 -2.83 38.53
C LEU D 117 -25.36 -3.75 38.61
N VAL D 118 -26.37 -3.36 39.39
CA VAL D 118 -27.58 -4.16 39.50
C VAL D 118 -28.84 -3.39 39.14
N ALA D 119 -29.65 -4.00 38.28
CA ALA D 119 -30.83 -3.34 37.75
C ALA D 119 -32.09 -3.98 38.30
N VAL D 120 -33.14 -3.16 38.46
CA VAL D 120 -34.48 -3.71 38.64
C VAL D 120 -34.69 -4.65 37.45
N PRO D 121 -35.04 -5.92 37.72
CA PRO D 121 -35.31 -6.72 36.53
C PRO D 121 -36.43 -6.05 35.73
N THR D 122 -36.16 -5.84 34.45
CA THR D 122 -37.12 -5.16 33.59
C THR D 122 -37.16 -5.83 32.22
N GLY D 123 -38.31 -5.76 31.56
CA GLY D 123 -38.45 -6.44 30.29
C GLY D 123 -39.45 -5.80 29.34
N TYR D 124 -39.62 -6.44 28.19
CA TYR D 124 -40.51 -5.93 27.18
C TYR D 124 -41.85 -6.63 27.26
N VAL D 125 -42.90 -5.84 27.46
CA VAL D 125 -44.25 -6.36 27.62
C VAL D 125 -45.24 -5.82 26.58
N ASP D 126 -45.74 -6.69 25.71
CA ASP D 126 -46.71 -6.29 24.68
C ASP D 126 -48.09 -6.07 25.26
N THR D 127 -48.83 -5.13 24.70
CA THR D 127 -50.19 -4.85 25.14
C THR D 127 -51.12 -4.58 23.95
N GLU D 128 -52.34 -4.18 24.24
CA GLU D 128 -53.32 -3.88 23.20
C GLU D 128 -52.80 -2.83 22.25
N ASN D 129 -52.12 -1.82 22.78
CA ASN D 129 -51.68 -0.69 21.97
C ASN D 129 -50.20 -0.72 21.62
N ASN D 130 -49.33 -0.60 22.61
CA ASN D 130 -47.90 -0.49 22.33
C ASN D 130 -47.16 -1.66 22.93
N THR D 131 -45.84 -1.63 22.81
CA THR D 131 -44.98 -2.37 23.74
C THR D 131 -44.79 -1.52 24.99
N GLU D 132 -44.54 -2.15 26.13
CA GLU D 132 -44.20 -1.41 27.34
C GLU D 132 -42.87 -1.92 27.85
N PHE D 133 -41.93 -1.01 28.07
CA PHE D 133 -40.67 -1.38 28.69
C PHE D 133 -40.84 -1.15 30.18
N THR D 134 -40.92 -2.22 30.94
CA THR D 134 -41.27 -2.10 32.34
C THR D 134 -40.64 -3.13 33.26
N ARG D 135 -40.91 -2.97 34.55
CA ARG D 135 -40.45 -3.90 35.57
C ARG D 135 -41.30 -5.14 35.46
N VAL D 136 -40.72 -6.29 35.77
CA VAL D 136 -41.43 -7.56 35.65
C VAL D 136 -41.05 -8.51 36.77
N ASN D 137 -42.03 -9.17 37.37
CA ASN D 137 -41.72 -10.12 38.44
C ASN D 137 -40.74 -11.18 37.95
N ALA D 138 -39.63 -11.35 38.66
CA ALA D 138 -38.63 -12.30 38.23
C ALA D 138 -37.99 -12.97 39.43
N LYS D 139 -37.08 -13.92 39.19
CA LYS D 139 -36.52 -14.75 40.25
C LYS D 139 -35.06 -15.07 39.96
N PRO D 140 -34.28 -15.36 41.01
CA PRO D 140 -32.88 -15.79 40.87
C PRO D 140 -32.80 -17.18 40.26
N PRO D 141 -31.66 -17.51 39.65
CA PRO D 141 -31.46 -18.85 39.10
C PRO D 141 -31.62 -19.88 40.21
N PRO D 142 -31.99 -21.13 39.85
CA PRO D 142 -32.51 -22.10 40.82
C PRO D 142 -31.62 -22.33 42.06
N GLY D 143 -30.32 -22.53 41.86
CA GLY D 143 -29.50 -22.94 42.99
C GLY D 143 -28.01 -22.70 42.90
N ASP D 144 -27.28 -23.26 43.88
CA ASP D 144 -25.82 -23.20 43.99
C ASP D 144 -25.21 -21.79 44.07
N GLN D 145 -24.29 -21.47 43.16
CA GLN D 145 -23.60 -20.18 43.19
C GLN D 145 -24.57 -19.04 42.88
N PHE D 146 -25.52 -19.32 41.99
CA PHE D 146 -26.53 -18.35 41.60
C PHE D 146 -27.36 -17.90 42.80
N LYS D 147 -27.36 -18.70 43.86
CA LYS D 147 -28.14 -18.39 45.07
C LYS D 147 -27.56 -17.19 45.83
N HIS D 148 -26.42 -16.69 45.37
CA HIS D 148 -25.80 -15.56 46.03
C HIS D 148 -26.25 -14.21 45.46
N LEU D 149 -27.12 -14.25 44.46
CA LEU D 149 -27.63 -13.03 43.84
C LEU D 149 -28.98 -12.63 44.42
N ILE D 150 -29.53 -13.46 45.31
CA ILE D 150 -30.88 -13.22 45.81
C ILE D 150 -31.03 -11.88 46.55
N PRO D 151 -30.02 -11.53 47.38
CA PRO D 151 -30.13 -10.28 48.14
C PRO D 151 -30.20 -9.08 47.21
N LEU D 152 -29.59 -9.22 46.03
CA LEU D 152 -29.56 -8.17 45.03
C LEU D 152 -30.98 -7.81 44.60
N MET D 153 -31.79 -8.82 44.32
CA MET D 153 -33.09 -8.58 43.72
C MET D 153 -33.87 -7.47 44.44
N TYR D 154 -33.75 -7.41 45.76
CA TYR D 154 -34.45 -6.36 46.50
C TYR D 154 -33.82 -4.96 46.35
N LYS D 155 -32.53 -4.91 46.03
CA LYS D 155 -31.87 -3.63 45.75
C LYS D 155 -31.26 -3.55 44.35
N GLY D 156 -31.83 -2.71 43.50
CA GLY D 156 -31.34 -2.56 42.14
C GLY D 156 -31.69 -1.19 41.62
N LEU D 157 -30.97 -0.74 40.61
CA LEU D 157 -31.22 0.58 40.03
C LEU D 157 -32.13 0.52 38.80
N PRO D 158 -33.03 1.51 38.68
CA PRO D 158 -33.85 1.69 37.49
C PRO D 158 -32.95 1.71 36.27
N TRP D 159 -33.39 1.11 35.17
CA TRP D 159 -32.51 0.93 34.02
C TRP D 159 -31.91 2.22 33.43
N ASN D 160 -32.72 3.27 33.34
CA ASN D 160 -32.17 4.53 32.85
C ASN D 160 -30.96 4.96 33.67
N VAL D 161 -31.00 4.73 34.98
CA VAL D 161 -29.89 5.09 35.84
C VAL D 161 -28.69 4.18 35.55
N VAL D 162 -28.98 2.97 35.10
CA VAL D 162 -27.92 2.01 34.83
C VAL D 162 -27.22 2.34 33.53
N ARG D 163 -27.96 2.87 32.57
CA ARG D 163 -27.36 3.25 31.30
C ARG D 163 -26.33 4.35 31.53
N ILE D 164 -26.75 5.41 32.21
CA ILE D 164 -25.86 6.54 32.50
C ILE D 164 -24.57 6.05 33.16
N LYS D 165 -24.73 5.19 34.17
CA LYS D 165 -23.59 4.67 34.91
C LYS D 165 -22.65 3.88 34.01
N ILE D 166 -23.21 3.21 33.01
CA ILE D 166 -22.40 2.43 32.08
C ILE D 166 -21.66 3.34 31.09
N VAL D 167 -22.32 4.41 30.67
CA VAL D 167 -21.68 5.37 29.77
C VAL D 167 -20.57 6.06 30.53
N GLN D 168 -20.92 6.59 31.69
CA GLN D 168 -19.98 7.29 32.53
C GLN D 168 -18.73 6.46 32.76
N MET D 169 -18.92 5.26 33.28
CA MET D 169 -17.80 4.35 33.52
C MET D 169 -16.99 4.15 32.26
N LEU D 170 -17.68 3.81 31.18
CA LEU D 170 -17.05 3.54 29.91
C LEU D 170 -16.25 4.75 29.44
N SER D 171 -16.74 5.93 29.77
CA SER D 171 -16.16 7.20 29.30
C SER D 171 -14.87 7.46 30.04
N ASP D 172 -14.96 7.59 31.36
CA ASP D 172 -13.78 7.83 32.17
C ASP D 172 -12.67 6.87 31.77
N THR D 173 -13.03 5.63 31.49
CA THR D 173 -12.05 4.58 31.24
C THR D 173 -11.36 4.69 29.89
N LEU D 174 -12.13 4.87 28.82
CA LEU D 174 -11.50 4.92 27.50
C LEU D 174 -11.13 6.31 26.97
N LYS D 175 -11.66 7.36 27.58
CA LYS D 175 -11.55 8.68 26.98
C LYS D 175 -10.09 8.99 26.69
N GLY D 176 -9.21 8.41 27.51
CA GLY D 176 -7.79 8.55 27.29
C GLY D 176 -7.23 7.64 26.21
N LEU D 177 -7.69 6.39 26.20
CA LEU D 177 -7.05 5.33 25.43
C LEU D 177 -7.41 5.18 23.96
N SER D 178 -8.70 5.31 23.66
CA SER D 178 -9.21 5.00 22.33
C SER D 178 -10.50 5.73 21.99
N ASP D 179 -10.86 5.70 20.71
CA ASP D 179 -12.07 6.34 20.19
C ASP D 179 -13.30 5.42 20.20
N ARG D 180 -13.12 4.16 20.61
CA ARG D 180 -14.20 3.19 20.54
C ARG D 180 -14.05 2.10 21.61
N VAL D 181 -15.15 1.43 21.97
CA VAL D 181 -15.09 0.30 22.88
C VAL D 181 -15.01 -0.97 22.06
N VAL D 182 -14.26 -1.95 22.54
CA VAL D 182 -14.43 -3.30 22.03
C VAL D 182 -14.83 -4.19 23.20
N PHE D 183 -16.07 -4.63 23.20
CA PHE D 183 -16.55 -5.49 24.28
C PHE D 183 -16.04 -6.91 24.05
N VAL D 184 -15.37 -7.46 25.05
CA VAL D 184 -14.93 -8.83 24.97
C VAL D 184 -15.84 -9.69 25.84
N LEU D 185 -16.51 -10.66 25.23
CA LEU D 185 -17.45 -11.51 25.93
C LEU D 185 -17.20 -12.99 25.63
N TRP D 186 -17.42 -13.86 26.62
CA TRP D 186 -17.21 -15.29 26.45
C TRP D 186 -18.30 -16.01 25.66
N ALA D 187 -19.55 -15.88 26.10
CA ALA D 187 -20.65 -16.37 25.29
C ALA D 187 -21.58 -15.20 25.10
N HIS D 188 -21.61 -14.67 23.89
CA HIS D 188 -22.11 -13.31 23.71
C HIS D 188 -23.61 -13.23 23.76
N GLY D 189 -24.25 -14.39 23.83
CA GLY D 189 -25.70 -14.42 23.74
C GLY D 189 -26.43 -13.58 24.75
N PHE D 190 -26.25 -13.84 26.04
CA PHE D 190 -27.05 -13.11 27.01
C PHE D 190 -26.52 -11.71 27.13
N GLU D 191 -25.21 -11.59 26.93
CA GLU D 191 -24.56 -10.29 27.00
C GLU D 191 -25.13 -9.37 25.91
N LEU D 192 -25.18 -9.88 24.67
CA LEU D 192 -25.74 -9.12 23.56
C LEU D 192 -27.18 -8.71 23.87
N THR D 193 -27.95 -9.62 24.45
CA THR D 193 -29.33 -9.33 24.80
C THR D 193 -29.36 -8.13 25.73
N SER D 194 -28.58 -8.21 26.80
CA SER D 194 -28.54 -7.13 27.77
C SER D 194 -28.16 -5.81 27.11
N MET D 195 -27.37 -5.88 26.04
CA MET D 195 -27.02 -4.69 25.25
C MET D 195 -28.23 -3.94 24.69
N LYS D 196 -29.27 -4.64 24.27
CA LYS D 196 -30.47 -3.96 23.77
C LYS D 196 -30.94 -2.92 24.78
N TYR D 197 -30.58 -3.13 26.03
CA TYR D 197 -30.95 -2.21 27.11
C TYR D 197 -30.18 -0.88 27.10
N PHE D 198 -28.85 -0.93 27.04
CA PHE D 198 -28.06 0.30 26.99
C PHE D 198 -27.45 0.79 25.66
N VAL D 199 -27.58 0.04 24.57
CA VAL D 199 -26.91 0.47 23.33
C VAL D 199 -27.85 0.65 22.14
N LYS D 200 -27.67 1.75 21.42
CA LYS D 200 -28.44 2.04 20.23
C LYS D 200 -27.48 2.03 19.03
N ILE D 201 -27.96 1.68 17.83
CA ILE D 201 -27.07 1.54 16.67
C ILE D 201 -27.49 2.40 15.47
N GLY D 202 -26.56 2.59 14.54
CA GLY D 202 -26.79 3.41 13.36
C GLY D 202 -25.51 3.56 12.55
N PRO D 203 -25.49 4.50 11.59
CA PRO D 203 -24.31 4.75 10.75
C PRO D 203 -23.27 5.56 11.50
N GLU D 204 -22.02 5.54 11.04
CA GLU D 204 -20.97 6.30 11.71
C GLU D 204 -21.33 7.78 11.69
N ARG D 205 -20.99 8.47 12.77
CA ARG D 205 -21.26 9.90 12.89
C ARG D 205 -20.20 10.54 13.76
N THR D 206 -19.83 11.78 13.49
CA THR D 206 -18.90 12.48 14.37
C THR D 206 -19.61 13.07 15.57
N CYS D 207 -18.87 13.26 16.66
CA CYS D 207 -19.37 13.97 17.84
C CYS D 207 -19.92 15.31 17.42
N CYS D 208 -21.05 15.71 17.98
CA CYS D 208 -21.64 16.99 17.58
C CYS D 208 -20.69 18.13 17.88
N LEU D 209 -20.02 18.05 19.02
CA LEU D 209 -19.09 19.09 19.47
C LEU D 209 -17.70 19.09 18.83
N CYS D 210 -17.06 17.94 18.76
CA CYS D 210 -15.71 17.84 18.20
C CYS D 210 -15.78 17.08 16.90
N ASP D 211 -14.65 16.77 16.29
CA ASP D 211 -14.69 15.78 15.23
C ASP D 211 -13.92 14.55 15.65
N LYS D 212 -14.65 13.53 16.06
CA LYS D 212 -14.08 12.27 16.48
C LYS D 212 -15.24 11.30 16.40
N ARG D 213 -14.97 10.00 16.32
CA ARG D 213 -16.08 9.05 16.26
C ARG D 213 -17.06 9.37 17.38
N ALA D 214 -18.35 9.33 17.08
CA ALA D 214 -19.35 9.57 18.12
C ALA D 214 -19.61 8.26 18.83
N THR D 215 -19.25 8.21 20.10
CA THR D 215 -19.40 7.03 20.92
C THR D 215 -20.73 6.82 21.60
N CYS D 216 -21.35 7.90 22.06
CA CYS D 216 -22.55 7.80 22.89
C CYS D 216 -23.67 8.66 22.34
N PHE D 217 -24.89 8.38 22.78
CA PHE D 217 -26.05 9.05 22.20
C PHE D 217 -27.06 9.40 23.27
N SER D 218 -27.58 10.62 23.21
CA SER D 218 -28.58 11.08 24.17
C SER D 218 -29.99 11.02 23.57
N THR D 219 -30.89 10.32 24.25
CA THR D 219 -32.29 10.39 23.89
C THR D 219 -32.76 11.71 24.41
N SER D 220 -32.20 12.08 25.56
CA SER D 220 -32.61 13.25 26.31
C SER D 220 -32.83 14.40 25.33
N SER D 221 -31.78 14.82 24.65
CA SER D 221 -31.89 15.76 23.53
C SER D 221 -31.12 15.20 22.35
N ASP D 222 -31.81 14.80 21.29
CA ASP D 222 -31.20 13.92 20.31
C ASP D 222 -29.90 14.53 19.81
N THR D 223 -28.78 13.85 20.07
CA THR D 223 -27.42 14.34 19.82
C THR D 223 -26.44 13.17 19.85
N TYR D 224 -25.26 13.33 19.27
CA TYR D 224 -24.22 12.31 19.41
C TYR D 224 -22.94 12.90 20.02
N ALA D 225 -22.24 12.10 20.85
CA ALA D 225 -21.00 12.57 21.47
C ALA D 225 -19.87 11.56 21.37
N CYS D 226 -18.69 11.96 21.81
CA CYS D 226 -17.54 11.08 21.94
C CYS D 226 -17.30 10.97 23.43
N TRP D 227 -16.26 10.27 23.84
CA TRP D 227 -16.10 10.01 25.27
C TRP D 227 -15.79 11.21 26.14
N ASN D 228 -15.25 12.27 25.55
CA ASN D 228 -14.98 13.51 26.28
C ASN D 228 -16.25 14.35 26.49
N HIS D 229 -17.18 14.25 25.54
CA HIS D 229 -18.37 15.08 25.59
C HIS D 229 -19.62 14.43 26.17
N SER D 230 -19.50 13.19 26.63
CA SER D 230 -20.70 12.43 26.97
C SER D 230 -20.94 12.50 28.45
N VAL D 231 -21.86 13.36 28.85
CA VAL D 231 -22.14 13.55 30.25
C VAL D 231 -23.64 13.60 30.39
N GLY D 232 -24.18 12.60 31.09
CA GLY D 232 -25.61 12.42 31.13
C GLY D 232 -26.09 11.78 29.83
N PHE D 233 -25.15 11.20 29.09
CA PHE D 233 -25.49 10.39 27.92
C PHE D 233 -25.85 8.97 28.35
N ASP D 234 -27.01 8.51 27.86
CA ASP D 234 -27.60 7.25 28.30
C ASP D 234 -27.39 6.06 27.37
N TYR D 235 -26.77 6.26 26.21
CA TYR D 235 -26.63 5.16 25.27
C TYR D 235 -25.27 5.06 24.62
N VAL D 236 -24.72 3.86 24.58
CA VAL D 236 -23.48 3.61 23.86
C VAL D 236 -23.82 3.48 22.39
N TYR D 237 -23.20 4.30 21.55
CA TYR D 237 -23.71 4.42 20.19
C TYR D 237 -23.25 3.29 19.29
N ASN D 238 -21.99 3.27 18.88
CA ASN D 238 -21.64 2.22 17.93
C ASN D 238 -20.59 1.27 18.48
N PRO D 239 -20.97 0.49 19.48
CA PRO D 239 -20.03 -0.37 20.20
C PRO D 239 -19.50 -1.44 19.29
N PHE D 240 -18.35 -2.01 19.65
CA PHE D 240 -17.78 -3.11 18.90
C PHE D 240 -17.64 -4.30 19.85
N MET D 241 -17.51 -5.49 19.29
CA MET D 241 -17.43 -6.68 20.12
C MET D 241 -16.59 -7.79 19.51
N ILE D 242 -16.10 -8.67 20.38
CA ILE D 242 -15.36 -9.83 19.97
C ILE D 242 -15.77 -11.00 20.89
N ASP D 243 -16.11 -12.13 20.30
CA ASP D 243 -16.44 -13.33 21.07
C ASP D 243 -15.22 -14.25 21.07
N VAL D 244 -14.61 -14.41 22.23
CA VAL D 244 -13.35 -15.15 22.31
C VAL D 244 -13.53 -16.66 22.11
N GLN D 245 -14.74 -17.16 22.35
CA GLN D 245 -15.01 -18.57 22.19
C GLN D 245 -15.13 -18.94 20.71
N GLN D 246 -15.14 -17.92 19.85
CA GLN D 246 -15.26 -18.15 18.41
C GLN D 246 -13.91 -18.31 17.74
N TRP D 247 -12.84 -18.27 18.52
CA TRP D 247 -11.52 -18.57 18.00
C TRP D 247 -11.36 -20.07 18.18
N GLY D 248 -12.35 -20.60 18.89
CA GLY D 248 -12.52 -22.01 19.16
C GLY D 248 -11.81 -22.27 20.46
N PHE D 249 -12.45 -23.02 21.34
CA PHE D 249 -11.85 -23.39 22.61
C PHE D 249 -12.50 -24.65 23.10
N THR D 250 -11.71 -25.52 23.70
CA THR D 250 -12.17 -26.81 24.16
C THR D 250 -13.24 -26.67 25.25
N GLY D 251 -12.90 -25.98 26.33
CA GLY D 251 -13.75 -25.98 27.52
C GLY D 251 -14.57 -24.73 27.77
N ASN D 252 -14.99 -24.59 29.02
CA ASN D 252 -15.56 -23.34 29.54
C ASN D 252 -14.47 -22.30 29.83
N LEU D 253 -14.84 -21.03 29.98
CA LEU D 253 -13.84 -19.99 30.19
C LEU D 253 -12.98 -20.19 31.46
N GLN D 254 -13.61 -20.44 32.61
CA GLN D 254 -12.87 -20.57 33.87
C GLN D 254 -11.71 -21.56 33.74
N SER D 255 -11.88 -22.58 32.90
CA SER D 255 -10.84 -23.59 32.70
C SER D 255 -9.77 -23.07 31.78
N ASN D 256 -10.17 -22.32 30.75
CA ASN D 256 -9.22 -21.77 29.79
C ASN D 256 -8.46 -20.54 30.29
N HIS D 257 -9.02 -19.84 31.28
CA HIS D 257 -8.25 -18.77 31.88
C HIS D 257 -7.32 -19.30 32.94
N ASP D 258 -7.85 -19.64 34.12
CA ASP D 258 -6.97 -19.89 35.26
C ASP D 258 -6.03 -21.07 35.06
N GLN D 259 -6.16 -21.70 33.89
CA GLN D 259 -5.04 -22.45 33.34
C GLN D 259 -3.79 -21.55 33.26
N HIS D 260 -3.93 -20.40 32.58
CA HIS D 260 -2.81 -19.47 32.33
C HIS D 260 -2.54 -18.45 33.43
N CYS D 261 -3.48 -18.30 34.36
CA CYS D 261 -3.40 -17.22 35.33
C CYS D 261 -3.75 -17.62 36.77
N GLN D 262 -2.82 -17.40 37.69
CA GLN D 262 -3.08 -17.69 39.10
C GLN D 262 -3.68 -16.50 39.85
N VAL D 263 -3.55 -15.31 39.27
CA VAL D 263 -3.73 -14.07 40.02
C VAL D 263 -5.17 -13.74 40.38
N HIS D 264 -6.03 -13.68 39.37
CA HIS D 264 -7.44 -13.38 39.59
C HIS D 264 -8.22 -14.67 39.37
N GLY D 265 -8.73 -15.22 40.46
CA GLY D 265 -9.58 -16.38 40.40
C GLY D 265 -11.02 -15.95 40.56
N ASN D 266 -11.94 -16.84 40.26
CA ASN D 266 -13.35 -16.48 40.34
C ASN D 266 -13.74 -16.15 41.78
N ALA D 267 -14.29 -14.96 41.98
CA ALA D 267 -14.96 -14.63 43.24
C ALA D 267 -16.43 -14.99 43.05
N HIS D 268 -16.71 -15.60 41.90
CA HIS D 268 -18.05 -16.02 41.51
C HIS D 268 -18.97 -14.81 41.28
N VAL D 269 -18.36 -13.69 40.88
CA VAL D 269 -19.10 -12.45 40.61
C VAL D 269 -18.94 -12.02 39.15
N ALA D 270 -19.89 -11.23 38.66
CA ALA D 270 -19.93 -10.83 37.25
C ALA D 270 -18.58 -10.33 36.76
N SER D 271 -18.03 -9.36 37.48
CA SER D 271 -16.80 -8.71 37.10
C SER D 271 -15.63 -9.67 37.01
N CYS D 272 -15.33 -10.39 38.09
CA CYS D 272 -14.17 -11.28 38.09
C CYS D 272 -14.33 -12.26 36.95
N ASP D 273 -15.56 -12.36 36.44
CA ASP D 273 -15.82 -13.12 35.22
C ASP D 273 -15.39 -12.31 34.01
N ALA D 274 -15.72 -11.03 34.02
CA ALA D 274 -15.37 -10.14 32.91
C ALA D 274 -13.86 -10.04 32.79
N ILE D 275 -13.22 -9.66 33.90
CA ILE D 275 -11.78 -9.55 34.00
C ILE D 275 -11.11 -10.77 33.42
N MET D 276 -11.64 -11.93 33.79
CA MET D 276 -11.08 -13.21 33.40
C MET D 276 -11.13 -13.37 31.89
N THR D 277 -12.27 -13.01 31.32
CA THR D 277 -12.47 -13.11 29.89
C THR D 277 -11.41 -12.33 29.14
N ARG D 278 -11.21 -11.07 29.52
CA ARG D 278 -10.21 -10.24 28.86
C ARG D 278 -8.81 -10.81 29.04
N CYS D 279 -8.50 -11.27 30.25
CA CYS D 279 -7.20 -11.86 30.55
C CYS D 279 -6.85 -12.91 29.50
N LEU D 280 -7.75 -13.88 29.31
CA LEU D 280 -7.54 -14.92 28.33
C LEU D 280 -7.37 -14.26 26.96
N ALA D 281 -8.25 -13.31 26.71
CA ALA D 281 -8.26 -12.63 25.42
C ALA D 281 -6.87 -12.12 25.11
N VAL D 282 -6.28 -11.43 26.08
CA VAL D 282 -5.00 -10.79 25.86
C VAL D 282 -3.85 -11.79 25.87
N HIS D 283 -4.02 -12.93 26.54
CA HIS D 283 -3.01 -13.97 26.40
C HIS D 283 -2.91 -14.48 24.98
N GLU D 284 -4.02 -14.98 24.45
CA GLU D 284 -4.00 -15.68 23.17
C GLU D 284 -3.54 -14.82 21.99
N CYS D 285 -3.71 -13.50 22.07
CA CYS D 285 -3.13 -12.61 21.07
C CYS D 285 -1.84 -11.86 21.41
N PHE D 286 -1.30 -12.06 22.60
CA PHE D 286 -0.15 -11.25 23.02
C PHE D 286 1.10 -11.96 23.55
N VAL D 287 0.94 -12.73 24.63
CA VAL D 287 2.06 -13.42 25.27
C VAL D 287 3.00 -14.18 24.32
N LYS D 288 2.45 -14.92 23.36
CA LYS D 288 3.32 -15.55 22.36
C LYS D 288 4.00 -14.42 21.61
N ARG D 289 5.13 -14.71 20.97
CA ARG D 289 6.06 -13.66 20.54
C ARG D 289 5.40 -12.46 19.82
N VAL D 290 5.73 -11.26 20.28
CA VAL D 290 5.12 -10.02 19.81
C VAL D 290 5.26 -9.77 18.31
N ASP D 291 4.26 -9.10 17.75
CA ASP D 291 4.20 -8.79 16.32
C ASP D 291 4.66 -7.38 16.03
N TRP D 292 5.67 -7.26 15.17
CA TRP D 292 6.28 -5.95 14.89
C TRP D 292 5.53 -5.10 13.87
N SER D 293 4.57 -5.69 13.16
CA SER D 293 3.87 -4.96 12.11
C SER D 293 2.65 -4.15 12.56
N VAL D 294 2.15 -4.43 13.76
CA VAL D 294 1.00 -3.69 14.28
C VAL D 294 1.49 -2.52 15.13
N GLU D 295 1.05 -1.32 14.80
CA GLU D 295 1.57 -0.11 15.43
C GLU D 295 0.48 0.70 16.09
N TYR D 296 0.69 1.07 17.35
CA TYR D 296 -0.28 1.90 18.05
C TYR D 296 0.04 3.40 17.98
N PRO D 297 -1.00 4.24 18.07
CA PRO D 297 -0.96 5.69 18.13
C PRO D 297 -0.28 6.18 19.40
N ILE D 298 0.04 7.47 19.44
CA ILE D 298 0.61 8.06 20.63
C ILE D 298 -0.48 8.63 21.52
N ILE D 299 -0.71 7.99 22.68
CA ILE D 299 -1.68 8.46 23.66
C ILE D 299 -1.13 9.53 24.62
N GLY D 300 0.17 9.46 24.88
CA GLY D 300 0.83 10.22 25.93
C GLY D 300 2.26 10.31 25.43
N ASP D 301 3.21 10.74 26.23
CA ASP D 301 4.50 10.92 25.59
C ASP D 301 5.26 9.61 25.65
N GLU D 302 5.29 8.96 24.50
CA GLU D 302 6.12 7.79 24.32
C GLU D 302 7.35 8.21 23.55
N LEU D 303 7.34 9.47 23.11
CA LEU D 303 8.43 9.98 22.33
C LEU D 303 9.61 10.28 23.23
N ARG D 304 9.37 11.02 24.29
CA ARG D 304 10.42 11.39 25.22
C ARG D 304 10.91 10.17 25.99
N VAL D 305 9.98 9.30 26.35
CA VAL D 305 10.33 8.07 27.04
C VAL D 305 11.21 7.18 26.17
N ASN D 306 10.78 6.94 24.93
CA ASN D 306 11.54 6.09 24.03
C ASN D 306 12.95 6.61 23.76
N SER D 307 13.10 7.93 23.81
CA SER D 307 14.40 8.52 23.53
C SER D 307 15.31 8.32 24.74
N ALA D 308 14.75 8.50 25.92
CA ALA D 308 15.51 8.28 27.14
C ALA D 308 15.98 6.83 27.23
N CYS D 309 15.07 5.90 26.95
CA CYS D 309 15.46 4.49 26.94
C CYS D 309 16.68 4.33 26.07
N ARG D 310 16.51 4.57 24.78
CA ARG D 310 17.57 4.40 23.80
C ARG D 310 18.83 5.18 24.18
N LYS D 311 18.66 6.27 24.92
CA LYS D 311 19.80 7.07 25.40
C LYS D 311 20.47 6.49 26.64
N VAL D 312 19.66 6.02 27.59
CA VAL D 312 20.18 5.38 28.78
C VAL D 312 20.84 4.08 28.38
N GLN D 313 20.28 3.46 27.35
CA GLN D 313 20.85 2.25 26.79
C GLN D 313 22.29 2.49 26.34
N HIS D 314 22.47 3.37 25.35
CA HIS D 314 23.78 3.58 24.75
C HIS D 314 24.80 4.08 25.76
N MET D 315 24.33 4.40 26.96
CA MET D 315 25.21 4.83 28.05
C MET D 315 25.79 3.66 28.83
N VAL D 316 24.97 2.99 29.64
CA VAL D 316 25.43 1.89 30.49
C VAL D 316 26.16 0.84 29.67
N VAL D 317 25.78 0.71 28.40
CA VAL D 317 26.34 -0.34 27.57
C VAL D 317 27.72 0.04 27.00
N LYS D 318 27.97 1.33 26.82
CA LYS D 318 29.31 1.80 26.45
C LYS D 318 30.18 1.79 27.71
N SER D 319 29.55 2.10 28.84
CA SER D 319 30.24 2.25 30.13
C SER D 319 30.87 0.98 30.67
N ALA D 320 30.08 -0.07 30.83
CA ALA D 320 30.60 -1.34 31.32
C ALA D 320 31.50 -1.95 30.26
N LEU D 321 31.24 -1.58 29.00
CA LEU D 321 32.06 -2.05 27.88
C LEU D 321 33.48 -1.49 28.02
N LEU D 322 33.59 -0.25 28.47
CA LEU D 322 34.87 0.35 28.81
C LEU D 322 35.38 0.00 30.22
N ALA D 323 34.46 -0.06 31.19
CA ALA D 323 34.82 -0.34 32.57
C ALA D 323 35.56 -1.66 32.71
N ASP D 324 34.87 -2.76 32.44
CA ASP D 324 35.45 -4.10 32.57
C ASP D 324 35.98 -4.71 31.25
N LYS D 325 36.01 -3.88 30.20
CA LYS D 325 36.68 -4.20 28.93
C LYS D 325 36.40 -5.60 28.38
N PHE D 326 35.13 -5.96 28.30
CA PHE D 326 34.68 -7.25 27.80
C PHE D 326 35.03 -7.52 26.34
N PRO D 327 35.44 -8.76 26.03
CA PRO D 327 35.88 -9.21 24.71
C PRO D 327 34.72 -9.28 23.73
N VAL D 328 33.59 -9.78 24.21
CA VAL D 328 32.44 -10.06 23.34
C VAL D 328 31.13 -9.71 24.00
N LEU D 329 30.19 -9.25 23.19
CA LEU D 329 28.91 -8.79 23.68
C LEU D 329 27.79 -9.68 23.16
N HIS D 330 27.09 -10.34 24.06
CA HIS D 330 25.97 -11.18 23.68
C HIS D 330 24.66 -10.43 23.83
N ASP D 331 24.04 -10.12 22.70
CA ASP D 331 22.77 -9.41 22.71
C ASP D 331 21.66 -10.44 22.71
N ILE D 332 20.91 -10.49 23.82
CA ILE D 332 19.88 -11.50 23.97
C ILE D 332 18.50 -10.91 23.71
N GLY D 333 17.88 -11.32 22.60
CA GLY D 333 16.66 -10.68 22.16
C GLY D 333 16.85 -9.38 21.41
N ASN D 334 17.73 -9.41 20.41
CA ASN D 334 17.86 -8.29 19.48
C ASN D 334 17.55 -8.72 18.06
N PRO D 335 16.26 -8.72 17.69
CA PRO D 335 15.81 -9.26 16.40
C PRO D 335 16.40 -8.55 15.20
N LYS D 336 16.34 -7.21 15.18
CA LYS D 336 16.92 -6.43 14.09
C LYS D 336 18.43 -6.43 14.25
N ALA D 337 19.14 -6.08 13.19
CA ALA D 337 20.60 -6.11 13.18
C ALA D 337 21.26 -5.03 14.06
N ILE D 338 20.45 -4.17 14.67
CA ILE D 338 20.94 -2.93 15.29
C ILE D 338 21.69 -3.07 16.62
N LYS D 339 22.92 -2.55 16.65
CA LYS D 339 23.72 -2.49 17.88
C LYS D 339 23.70 -1.09 18.49
N CYS D 340 23.45 -1.01 19.80
CA CYS D 340 23.30 0.29 20.46
C CYS D 340 24.60 1.06 20.66
N VAL D 341 25.72 0.36 20.69
CA VAL D 341 27.03 1.02 20.67
C VAL D 341 27.83 0.60 19.45
N PRO D 342 27.43 1.11 18.27
CA PRO D 342 27.99 0.66 16.99
C PRO D 342 29.51 0.74 17.01
N GLN D 343 30.04 1.83 17.55
CA GLN D 343 31.46 2.16 17.39
C GLN D 343 32.43 1.36 18.27
N ALA D 344 31.95 0.79 19.36
CA ALA D 344 32.81 -0.01 20.22
C ALA D 344 33.44 -1.15 19.44
N GLU D 345 34.66 -1.51 19.82
CA GLU D 345 35.46 -2.51 19.10
C GLU D 345 34.99 -3.94 19.35
N VAL D 346 34.19 -4.11 20.40
CA VAL D 346 33.83 -5.43 20.90
C VAL D 346 33.18 -6.32 19.84
N GLU D 347 33.37 -7.63 19.98
CA GLU D 347 32.72 -8.57 19.08
C GLU D 347 31.24 -8.62 19.43
N TRP D 348 30.40 -8.29 18.45
CA TRP D 348 28.97 -8.13 18.68
C TRP D 348 28.17 -9.30 18.10
N LYS D 349 27.59 -10.12 18.98
CA LYS D 349 26.73 -11.23 18.55
C LYS D 349 25.33 -11.08 19.13
N PHE D 350 24.34 -10.84 18.27
CA PHE D 350 22.96 -10.80 18.76
C PHE D 350 22.15 -12.05 18.42
N TYR D 351 21.35 -12.49 19.39
CA TYR D 351 20.43 -13.60 19.19
C TYR D 351 19.03 -13.18 19.59
N ASP D 352 18.03 -13.78 18.95
CA ASP D 352 16.66 -13.61 19.38
C ASP D 352 15.76 -14.79 19.01
N ALA D 353 14.77 -15.07 19.86
CA ALA D 353 13.81 -16.13 19.59
C ALA D 353 12.94 -15.81 18.38
N GLN D 354 13.00 -14.57 17.91
CA GLN D 354 12.17 -14.12 16.79
C GLN D 354 12.93 -13.23 15.82
N PRO D 355 13.94 -13.79 15.14
CA PRO D 355 14.69 -12.97 14.18
C PRO D 355 13.72 -12.38 13.17
N CYS D 356 13.78 -11.08 12.95
CA CYS D 356 13.02 -10.49 11.86
C CYS D 356 13.45 -11.17 10.57
N SER D 357 12.50 -11.41 9.67
CA SER D 357 12.75 -12.15 8.44
C SER D 357 14.02 -11.70 7.71
N ASP D 358 14.03 -10.48 7.20
CA ASP D 358 15.23 -9.94 6.57
C ASP D 358 16.32 -9.83 7.61
N LYS D 359 17.57 -9.95 7.16
CA LYS D 359 18.71 -9.84 8.06
C LYS D 359 18.58 -10.79 9.25
N ALA D 360 17.91 -11.93 9.05
CA ALA D 360 17.70 -12.90 10.12
C ALA D 360 18.88 -13.85 10.23
N TYR D 361 19.78 -13.79 9.26
CA TYR D 361 20.96 -14.66 9.25
C TYR D 361 21.91 -14.29 10.38
N LYS D 362 22.10 -12.99 10.59
CA LYS D 362 23.00 -12.48 11.62
C LYS D 362 22.55 -12.87 13.03
N ILE D 363 21.32 -13.36 13.13
CA ILE D 363 20.75 -13.68 14.44
C ILE D 363 20.47 -15.16 14.61
N GLU D 364 20.94 -15.70 15.73
CA GLU D 364 20.68 -17.09 16.12
C GLU D 364 19.29 -17.17 16.75
N GLU D 365 18.66 -18.35 16.65
CA GLU D 365 17.26 -18.51 17.06
C GLU D 365 17.10 -18.78 18.56
N LEU D 366 18.20 -18.66 19.29
CA LEU D 366 18.25 -19.07 20.70
C LEU D 366 17.09 -18.49 21.53
N PHE D 367 16.63 -19.28 22.49
CA PHE D 367 15.64 -18.85 23.48
C PHE D 367 16.22 -19.11 24.87
N TYR D 368 16.44 -18.05 25.64
CA TYR D 368 17.17 -18.16 26.91
C TYR D 368 16.31 -18.53 28.11
N SER D 369 16.85 -19.40 28.96
CA SER D 369 16.34 -19.60 30.31
C SER D 369 17.46 -20.11 31.21
N TYR D 370 17.33 -19.88 32.51
CA TYR D 370 18.41 -20.14 33.45
C TYR D 370 18.67 -21.63 33.66
N ALA D 371 17.60 -22.42 33.65
CA ALA D 371 17.76 -23.87 33.75
C ALA D 371 18.66 -24.37 32.62
N THR D 372 18.38 -23.87 31.42
CA THR D 372 19.10 -24.27 30.21
C THR D 372 20.51 -23.73 30.07
N HIS D 373 20.65 -22.41 30.15
CA HIS D 373 21.90 -21.75 29.77
C HIS D 373 22.87 -21.29 30.88
N HIS D 374 22.52 -21.52 32.14
CA HIS D 374 23.32 -20.99 33.24
C HIS D 374 24.82 -21.26 33.11
N ASP D 375 25.19 -22.41 32.56
CA ASP D 375 26.59 -22.70 32.30
C ASP D 375 27.03 -22.36 30.87
N LYS D 376 26.06 -22.02 30.02
CA LYS D 376 26.31 -21.92 28.57
C LYS D 376 27.18 -20.73 28.13
N PHE D 377 26.86 -19.53 28.59
CA PHE D 377 27.65 -18.35 28.20
C PHE D 377 28.62 -17.96 29.31
N THR D 378 29.90 -18.29 29.11
CA THR D 378 30.97 -17.86 30.01
C THR D 378 31.73 -16.62 29.53
N ASP D 379 31.50 -16.24 28.28
CA ASP D 379 32.38 -15.29 27.60
C ASP D 379 31.78 -13.90 27.56
N GLY D 380 32.63 -12.88 27.65
CA GLY D 380 32.21 -11.50 27.51
C GLY D 380 31.05 -11.16 28.43
N VAL D 381 30.16 -10.29 27.94
CA VAL D 381 28.95 -9.95 28.69
C VAL D 381 27.71 -10.04 27.81
N CYS D 382 26.57 -10.28 28.45
CA CYS D 382 25.31 -10.43 27.74
C CYS D 382 24.36 -9.37 28.25
N LEU D 383 23.64 -8.73 27.34
CA LEU D 383 22.65 -7.72 27.71
C LEU D 383 21.22 -8.13 27.36
N PHE D 384 20.36 -8.10 28.37
CA PHE D 384 18.95 -8.28 28.12
C PHE D 384 18.29 -6.92 28.18
N TRP D 385 17.95 -6.37 27.02
CA TRP D 385 17.26 -5.11 27.00
C TRP D 385 15.79 -5.39 26.73
N ASN D 386 14.98 -5.26 27.76
CA ASN D 386 13.56 -5.57 27.68
C ASN D 386 13.27 -6.92 27.01
N CYS D 387 14.07 -7.91 27.34
CA CYS D 387 13.77 -9.28 26.98
C CYS D 387 13.84 -10.07 28.28
N ASN D 388 12.69 -10.53 28.76
CA ASN D 388 12.62 -11.10 30.10
C ASN D 388 12.92 -12.59 30.12
N VAL D 389 13.57 -13.03 31.20
CA VAL D 389 13.92 -14.43 31.34
C VAL D 389 13.62 -14.95 32.74
N ASP D 390 13.68 -16.27 32.87
CA ASP D 390 13.42 -16.96 34.13
C ASP D 390 14.22 -16.28 35.25
N ARG D 391 15.53 -16.22 35.05
CA ARG D 391 16.45 -15.62 36.00
C ARG D 391 17.67 -15.12 35.22
N TYR D 392 18.26 -14.02 35.69
CA TYR D 392 19.37 -13.39 34.99
C TYR D 392 20.73 -13.89 35.44
N PRO D 393 21.67 -14.04 34.49
CA PRO D 393 23.06 -14.41 34.81
C PRO D 393 23.65 -13.38 35.74
N ALA D 394 24.74 -13.68 36.45
CA ALA D 394 25.44 -12.67 37.23
C ALA D 394 26.32 -11.86 36.28
N ASN D 395 26.29 -12.26 35.01
CA ASN D 395 27.03 -11.64 33.93
C ASN D 395 26.22 -10.61 33.09
N ALA D 396 24.98 -10.36 33.50
CA ALA D 396 24.04 -9.56 32.71
C ALA D 396 24.08 -8.03 32.83
N ILE D 397 23.63 -7.38 31.75
CA ILE D 397 23.24 -5.97 31.73
C ILE D 397 21.76 -5.94 31.38
N VAL D 398 20.91 -5.52 32.31
CA VAL D 398 19.49 -5.74 32.08
C VAL D 398 18.53 -4.56 32.36
N CYS D 399 17.63 -4.33 31.40
CA CYS D 399 16.53 -3.40 31.56
C CYS D 399 15.24 -4.22 31.70
N ARG D 400 14.46 -3.93 32.73
CA ARG D 400 13.22 -4.66 32.98
C ARG D 400 12.12 -3.73 33.41
N PHE D 401 10.96 -3.81 32.75
CA PHE D 401 9.83 -2.99 33.14
C PHE D 401 9.17 -3.48 34.42
N ASP D 402 8.80 -2.56 35.30
CA ASP D 402 8.12 -2.93 36.53
C ASP D 402 6.63 -2.82 36.25
N THR D 403 5.96 -3.96 36.20
CA THR D 403 4.57 -3.99 35.76
C THR D 403 3.61 -3.44 36.80
N ARG D 404 4.10 -3.26 38.02
CA ARG D 404 3.29 -2.72 39.10
C ARG D 404 2.88 -1.27 38.82
N VAL D 405 3.60 -0.61 37.92
CA VAL D 405 3.38 0.81 37.64
C VAL D 405 2.14 1.09 36.81
N LEU D 406 1.37 2.09 37.23
CA LEU D 406 0.12 2.45 36.57
C LEU D 406 0.33 3.61 35.60
N SER D 407 0.00 3.39 34.32
CA SER D 407 0.12 4.43 33.30
C SER D 407 -0.79 4.16 32.11
N ASN D 408 -1.00 5.20 31.29
CA ASN D 408 -1.83 5.09 30.11
C ASN D 408 -1.28 4.11 29.07
N LEU D 409 0.02 3.90 29.08
CA LEU D 409 0.63 2.99 28.12
C LEU D 409 0.61 1.56 28.67
N ASN D 410 0.35 1.44 29.97
CA ASN D 410 0.39 0.15 30.66
C ASN D 410 -1.01 -0.41 30.90
N LEU D 411 -1.35 -1.47 30.18
CA LEU D 411 -2.66 -2.12 30.28
C LEU D 411 -2.56 -3.48 30.97
N PRO D 412 -3.38 -3.70 32.01
CA PRO D 412 -3.29 -4.92 32.82
C PRO D 412 -3.32 -6.22 32.01
N GLY D 413 -2.32 -7.08 32.24
CA GLY D 413 -2.16 -8.36 31.58
C GLY D 413 -2.51 -9.63 32.35
N CYS D 414 -1.74 -10.68 32.08
CA CYS D 414 -1.76 -11.91 32.87
C CYS D 414 -0.34 -12.43 33.14
N ASP D 415 -0.19 -13.26 34.18
CA ASP D 415 -1.23 -13.38 35.19
C ASP D 415 -1.11 -12.19 36.14
N GLY D 416 0.10 -11.95 36.61
CA GLY D 416 0.40 -10.76 37.37
C GLY D 416 1.12 -9.78 36.46
N GLY D 417 1.31 -10.20 35.21
CA GLY D 417 2.01 -9.43 34.20
C GLY D 417 1.20 -8.25 33.70
N SER D 418 1.73 -7.60 32.67
CA SER D 418 1.11 -6.39 32.16
C SER D 418 1.40 -6.20 30.67
N LEU D 419 0.41 -5.65 29.98
CA LEU D 419 0.58 -5.28 28.57
C LEU D 419 0.98 -3.82 28.44
N TYR D 420 2.23 -3.59 28.02
CA TYR D 420 2.73 -2.24 27.89
C TYR D 420 2.62 -1.94 26.41
N VAL D 421 1.67 -1.08 26.06
CA VAL D 421 1.53 -0.61 24.69
C VAL D 421 2.11 0.78 24.63
N ASN D 422 3.20 0.93 23.90
CA ASN D 422 3.84 2.22 23.75
C ASN D 422 3.88 2.50 22.27
N LYS D 423 4.77 1.78 21.62
CA LYS D 423 4.64 1.48 20.22
C LYS D 423 4.53 -0.02 20.34
N HIS D 424 3.99 -0.72 19.35
CA HIS D 424 4.16 -2.17 19.33
C HIS D 424 3.90 -2.85 20.69
N ALA D 425 2.66 -3.01 21.11
CA ALA D 425 2.41 -3.49 22.46
C ALA D 425 3.25 -4.72 22.83
N PHE D 426 3.82 -4.69 24.04
CA PHE D 426 4.75 -5.71 24.54
C PHE D 426 4.23 -6.31 25.83
N HIS D 427 3.84 -7.57 25.82
CA HIS D 427 3.45 -8.17 27.08
C HIS D 427 4.69 -8.45 27.91
N THR D 428 4.67 -8.01 29.16
CA THR D 428 5.78 -8.30 30.06
C THR D 428 5.31 -9.14 31.23
N PRO D 429 6.20 -10.02 31.73
CA PRO D 429 5.95 -10.84 32.91
C PRO D 429 5.97 -9.99 34.17
N ALA D 430 5.35 -10.48 35.25
CA ALA D 430 5.27 -9.75 36.50
C ALA D 430 6.63 -9.60 37.16
N PHE D 431 6.74 -8.68 38.10
CA PHE D 431 8.03 -8.44 38.73
C PHE D 431 8.39 -9.59 39.66
N ASP D 432 9.55 -10.20 39.40
CA ASP D 432 10.09 -11.23 40.28
C ASP D 432 11.47 -10.80 40.80
N LYS D 433 11.56 -10.47 42.08
CA LYS D 433 12.82 -10.08 42.69
C LYS D 433 13.83 -11.21 42.47
N SER D 434 13.31 -12.44 42.51
CA SER D 434 14.10 -13.67 42.44
C SER D 434 14.82 -13.91 41.10
N ALA D 435 14.51 -13.12 40.08
CA ALA D 435 15.19 -13.27 38.80
C ALA D 435 16.41 -12.39 38.78
N PHE D 436 16.47 -11.48 39.75
CA PHE D 436 17.61 -10.59 39.88
C PHE D 436 18.62 -11.00 40.97
N THR D 437 18.35 -12.09 41.68
CA THR D 437 19.12 -12.43 42.88
C THR D 437 20.64 -12.51 42.70
N ASN D 438 21.11 -12.97 41.54
CA ASN D 438 22.54 -13.10 41.32
C ASN D 438 23.25 -11.87 40.72
N LEU D 439 22.52 -10.77 40.57
CA LEU D 439 23.17 -9.52 40.20
C LEU D 439 22.67 -8.28 40.94
N LYS D 440 23.16 -7.12 40.53
CA LYS D 440 23.13 -5.90 41.34
C LYS D 440 22.31 -4.79 40.70
N GLN D 441 21.57 -4.03 41.52
CA GLN D 441 20.81 -2.91 40.99
C GLN D 441 21.68 -1.67 40.78
N LEU D 442 21.75 -1.21 39.53
CA LEU D 442 22.68 -0.15 39.13
C LEU D 442 22.22 1.23 39.61
N PRO D 443 23.09 1.93 40.37
CA PRO D 443 22.89 3.29 40.88
C PRO D 443 23.21 4.30 39.80
N PHE D 444 22.66 5.51 39.90
CA PHE D 444 22.86 6.50 38.85
C PHE D 444 24.31 6.93 38.67
N PHE D 445 24.70 7.11 37.42
CA PHE D 445 25.96 7.77 37.08
C PHE D 445 25.93 8.32 35.65
N TYR D 446 26.85 9.23 35.34
CA TYR D 446 27.04 9.69 33.97
C TYR D 446 28.53 9.65 33.63
N TYR D 447 28.87 9.01 32.52
CA TYR D 447 30.26 8.96 32.07
C TYR D 447 30.41 9.50 30.65
N SER D 448 31.41 10.34 30.43
CA SER D 448 31.67 10.88 29.09
C SER D 448 33.16 10.96 28.75
N ASP D 449 33.49 10.54 27.54
CA ASP D 449 34.85 10.64 27.00
C ASP D 449 35.00 11.87 26.10
N SER D 450 33.91 12.60 25.91
CA SER D 450 33.92 13.73 24.98
C SER D 450 34.87 14.82 25.47
N PRO D 451 35.61 15.43 24.54
CA PRO D 451 36.51 16.52 24.92
C PRO D 451 35.70 17.59 25.65
N CYS D 452 36.16 18.03 26.82
CA CYS D 452 35.40 19.07 27.49
C CYS D 452 35.61 20.41 26.78
N GLU D 453 34.72 21.36 27.02
CA GLU D 453 34.84 22.68 26.42
C GLU D 453 35.67 23.64 27.29
N TYR D 465 24.00 27.36 39.68
CA TYR D 465 23.87 27.88 38.32
C TYR D 465 24.50 26.92 37.33
N VAL D 466 25.34 27.45 36.44
CA VAL D 466 26.16 26.63 35.56
C VAL D 466 27.11 25.68 36.32
N PRO D 467 27.59 26.08 37.52
CA PRO D 467 28.35 25.13 38.32
C PRO D 467 27.48 24.00 38.84
N LEU D 468 27.97 22.78 38.73
CA LEU D 468 27.26 21.61 39.23
C LEU D 468 28.23 20.72 40.02
N LYS D 469 27.98 20.56 41.32
CA LYS D 469 28.82 19.67 42.10
C LYS D 469 28.13 18.33 42.19
N SER D 470 28.71 17.33 41.53
CA SER D 470 28.19 15.96 41.57
C SER D 470 29.31 14.95 41.64
N ALA D 471 29.18 14.02 42.58
CA ALA D 471 30.15 12.96 42.73
C ALA D 471 29.92 11.94 41.63
N THR D 472 28.76 12.02 40.99
CA THR D 472 28.36 11.00 40.05
C THR D 472 28.66 11.35 38.58
N CYS D 473 29.18 12.55 38.34
CA CYS D 473 29.50 12.94 36.97
C CYS D 473 30.93 12.62 36.60
N ILE D 474 31.10 11.62 35.75
CA ILE D 474 32.43 11.09 35.50
C ILE D 474 32.97 11.62 34.20
N THR D 475 34.06 12.38 34.29
CA THR D 475 34.61 13.06 33.14
C THR D 475 35.92 13.69 33.55
N ARG D 476 36.78 13.95 32.58
CA ARG D 476 38.19 14.28 32.85
C ARG D 476 38.23 15.40 33.86
N CYS D 477 37.23 16.26 33.73
CA CYS D 477 37.26 17.60 34.27
C CYS D 477 36.68 17.67 35.67
N ASN D 478 36.40 16.52 36.27
CA ASN D 478 35.78 16.54 37.59
C ASN D 478 36.80 16.28 38.68
N LEU D 479 37.17 17.35 39.38
CA LEU D 479 38.19 17.32 40.43
C LEU D 479 37.55 17.22 41.80
N GLY D 480 36.23 17.06 41.80
CA GLY D 480 35.45 16.81 43.00
C GLY D 480 34.76 18.06 43.53
N GLY D 481 35.32 19.22 43.23
CA GLY D 481 34.62 20.46 43.53
C GLY D 481 33.46 20.82 42.62
N ALA D 482 33.74 21.02 41.33
CA ALA D 482 32.78 21.67 40.44
C ALA D 482 33.07 21.30 38.99
N VAL D 483 32.07 21.46 38.13
CA VAL D 483 32.07 20.71 36.89
C VAL D 483 32.11 21.52 35.58
N CYS D 484 32.51 20.84 34.52
CA CYS D 484 33.14 21.47 33.38
C CYS D 484 32.25 21.73 32.19
N ARG D 485 31.79 22.97 32.04
CA ARG D 485 31.22 23.49 30.78
C ARG D 485 30.23 22.59 30.03
N HIS D 486 30.67 22.17 28.85
CA HIS D 486 30.01 21.20 27.99
C HIS D 486 29.43 20.01 28.76
N HIS D 487 30.30 19.19 29.35
CA HIS D 487 29.87 18.03 30.15
C HIS D 487 28.82 18.40 31.20
N ALA D 488 29.05 19.49 31.92
CA ALA D 488 28.11 19.96 32.93
C ALA D 488 26.72 20.14 32.32
N ASN D 489 26.69 20.34 31.01
CA ASN D 489 25.43 20.44 30.29
C ASN D 489 24.85 19.05 30.05
N GLU D 490 25.57 18.26 29.27
CA GLU D 490 25.17 16.89 28.99
C GLU D 490 24.77 16.10 30.22
N TYR D 491 25.55 16.20 31.29
CA TYR D 491 25.18 15.53 32.53
C TYR D 491 23.73 15.85 32.87
N ARG D 492 23.43 17.15 32.87
CA ARG D 492 22.10 17.63 33.26
C ARG D 492 20.99 17.06 32.36
N GLN D 493 21.28 16.95 31.07
CA GLN D 493 20.35 16.38 30.13
C GLN D 493 20.13 14.90 30.43
N TYR D 494 21.23 14.17 30.54
CA TYR D 494 21.14 12.75 30.81
C TYR D 494 20.29 12.50 32.06
N LEU D 495 20.58 13.22 33.14
CA LEU D 495 19.86 13.00 34.39
C LEU D 495 18.35 13.12 34.22
N ASP D 496 17.92 14.00 33.32
CA ASP D 496 16.50 14.18 33.06
C ASP D 496 15.99 12.97 32.29
N ALA D 497 16.78 12.53 31.32
CA ALA D 497 16.44 11.35 30.55
C ALA D 497 16.34 10.14 31.47
N TYR D 498 17.32 9.98 32.35
CA TYR D 498 17.36 8.86 33.28
C TYR D 498 16.24 8.92 34.30
N ASN D 499 15.79 10.12 34.65
CA ASN D 499 14.67 10.25 35.58
C ASN D 499 13.32 10.04 34.91
N MET D 500 13.30 10.29 33.60
CA MET D 500 12.14 10.00 32.78
C MET D 500 11.94 8.49 32.74
N MET D 501 12.97 7.79 32.29
CA MET D 501 12.91 6.34 32.15
C MET D 501 12.64 5.66 33.48
N ILE D 502 13.26 6.14 34.54
CA ILE D 502 13.00 5.56 35.84
C ILE D 502 11.54 5.77 36.21
N SER D 503 11.10 7.03 36.15
CA SER D 503 9.74 7.38 36.49
C SER D 503 8.74 6.67 35.56
N ALA D 504 9.18 6.41 34.34
CA ALA D 504 8.37 5.64 33.39
C ALA D 504 8.14 4.22 33.88
N GLY D 505 8.87 3.82 34.92
CA GLY D 505 8.65 2.53 35.55
C GLY D 505 9.56 1.41 35.09
N PHE D 506 10.67 1.76 34.44
CA PHE D 506 11.71 0.80 34.14
C PHE D 506 12.71 0.76 35.28
N SER D 507 13.23 -0.42 35.55
CA SER D 507 14.32 -0.58 36.51
C SER D 507 15.48 -1.22 35.75
N LEU D 508 16.71 -0.89 36.14
CA LEU D 508 17.85 -1.58 35.55
C LEU D 508 18.83 -2.22 36.54
N TRP D 509 19.43 -3.33 36.10
CA TRP D 509 20.28 -4.15 36.94
C TRP D 509 21.55 -4.57 36.21
N ILE D 510 22.64 -4.69 36.96
CA ILE D 510 23.96 -4.89 36.38
C ILE D 510 24.74 -5.90 37.24
N TYR D 511 25.82 -6.45 36.69
CA TYR D 511 26.63 -7.40 37.43
C TYR D 511 27.32 -6.82 38.68
N LYS D 512 27.59 -7.70 39.65
CA LYS D 512 28.08 -7.27 40.96
C LYS D 512 29.48 -6.64 40.91
N GLN D 513 30.25 -6.97 39.88
CA GLN D 513 31.66 -6.56 39.80
C GLN D 513 31.87 -5.20 39.10
N PHE D 514 30.77 -4.53 38.75
CA PHE D 514 30.84 -3.23 38.10
C PHE D 514 31.04 -2.14 39.12
N ASP D 515 32.14 -1.40 39.00
CA ASP D 515 32.43 -0.29 39.91
C ASP D 515 32.54 1.03 39.15
N THR D 516 31.96 2.09 39.72
CA THR D 516 31.98 3.42 39.11
C THR D 516 33.42 3.91 38.95
N TYR D 517 34.25 3.48 39.89
CA TYR D 517 35.65 3.86 39.96
C TYR D 517 36.45 3.24 38.82
N ASN D 518 36.06 2.05 38.40
CA ASN D 518 36.68 1.43 37.24
C ASN D 518 36.64 2.36 36.05
N LEU D 519 35.56 3.14 35.95
CA LEU D 519 35.38 4.03 34.82
C LEU D 519 36.34 5.21 34.91
N TRP D 520 36.47 5.74 36.12
CA TRP D 520 37.34 6.88 36.40
C TRP D 520 38.72 6.74 35.80
N ASN D 521 39.32 5.59 36.05
CA ASN D 521 40.71 5.34 35.71
C ASN D 521 41.01 5.68 34.25
N THR D 522 39.98 5.69 33.41
CA THR D 522 40.14 5.93 31.99
C THR D 522 40.99 7.17 31.70
N PHE D 523 40.76 8.25 32.44
CA PHE D 523 41.54 9.48 32.25
C PHE D 523 42.90 9.46 32.98
N THR D 524 42.92 8.81 34.13
CA THR D 524 44.17 8.61 34.87
C THR D 524 44.90 7.40 34.32
N ARG D 525 44.31 6.77 33.31
CA ARG D 525 44.88 5.60 32.63
C ARG D 525 45.88 6.00 31.54
#